data_3CAM
# 
_entry.id   3CAM 
# 
_audit_conform.dict_name       mmcif_pdbx.dic 
_audit_conform.dict_version    5.399 
_audit_conform.dict_location   http://mmcif.pdb.org/dictionaries/ascii/mmcif_pdbx.dic 
# 
loop_
_database_2.database_id 
_database_2.database_code 
_database_2.pdbx_database_accession 
_database_2.pdbx_DOI 
PDB   3CAM         pdb_00003cam 10.2210/pdb3cam/pdb 
RCSB  RCSB046547   ?            ?                   
WWPDB D_1000046547 ?            ?                   
# 
loop_
_pdbx_audit_revision_history.ordinal 
_pdbx_audit_revision_history.data_content_type 
_pdbx_audit_revision_history.major_revision 
_pdbx_audit_revision_history.minor_revision 
_pdbx_audit_revision_history.revision_date 
1 'Structure model' 1 0 2008-03-25 
2 'Structure model' 1 1 2011-07-13 
3 'Structure model' 1 2 2017-10-25 
4 'Structure model' 1 3 2024-11-20 
# 
_pdbx_audit_revision_details.ordinal             1 
_pdbx_audit_revision_details.revision_ordinal    1 
_pdbx_audit_revision_details.data_content_type   'Structure model' 
_pdbx_audit_revision_details.provider            repository 
_pdbx_audit_revision_details.type                'Initial release' 
_pdbx_audit_revision_details.description         ? 
_pdbx_audit_revision_details.details             ? 
# 
loop_
_pdbx_audit_revision_group.ordinal 
_pdbx_audit_revision_group.revision_ordinal 
_pdbx_audit_revision_group.data_content_type 
_pdbx_audit_revision_group.group 
1 2 'Structure model' Advisory                    
2 2 'Structure model' 'Version format compliance' 
3 3 'Structure model' 'Refinement description'    
4 4 'Structure model' 'Data collection'           
5 4 'Structure model' 'Database references'       
6 4 'Structure model' 'Derived calculations'      
7 4 'Structure model' 'Refinement description'    
8 4 'Structure model' 'Structure summary'         
# 
loop_
_pdbx_audit_revision_category.ordinal 
_pdbx_audit_revision_category.revision_ordinal 
_pdbx_audit_revision_category.data_content_type 
_pdbx_audit_revision_category.category 
1 3 'Structure model' software                  
2 4 'Structure model' chem_comp_atom            
3 4 'Structure model' chem_comp_bond            
4 4 'Structure model' database_2                
5 4 'Structure model' pdbx_entry_details        
6 4 'Structure model' pdbx_modification_feature 
7 4 'Structure model' struct_conn               
8 4 'Structure model' struct_ncs_dom_lim        
# 
loop_
_pdbx_audit_revision_item.ordinal 
_pdbx_audit_revision_item.revision_ordinal 
_pdbx_audit_revision_item.data_content_type 
_pdbx_audit_revision_item.item 
1 4 'Structure model' '_database_2.pdbx_DOI'                 
2 4 'Structure model' '_database_2.pdbx_database_accession'  
3 4 'Structure model' '_struct_conn.pdbx_leaving_atom_flag'  
4 4 'Structure model' '_struct_ncs_dom_lim.beg_auth_comp_id' 
5 4 'Structure model' '_struct_ncs_dom_lim.end_auth_comp_id' 
# 
_pdbx_database_status.status_code                     REL 
_pdbx_database_status.entry_id                        3CAM 
_pdbx_database_status.recvd_initial_deposition_date   2008-02-20 
_pdbx_database_status.deposit_site                    RCSB 
_pdbx_database_status.process_site                    RCSB 
_pdbx_database_status.status_code_sf                  REL 
_pdbx_database_status.status_code_mr                  ? 
_pdbx_database_status.SG_entry                        Y 
_pdbx_database_status.pdb_format_compatible           Y 
_pdbx_database_status.status_code_cs                  ? 
_pdbx_database_status.methods_development_category    ? 
_pdbx_database_status.status_code_nmr_data            ? 
# 
_pdbx_database_related.db_name        TargetDB 
_pdbx_database_related.db_id          OPTIC270 
_pdbx_database_related.details        . 
_pdbx_database_related.content_type   unspecified 
# 
loop_
_audit_author.name 
_audit_author.pdbx_ordinal 
'Ren, J.'                                   1 
'Sainsbury, S.'                             2 
'Owens, R.J.'                               3 
'Oxford Protein Production Facility (OPPF)' 4 
# 
_citation.id                        primary 
_citation.title                     
'Structure of the cold-shock domain protein from Neisseria meningitidis reveals a strand-exchanged dimer.' 
_citation.journal_abbrev            'Acta Crystallogr.,Sect.F' 
_citation.journal_volume            64 
_citation.page_first                247 
_citation.page_last                 251 
_citation.year                      2008 
_citation.journal_id_ASTM           ? 
_citation.country                   DK 
_citation.journal_id_ISSN           1744-3091 
_citation.journal_id_CSD            ? 
_citation.book_publisher            ? 
_citation.pdbx_database_id_PubMed   18391418 
_citation.pdbx_database_id_DOI      10.1107/S1744309108005411 
# 
loop_
_citation_author.citation_id 
_citation_author.name 
_citation_author.ordinal 
_citation_author.identifier_ORCID 
primary 'Ren, J.'          1 ? 
primary 'Nettleship, J.E.' 2 ? 
primary 'Sainsbury, S.'    3 ? 
primary 'Saunders, N.J.'   4 ? 
primary 'Owens, R.J.'      5 ? 
# 
loop_
_entity.id 
_entity.type 
_entity.src_method 
_entity.pdbx_description 
_entity.formula_weight 
_entity.pdbx_number_of_molecules 
_entity.pdbx_ec 
_entity.pdbx_mutation 
_entity.pdbx_fragment 
_entity.details 
1 polymer man 'Cold-shock domain family protein' 7296.873 2  ? ? ? ? 
2 water   nat water                              18.015   16 ? ? ? ? 
# 
_entity_poly.entity_id                      1 
_entity_poly.type                           'polypeptide(L)' 
_entity_poly.nstd_linkage                   no 
_entity_poly.nstd_monomer                   yes 
_entity_poly.pdbx_seq_one_letter_code       '(MSE)ATGIVKWFNDAKGFGFITPDEGGEDLFAHFSAIN(MSE)EGFKTLKEGQRVSFDVTTGPKGKQAANIQAA' 
_entity_poly.pdbx_seq_one_letter_code_can   MATGIVKWFNDAKGFGFITPDEGGEDLFAHFSAINMEGFKTLKEGQRVSFDVTTGPKGKQAANIQAA 
_entity_poly.pdbx_strand_id                 A,B 
_entity_poly.pdbx_target_identifier         OPTIC270 
# 
_pdbx_entity_nonpoly.entity_id   2 
_pdbx_entity_nonpoly.name        water 
_pdbx_entity_nonpoly.comp_id     HOH 
# 
loop_
_entity_poly_seq.entity_id 
_entity_poly_seq.num 
_entity_poly_seq.mon_id 
_entity_poly_seq.hetero 
1 1  MSE n 
1 2  ALA n 
1 3  THR n 
1 4  GLY n 
1 5  ILE n 
1 6  VAL n 
1 7  LYS n 
1 8  TRP n 
1 9  PHE n 
1 10 ASN n 
1 11 ASP n 
1 12 ALA n 
1 13 LYS n 
1 14 GLY n 
1 15 PHE n 
1 16 GLY n 
1 17 PHE n 
1 18 ILE n 
1 19 THR n 
1 20 PRO n 
1 21 ASP n 
1 22 GLU n 
1 23 GLY n 
1 24 GLY n 
1 25 GLU n 
1 26 ASP n 
1 27 LEU n 
1 28 PHE n 
1 29 ALA n 
1 30 HIS n 
1 31 PHE n 
1 32 SER n 
1 33 ALA n 
1 34 ILE n 
1 35 ASN n 
1 36 MSE n 
1 37 GLU n 
1 38 GLY n 
1 39 PHE n 
1 40 LYS n 
1 41 THR n 
1 42 LEU n 
1 43 LYS n 
1 44 GLU n 
1 45 GLY n 
1 46 GLN n 
1 47 ARG n 
1 48 VAL n 
1 49 SER n 
1 50 PHE n 
1 51 ASP n 
1 52 VAL n 
1 53 THR n 
1 54 THR n 
1 55 GLY n 
1 56 PRO n 
1 57 LYS n 
1 58 GLY n 
1 59 LYS n 
1 60 GLN n 
1 61 ALA n 
1 62 ALA n 
1 63 ASN n 
1 64 ILE n 
1 65 GLN n 
1 66 ALA n 
1 67 ALA n 
# 
_entity_src_gen.entity_id                          1 
_entity_src_gen.pdbx_src_id                        1 
_entity_src_gen.pdbx_alt_source_flag               sample 
_entity_src_gen.pdbx_seq_type                      ? 
_entity_src_gen.pdbx_beg_seq_num                   ? 
_entity_src_gen.pdbx_end_seq_num                   ? 
_entity_src_gen.gene_src_common_name               ? 
_entity_src_gen.gene_src_genus                     Neisseria 
_entity_src_gen.pdbx_gene_src_gene                 NMB0838 
_entity_src_gen.gene_src_species                   'Neisseria meningitidis' 
_entity_src_gen.gene_src_strain                    'MC58 / Serogroup B' 
_entity_src_gen.gene_src_tissue                    ? 
_entity_src_gen.gene_src_tissue_fraction           ? 
_entity_src_gen.gene_src_details                   ? 
_entity_src_gen.pdbx_gene_src_fragment             ? 
_entity_src_gen.pdbx_gene_src_scientific_name      'Neisseria meningitidis MC58' 
_entity_src_gen.pdbx_gene_src_ncbi_taxonomy_id     122586 
_entity_src_gen.pdbx_gene_src_variant              ? 
_entity_src_gen.pdbx_gene_src_cell_line            ? 
_entity_src_gen.pdbx_gene_src_atcc                 ? 
_entity_src_gen.pdbx_gene_src_organ                ? 
_entity_src_gen.pdbx_gene_src_organelle            ? 
_entity_src_gen.pdbx_gene_src_cell                 ? 
_entity_src_gen.pdbx_gene_src_cellular_location    ? 
_entity_src_gen.host_org_common_name               ? 
_entity_src_gen.pdbx_host_org_scientific_name      'Escherichia coli' 
_entity_src_gen.pdbx_host_org_ncbi_taxonomy_id     562 
_entity_src_gen.host_org_genus                     Escherichia 
_entity_src_gen.pdbx_host_org_gene                 ? 
_entity_src_gen.pdbx_host_org_organ                ? 
_entity_src_gen.host_org_species                   ? 
_entity_src_gen.pdbx_host_org_tissue               ? 
_entity_src_gen.pdbx_host_org_tissue_fraction      ? 
_entity_src_gen.pdbx_host_org_strain               'B834(DE3)' 
_entity_src_gen.pdbx_host_org_variant              ? 
_entity_src_gen.pdbx_host_org_cell_line            ? 
_entity_src_gen.pdbx_host_org_atcc                 ? 
_entity_src_gen.pdbx_host_org_culture_collection   ? 
_entity_src_gen.pdbx_host_org_cell                 ? 
_entity_src_gen.pdbx_host_org_organelle            ? 
_entity_src_gen.pdbx_host_org_cellular_location    ? 
_entity_src_gen.pdbx_host_org_vector_type          Plasmid 
_entity_src_gen.pdbx_host_org_vector               ? 
_entity_src_gen.host_org_details                   ? 
_entity_src_gen.expression_system_id               ? 
_entity_src_gen.plasmid_name                       OPPF1347 
_entity_src_gen.plasmid_details                    ? 
_entity_src_gen.pdbx_description                   ? 
# 
loop_
_chem_comp.id 
_chem_comp.type 
_chem_comp.mon_nstd_flag 
_chem_comp.name 
_chem_comp.pdbx_synonyms 
_chem_comp.formula 
_chem_comp.formula_weight 
ALA 'L-peptide linking' y ALANINE          ? 'C3 H7 N O2'     89.093  
ARG 'L-peptide linking' y ARGININE         ? 'C6 H15 N4 O2 1' 175.209 
ASN 'L-peptide linking' y ASPARAGINE       ? 'C4 H8 N2 O3'    132.118 
ASP 'L-peptide linking' y 'ASPARTIC ACID'  ? 'C4 H7 N O4'     133.103 
GLN 'L-peptide linking' y GLUTAMINE        ? 'C5 H10 N2 O3'   146.144 
GLU 'L-peptide linking' y 'GLUTAMIC ACID'  ? 'C5 H9 N O4'     147.129 
GLY 'peptide linking'   y GLYCINE          ? 'C2 H5 N O2'     75.067  
HIS 'L-peptide linking' y HISTIDINE        ? 'C6 H10 N3 O2 1' 156.162 
HOH non-polymer         . WATER            ? 'H2 O'           18.015  
ILE 'L-peptide linking' y ISOLEUCINE       ? 'C6 H13 N O2'    131.173 
LEU 'L-peptide linking' y LEUCINE          ? 'C6 H13 N O2'    131.173 
LYS 'L-peptide linking' y LYSINE           ? 'C6 H15 N2 O2 1' 147.195 
MSE 'L-peptide linking' n SELENOMETHIONINE ? 'C5 H11 N O2 Se' 196.106 
PHE 'L-peptide linking' y PHENYLALANINE    ? 'C9 H11 N O2'    165.189 
PRO 'L-peptide linking' y PROLINE          ? 'C5 H9 N O2'     115.130 
SER 'L-peptide linking' y SERINE           ? 'C3 H7 N O3'     105.093 
THR 'L-peptide linking' y THREONINE        ? 'C4 H9 N O3'     119.119 
TRP 'L-peptide linking' y TRYPTOPHAN       ? 'C11 H12 N2 O2'  204.225 
VAL 'L-peptide linking' y VALINE           ? 'C5 H11 N O2'    117.146 
# 
loop_
_pdbx_poly_seq_scheme.asym_id 
_pdbx_poly_seq_scheme.entity_id 
_pdbx_poly_seq_scheme.seq_id 
_pdbx_poly_seq_scheme.mon_id 
_pdbx_poly_seq_scheme.ndb_seq_num 
_pdbx_poly_seq_scheme.pdb_seq_num 
_pdbx_poly_seq_scheme.auth_seq_num 
_pdbx_poly_seq_scheme.pdb_mon_id 
_pdbx_poly_seq_scheme.auth_mon_id 
_pdbx_poly_seq_scheme.pdb_strand_id 
_pdbx_poly_seq_scheme.pdb_ins_code 
_pdbx_poly_seq_scheme.hetero 
A 1 1  MSE 1  1  1  MSE MSE A . n 
A 1 2  ALA 2  2  2  ALA ALA A . n 
A 1 3  THR 3  3  3  THR THR A . n 
A 1 4  GLY 4  4  4  GLY GLY A . n 
A 1 5  ILE 5  5  5  ILE ILE A . n 
A 1 6  VAL 6  6  6  VAL VAL A . n 
A 1 7  LYS 7  7  7  LYS LYS A . n 
A 1 8  TRP 8  8  8  TRP TRP A . n 
A 1 9  PHE 9  9  9  PHE PHE A . n 
A 1 10 ASN 10 10 10 ASN ASN A . n 
A 1 11 ASP 11 11 11 ASP ASP A . n 
A 1 12 ALA 12 12 12 ALA ALA A . n 
A 1 13 LYS 13 13 13 LYS LYS A . n 
A 1 14 GLY 14 14 14 GLY GLY A . n 
A 1 15 PHE 15 15 15 PHE PHE A . n 
A 1 16 GLY 16 16 16 GLY GLY A . n 
A 1 17 PHE 17 17 17 PHE PHE A . n 
A 1 18 ILE 18 18 18 ILE ILE A . n 
A 1 19 THR 19 19 19 THR THR A . n 
A 1 20 PRO 20 20 20 PRO PRO A . n 
A 1 21 ASP 21 21 21 ASP ASP A . n 
A 1 22 GLU 22 22 22 GLU GLU A . n 
A 1 23 GLY 23 23 23 GLY GLY A . n 
A 1 24 GLY 24 24 24 GLY GLY A . n 
A 1 25 GLU 25 25 25 GLU GLU A . n 
A 1 26 ASP 26 26 26 ASP ASP A . n 
A 1 27 LEU 27 27 27 LEU LEU A . n 
A 1 28 PHE 28 28 28 PHE PHE A . n 
A 1 29 ALA 29 29 29 ALA ALA A . n 
A 1 30 HIS 30 30 30 HIS HIS A . n 
A 1 31 PHE 31 31 31 PHE PHE A . n 
A 1 32 SER 32 32 32 SER SER A . n 
A 1 33 ALA 33 33 33 ALA ALA A . n 
A 1 34 ILE 34 34 34 ILE ILE A . n 
A 1 35 ASN 35 35 35 ASN ASN A . n 
A 1 36 MSE 36 36 36 MSE MSE A . n 
A 1 37 GLU 37 37 37 GLU GLU A . n 
A 1 38 GLY 38 38 38 GLY GLY A . n 
A 1 39 PHE 39 39 39 PHE PHE A . n 
A 1 40 LYS 40 40 40 LYS LYS A . n 
A 1 41 THR 41 41 41 THR THR A . n 
A 1 42 LEU 42 42 42 LEU LEU A . n 
A 1 43 LYS 43 43 43 LYS LYS A . n 
A 1 44 GLU 44 44 44 GLU GLU A . n 
A 1 45 GLY 45 45 45 GLY GLY A . n 
A 1 46 GLN 46 46 46 GLN GLN A . n 
A 1 47 ARG 47 47 47 ARG ARG A . n 
A 1 48 VAL 48 48 48 VAL VAL A . n 
A 1 49 SER 49 49 49 SER SER A . n 
A 1 50 PHE 50 50 50 PHE PHE A . n 
A 1 51 ASP 51 51 51 ASP ASP A . n 
A 1 52 VAL 52 52 52 VAL VAL A . n 
A 1 53 THR 53 53 53 THR THR A . n 
A 1 54 THR 54 54 54 THR THR A . n 
A 1 55 GLY 55 55 55 GLY GLY A . n 
A 1 56 PRO 56 56 56 PRO PRO A . n 
A 1 57 LYS 57 57 57 LYS LYS A . n 
A 1 58 GLY 58 58 58 GLY GLY A . n 
A 1 59 LYS 59 59 59 LYS LYS A . n 
A 1 60 GLN 60 60 60 GLN GLN A . n 
A 1 61 ALA 61 61 61 ALA ALA A . n 
A 1 62 ALA 62 62 62 ALA ALA A . n 
A 1 63 ASN 63 63 63 ASN ASN A . n 
A 1 64 ILE 64 64 64 ILE ILE A . n 
A 1 65 GLN 65 65 65 GLN GLN A . n 
A 1 66 ALA 66 66 66 ALA ALA A . n 
A 1 67 ALA 67 67 67 ALA ALA A . n 
B 1 1  MSE 1  1  1  MSE MSE B . n 
B 1 2  ALA 2  2  2  ALA ALA B . n 
B 1 3  THR 3  3  3  THR THR B . n 
B 1 4  GLY 4  4  4  GLY GLY B . n 
B 1 5  ILE 5  5  5  ILE ILE B . n 
B 1 6  VAL 6  6  6  VAL VAL B . n 
B 1 7  LYS 7  7  7  LYS LYS B . n 
B 1 8  TRP 8  8  8  TRP TRP B . n 
B 1 9  PHE 9  9  9  PHE PHE B . n 
B 1 10 ASN 10 10 10 ASN ASN B . n 
B 1 11 ASP 11 11 11 ASP ASP B . n 
B 1 12 ALA 12 12 12 ALA ALA B . n 
B 1 13 LYS 13 13 13 LYS LYS B . n 
B 1 14 GLY 14 14 14 GLY GLY B . n 
B 1 15 PHE 15 15 15 PHE PHE B . n 
B 1 16 GLY 16 16 16 GLY GLY B . n 
B 1 17 PHE 17 17 17 PHE PHE B . n 
B 1 18 ILE 18 18 18 ILE ILE B . n 
B 1 19 THR 19 19 19 THR THR B . n 
B 1 20 PRO 20 20 20 PRO PRO B . n 
B 1 21 ASP 21 21 21 ASP ASP B . n 
B 1 22 GLU 22 22 22 GLU GLU B . n 
B 1 23 GLY 23 23 23 GLY GLY B . n 
B 1 24 GLY 24 24 24 GLY GLY B . n 
B 1 25 GLU 25 25 25 GLU GLU B . n 
B 1 26 ASP 26 26 26 ASP ASP B . n 
B 1 27 LEU 27 27 27 LEU LEU B . n 
B 1 28 PHE 28 28 28 PHE PHE B . n 
B 1 29 ALA 29 29 29 ALA ALA B . n 
B 1 30 HIS 30 30 30 HIS HIS B . n 
B 1 31 PHE 31 31 31 PHE PHE B . n 
B 1 32 SER 32 32 32 SER SER B . n 
B 1 33 ALA 33 33 33 ALA ALA B . n 
B 1 34 ILE 34 34 34 ILE ILE B . n 
B 1 35 ASN 35 35 35 ASN ASN B . n 
B 1 36 MSE 36 36 36 MSE MSE B . n 
B 1 37 GLU 37 37 37 GLU GLU B . n 
B 1 38 GLY 38 38 38 GLY GLY B . n 
B 1 39 PHE 39 39 39 PHE PHE B . n 
B 1 40 LYS 40 40 40 LYS LYS B . n 
B 1 41 THR 41 41 41 THR THR B . n 
B 1 42 LEU 42 42 42 LEU LEU B . n 
B 1 43 LYS 43 43 43 LYS LYS B . n 
B 1 44 GLU 44 44 44 GLU GLU B . n 
B 1 45 GLY 45 45 45 GLY GLY B . n 
B 1 46 GLN 46 46 46 GLN GLN B . n 
B 1 47 ARG 47 47 47 ARG ARG B . n 
B 1 48 VAL 48 48 48 VAL VAL B . n 
B 1 49 SER 49 49 49 SER SER B . n 
B 1 50 PHE 50 50 50 PHE PHE B . n 
B 1 51 ASP 51 51 51 ASP ASP B . n 
B 1 52 VAL 52 52 52 VAL VAL B . n 
B 1 53 THR 53 53 53 THR THR B . n 
B 1 54 THR 54 54 54 THR THR B . n 
B 1 55 GLY 55 55 55 GLY GLY B . n 
B 1 56 PRO 56 56 56 PRO PRO B . n 
B 1 57 LYS 57 57 57 LYS LYS B . n 
B 1 58 GLY 58 58 58 GLY GLY B . n 
B 1 59 LYS 59 59 59 LYS LYS B . n 
B 1 60 GLN 60 60 60 GLN GLN B . n 
B 1 61 ALA 61 61 61 ALA ALA B . n 
B 1 62 ALA 62 62 62 ALA ALA B . n 
B 1 63 ASN 63 63 63 ASN ASN B . n 
B 1 64 ILE 64 64 64 ILE ILE B . n 
B 1 65 GLN 65 65 65 GLN GLN B . n 
B 1 66 ALA 66 66 66 ALA ALA B . n 
B 1 67 ALA 67 67 67 ALA ALA B . n 
# 
loop_
_pdbx_nonpoly_scheme.asym_id 
_pdbx_nonpoly_scheme.entity_id 
_pdbx_nonpoly_scheme.mon_id 
_pdbx_nonpoly_scheme.ndb_seq_num 
_pdbx_nonpoly_scheme.pdb_seq_num 
_pdbx_nonpoly_scheme.auth_seq_num 
_pdbx_nonpoly_scheme.pdb_mon_id 
_pdbx_nonpoly_scheme.auth_mon_id 
_pdbx_nonpoly_scheme.pdb_strand_id 
_pdbx_nonpoly_scheme.pdb_ins_code 
C 2 HOH 1 68 1  HOH HOH A . 
C 2 HOH 2 69 4  HOH HOH A . 
C 2 HOH 3 70 5  HOH HOH A . 
C 2 HOH 4 71 15 HOH HOH A . 
C 2 HOH 5 72 16 HOH HOH A . 
C 2 HOH 6 73 17 HOH HOH A . 
C 2 HOH 7 74 18 HOH HOH A . 
D 2 HOH 1 68 2  HOH HOH B . 
D 2 HOH 2 69 3  HOH HOH B . 
D 2 HOH 3 70 8  HOH HOH B . 
D 2 HOH 4 71 9  HOH HOH B . 
D 2 HOH 5 72 10 HOH HOH B . 
D 2 HOH 6 73 11 HOH HOH B . 
D 2 HOH 7 74 12 HOH HOH B . 
D 2 HOH 8 75 13 HOH HOH B . 
D 2 HOH 9 76 14 HOH HOH B . 
# 
loop_
_software.name 
_software.classification 
_software.version 
_software.citation_id 
_software.pdbx_ordinal 
REFMAC    refinement        5.2.0019 ? 1 
MAR345    'data collection' CCD      ? 2 
HKL-2000  'data reduction'  .        ? 3 
SCALEPACK 'data scaling'    .        ? 4 
SHELXCD   phasing           .        ? 5 
SHELXE    'model building'  .        ? 6 
# 
_cell.entry_id           3CAM 
_cell.length_a           59.369 
_cell.length_b           59.369 
_cell.length_c           89.423 
_cell.angle_alpha        90.00 
_cell.angle_beta         90.00 
_cell.angle_gamma        90.00 
_cell.Z_PDB              16 
_cell.pdbx_unique_axis   ? 
_cell.length_a_esd       ? 
_cell.length_b_esd       ? 
_cell.length_c_esd       ? 
_cell.angle_alpha_esd    ? 
_cell.angle_beta_esd     ? 
_cell.angle_gamma_esd    ? 
# 
_symmetry.entry_id                         3CAM 
_symmetry.space_group_name_H-M             'P 41 21 2' 
_symmetry.pdbx_full_space_group_name_H-M   ? 
_symmetry.cell_setting                     ? 
_symmetry.Int_Tables_number                92 
_symmetry.space_group_name_Hall            ? 
# 
_exptl.entry_id          3CAM 
_exptl.method            'X-RAY DIFFRACTION' 
_exptl.crystals_number   1 
# 
_exptl_crystal.id                    1 
_exptl_crystal.density_meas          ? 
_exptl_crystal.density_Matthews      2.70 
_exptl_crystal.density_percent_sol   54.44 
_exptl_crystal.description           ? 
_exptl_crystal.F_000                 ? 
_exptl_crystal.preparation           ? 
# 
_exptl_crystal_grow.crystal_id      1 
_exptl_crystal_grow.method          'VAPOR DIFFUSION, SITTING DROP' 
_exptl_crystal_grow.temp            293 
_exptl_crystal_grow.temp_details    ? 
_exptl_crystal_grow.pH              6.7 
_exptl_crystal_grow.pdbx_details    
;0.8 M Sodium dihydrogen phosphate, 1.2 M di-potassium hydrogen phosphate, 100 mM Acetate pH 4.5, pH 6.7, VAPOR DIFFUSION, SITTING DROP, temperature 293K
;
_exptl_crystal_grow.pdbx_pH_range   . 
# 
_diffrn.id                     1 
_diffrn.ambient_temp           100 
_diffrn.ambient_temp_details   ? 
_diffrn.crystal_id             1 
# 
_diffrn_detector.diffrn_id              1 
_diffrn_detector.detector               CCD 
_diffrn_detector.type                   'MARMOSAIC 225 mm CCD' 
_diffrn_detector.pdbx_collection_date   2006-07-19 
_diffrn_detector.details                ? 
# 
_diffrn_radiation.diffrn_id                        1 
_diffrn_radiation.wavelength_id                    1 
_diffrn_radiation.pdbx_monochromatic_or_laue_m_l   M 
_diffrn_radiation.monochromator                    ? 
_diffrn_radiation.pdbx_diffrn_protocol             'SINGLE WAVELENGTH' 
_diffrn_radiation.pdbx_scattering_type             x-ray 
# 
_diffrn_radiation_wavelength.id           1 
_diffrn_radiation_wavelength.wavelength   0.97900 
_diffrn_radiation_wavelength.wt           1.0 
# 
_diffrn_source.diffrn_id                   1 
_diffrn_source.source                      SYNCHROTRON 
_diffrn_source.type                        'ESRF BEAMLINE BM14' 
_diffrn_source.pdbx_synchrotron_site       ESRF 
_diffrn_source.pdbx_synchrotron_beamline   BM14 
_diffrn_source.pdbx_wavelength             ? 
_diffrn_source.pdbx_wavelength_list        0.97900 
# 
_reflns.entry_id                     3CAM 
_reflns.observed_criterion_sigma_F   ? 
_reflns.observed_criterion_sigma_I   -1.5 
_reflns.d_resolution_high            2.6 
_reflns.d_resolution_low             30 
_reflns.number_all                   ? 
_reflns.number_obs                   5271 
_reflns.percent_possible_obs         98.5 
_reflns.pdbx_Rmerge_I_obs            0.127 
_reflns.pdbx_Rsym_value              ? 
_reflns.pdbx_netI_over_sigmaI        29.2 
_reflns.B_iso_Wilson_estimate        ? 
_reflns.pdbx_redundancy              23.9 
_reflns.R_free_details               ? 
_reflns.limit_h_max                  ? 
_reflns.limit_h_min                  ? 
_reflns.limit_k_max                  ? 
_reflns.limit_k_min                  ? 
_reflns.limit_l_max                  ? 
_reflns.limit_l_min                  ? 
_reflns.observed_criterion_F_max     ? 
_reflns.observed_criterion_F_min     ? 
_reflns.pdbx_chi_squared             ? 
_reflns.pdbx_scaling_rejects         ? 
_reflns.pdbx_ordinal                 1 
_reflns.pdbx_diffrn_id               1 
# 
_reflns_shell.d_res_high             2.60 
_reflns_shell.d_res_low              2.69 
_reflns_shell.percent_possible_all   88.8 
_reflns_shell.Rmerge_I_obs           0.834 
_reflns_shell.pdbx_Rsym_value        ? 
_reflns_shell.meanI_over_sigI_obs    1.7 
_reflns_shell.pdbx_redundancy        13.1 
_reflns_shell.percent_possible_obs   ? 
_reflns_shell.number_unique_all      459 
_reflns_shell.number_measured_all    ? 
_reflns_shell.number_measured_obs    ? 
_reflns_shell.number_unique_obs      ? 
_reflns_shell.pdbx_chi_squared       ? 
_reflns_shell.pdbx_ordinal           1 
_reflns_shell.pdbx_diffrn_id         1 
# 
_refine.entry_id                                 3CAM 
_refine.ls_number_reflns_obs                     4951 
_refine.ls_number_reflns_all                     ? 
_refine.pdbx_ls_sigma_I                          ? 
_refine.pdbx_ls_sigma_F                          ? 
_refine.pdbx_data_cutoff_high_absF               ? 
_refine.pdbx_data_cutoff_low_absF                ? 
_refine.pdbx_data_cutoff_high_rms_absF           ? 
_refine.ls_d_res_low                             30.00 
_refine.ls_d_res_high                            2.60 
_refine.ls_percent_reflns_obs                    98.40 
_refine.ls_R_factor_obs                          0.23646 
_refine.ls_R_factor_all                          ? 
_refine.ls_R_factor_R_work                       0.23312 
_refine.ls_R_factor_R_free                       0.29663 
_refine.ls_R_factor_R_free_error                 ? 
_refine.ls_R_factor_R_free_error_details         ? 
_refine.ls_percent_reflns_R_free                 5.2 
_refine.ls_number_reflns_R_free                  270 
_refine.ls_number_parameters                     ? 
_refine.ls_number_restraints                     ? 
_refine.occupancy_min                            ? 
_refine.occupancy_max                            ? 
_refine.correlation_coeff_Fo_to_Fc               0.932 
_refine.correlation_coeff_Fo_to_Fc_free          0.881 
_refine.B_iso_mean                               61.159 
_refine.aniso_B[1][1]                            -3.46 
_refine.aniso_B[2][2]                            -3.46 
_refine.aniso_B[3][3]                            6.91 
_refine.aniso_B[1][2]                            0.00 
_refine.aniso_B[1][3]                            0.00 
_refine.aniso_B[2][3]                            0.00 
_refine.solvent_model_details                    'BABINET MODEL WITH MASK' 
_refine.solvent_model_param_ksol                 ? 
_refine.solvent_model_param_bsol                 ? 
_refine.pdbx_solvent_vdw_probe_radii             1.20 
_refine.pdbx_solvent_ion_probe_radii             0.80 
_refine.pdbx_solvent_shrinkage_radii             0.80 
_refine.pdbx_ls_cross_valid_method               THROUGHOUT 
_refine.details                                  'HYDROGENS HAVE BEEN ADDED IN THE RIDING POSITIONS' 
_refine.pdbx_starting_model                      ? 
_refine.pdbx_method_to_determine_struct          SAD 
_refine.pdbx_isotropic_thermal_model             ? 
_refine.pdbx_stereochemistry_target_values       'MAXIMUM LIKELIHOOD' 
_refine.pdbx_stereochem_target_val_spec_case     ? 
_refine.pdbx_R_Free_selection_details            RANDOM 
_refine.pdbx_overall_ESU_R                       0.691 
_refine.pdbx_overall_ESU_R_Free                  0.360 
_refine.overall_SU_ML                            0.249 
_refine.overall_SU_B                             24.379 
_refine.ls_redundancy_reflns_obs                 ? 
_refine.B_iso_min                                ? 
_refine.B_iso_max                                ? 
_refine.overall_SU_R_Cruickshank_DPI             ? 
_refine.overall_SU_R_free                        ? 
_refine.ls_wR_factor_R_free                      ? 
_refine.ls_wR_factor_R_work                      ? 
_refine.overall_FOM_free_R_set                   ? 
_refine.overall_FOM_work_R_set                   ? 
_refine.pdbx_overall_phase_error                 ? 
_refine.pdbx_refine_id                           'X-RAY DIFFRACTION' 
_refine.pdbx_TLS_residual_ADP_flag               'LIKELY RESIDUAL' 
_refine.pdbx_diffrn_id                           1 
_refine.pdbx_overall_SU_R_free_Cruickshank_DPI   ? 
_refine.pdbx_overall_SU_R_Blow_DPI               ? 
_refine.pdbx_overall_SU_R_free_Blow_DPI          ? 
# 
_refine_hist.pdbx_refine_id                   'X-RAY DIFFRACTION' 
_refine_hist.cycle_id                         LAST 
_refine_hist.pdbx_number_atoms_protein        1014 
_refine_hist.pdbx_number_atoms_nucleic_acid   0 
_refine_hist.pdbx_number_atoms_ligand         0 
_refine_hist.number_atoms_solvent             16 
_refine_hist.number_atoms_total               1030 
_refine_hist.d_res_high                       2.60 
_refine_hist.d_res_low                        30.00 
# 
loop_
_refine_ls_restr.type 
_refine_ls_restr.dev_ideal 
_refine_ls_restr.dev_ideal_target 
_refine_ls_restr.weight 
_refine_ls_restr.number 
_refine_ls_restr.pdbx_refine_id 
_refine_ls_restr.pdbx_restraint_function 
r_bond_refined_d             0.008  0.022  ? 1036 'X-RAY DIFFRACTION' ? 
r_bond_other_d               0.001  0.020  ? 704  'X-RAY DIFFRACTION' ? 
r_angle_refined_deg          1.022  1.921  ? 1390 'X-RAY DIFFRACTION' ? 
r_angle_other_deg            0.793  3.000  ? 1716 'X-RAY DIFFRACTION' ? 
r_dihedral_angle_1_deg       5.359  5.000  ? 132  'X-RAY DIFFRACTION' ? 
r_dihedral_angle_2_deg       32.476 25.417 ? 48   'X-RAY DIFFRACTION' ? 
r_dihedral_angle_3_deg       17.822 15.000 ? 170  'X-RAY DIFFRACTION' ? 
r_dihedral_angle_4_deg       15.191 15.000 ? 2    'X-RAY DIFFRACTION' ? 
r_chiral_restr               0.070  0.200  ? 144  'X-RAY DIFFRACTION' ? 
r_gen_planes_refined         0.003  0.020  ? 1180 'X-RAY DIFFRACTION' ? 
r_gen_planes_other           0.001  0.020  ? 220  'X-RAY DIFFRACTION' ? 
r_nbd_refined                0.184  0.200  ? 201  'X-RAY DIFFRACTION' ? 
r_nbd_other                  0.170  0.200  ? 677  'X-RAY DIFFRACTION' ? 
r_nbtor_refined              0.183  0.200  ? 505  'X-RAY DIFFRACTION' ? 
r_nbtor_other                0.084  0.200  ? 551  'X-RAY DIFFRACTION' ? 
r_xyhbond_nbd_refined        0.137  0.200  ? 20   'X-RAY DIFFRACTION' ? 
r_xyhbond_nbd_other          ?      ?      ? ?    'X-RAY DIFFRACTION' ? 
r_metal_ion_refined          ?      ?      ? ?    'X-RAY DIFFRACTION' ? 
r_metal_ion_other            ?      ?      ? ?    'X-RAY DIFFRACTION' ? 
r_symmetry_vdw_refined       0.166  0.200  ? 13   'X-RAY DIFFRACTION' ? 
r_symmetry_vdw_other         0.173  0.200  ? 40   'X-RAY DIFFRACTION' ? 
r_symmetry_hbond_refined     0.208  0.200  ? 2    'X-RAY DIFFRACTION' ? 
r_symmetry_hbond_other       ?      ?      ? ?    'X-RAY DIFFRACTION' ? 
r_symmetry_metal_ion_refined ?      ?      ? ?    'X-RAY DIFFRACTION' ? 
r_symmetry_metal_ion_other   ?      ?      ? ?    'X-RAY DIFFRACTION' ? 
r_mcbond_it                  4.278  4.000  ? 817  'X-RAY DIFFRACTION' ? 
r_mcbond_other               1.167  4.000  ? 280  'X-RAY DIFFRACTION' ? 
r_mcangle_it                 5.603  6.000  ? 1032 'X-RAY DIFFRACTION' ? 
r_scbond_it                  7.333  6.000  ? 440  'X-RAY DIFFRACTION' ? 
r_scangle_it                 9.741  10.000 ? 358  'X-RAY DIFFRACTION' ? 
r_rigid_bond_restr           ?      ?      ? ?    'X-RAY DIFFRACTION' ? 
r_sphericity_free            ?      ?      ? ?    'X-RAY DIFFRACTION' ? 
r_sphericity_bonded          ?      ?      ? ?    'X-RAY DIFFRACTION' ? 
# 
loop_
_refine_ls_restr_ncs.dom_id 
_refine_ls_restr_ncs.pdbx_auth_asym_id 
_refine_ls_restr_ncs.pdbx_number 
_refine_ls_restr_ncs.rms_dev_position 
_refine_ls_restr_ncs.weight_position 
_refine_ls_restr_ncs.pdbx_type 
_refine_ls_restr_ncs.pdbx_ens_id 
_refine_ls_restr_ncs.pdbx_refine_id 
_refine_ls_restr_ncs.pdbx_ordinal 
_refine_ls_restr_ncs.ncs_model_details 
_refine_ls_restr_ncs.rms_dev_B_iso 
_refine_ls_restr_ncs.weight_B_iso 
_refine_ls_restr_ncs.pdbx_asym_id 
_refine_ls_restr_ncs.pdbx_rms 
_refine_ls_restr_ncs.pdbx_weight 
1 A 332 0.03 0.05  'tight positional' 1 'X-RAY DIFFRACTION' 1 ? ? ? ? ? ? 
1 A 403 0.73 5.00  'loose positional' 1 'X-RAY DIFFRACTION' 2 ? ? ? ? ? ? 
1 A 332 3.22 10.50 'tight thermal'    1 'X-RAY DIFFRACTION' 3 ? ? ? ? ? ? 
1 A 403 4.80 30.00 'loose thermal'    1 'X-RAY DIFFRACTION' 4 ? ? ? ? ? ? 
# 
_refine_ls_shell.pdbx_total_number_of_bins_used   20 
_refine_ls_shell.d_res_high                       2.600 
_refine_ls_shell.d_res_low                        2.667 
_refine_ls_shell.number_reflns_R_work             327 
_refine_ls_shell.R_factor_R_work                  0.43 
_refine_ls_shell.percent_reflns_obs               88.98 
_refine_ls_shell.R_factor_R_free                  0.602 
_refine_ls_shell.R_factor_R_free_error            ? 
_refine_ls_shell.percent_reflns_R_free            ? 
_refine_ls_shell.number_reflns_R_free             12 
_refine_ls_shell.number_reflns_all                ? 
_refine_ls_shell.R_factor_all                     ? 
_refine_ls_shell.number_reflns_obs                ? 
_refine_ls_shell.redundancy_reflns_obs            ? 
_refine_ls_shell.pdbx_refine_id                   'X-RAY DIFFRACTION' 
# 
loop_
_struct_ncs_dom.pdbx_ens_id 
_struct_ncs_dom.id 
_struct_ncs_dom.details 
1 1 A 
1 2 B 
1 3 A 
1 4 B 
# 
loop_
_struct_ncs_dom_lim.pdbx_ens_id 
_struct_ncs_dom_lim.dom_id 
_struct_ncs_dom_lim.pdbx_component_id 
_struct_ncs_dom_lim.beg_label_asym_id 
_struct_ncs_dom_lim.beg_label_comp_id 
_struct_ncs_dom_lim.beg_label_seq_id 
_struct_ncs_dom_lim.beg_label_alt_id 
_struct_ncs_dom_lim.end_label_asym_id 
_struct_ncs_dom_lim.end_label_comp_id 
_struct_ncs_dom_lim.end_label_seq_id 
_struct_ncs_dom_lim.end_label_alt_id 
_struct_ncs_dom_lim.beg_auth_asym_id 
_struct_ncs_dom_lim.beg_auth_comp_id 
_struct_ncs_dom_lim.beg_auth_seq_id 
_struct_ncs_dom_lim.end_auth_asym_id 
_struct_ncs_dom_lim.end_auth_comp_id 
_struct_ncs_dom_lim.end_auth_seq_id 
_struct_ncs_dom_lim.pdbx_refine_code 
_struct_ncs_dom_lim.selection_details 
1 1 1 A THR 3  . A TRP 8  . A THR 3  A TRP 8  3 ? 
1 2 1 B THR 3  . B TRP 8  . B THR 3  B TRP 8  3 ? 
1 3 2 A GLY 16 . A ALA 66 . A GLY 16 A ALA 66 3 ? 
1 4 2 B GLY 16 . B ALA 66 . B GLY 16 B ALA 66 3 ? 
# 
_struct_ncs_ens.id        1 
_struct_ncs_ens.details   ? 
# 
_struct.entry_id                  3CAM 
_struct.title                     'Crystal structure of the cold shock domain protein from Neisseria meningitidis' 
_struct.pdbx_model_details        ? 
_struct.pdbx_CASP_flag            N 
_struct.pdbx_model_type_details   ? 
# 
_struct_keywords.entry_id        3CAM 
_struct_keywords.pdbx_keywords   'GENE REGULATION' 
_struct_keywords.text            
;Neisseria meningitidis, cold shock protein, chain swap, Structural Genomics, Oxford Protein Production Facility, OPPF, GENE REGULATION
;
# 
loop_
_struct_asym.id 
_struct_asym.pdbx_blank_PDB_chainid_flag 
_struct_asym.pdbx_modified 
_struct_asym.entity_id 
_struct_asym.details 
A N N 1 ? 
B N N 1 ? 
C N N 2 ? 
D N N 2 ? 
# 
_struct_ref.id                         1 
_struct_ref.db_name                    UNP 
_struct_ref.db_code                    Q9JZZ4_NEIMB 
_struct_ref.pdbx_db_accession          Q9JZZ4 
_struct_ref.entity_id                  1 
_struct_ref.pdbx_seq_one_letter_code   MATGIVKWFNDAKGFGFITPDEGGEDLFAHFSAINMEGFKTLKEGQRVSFDVTTGPKGKQAANIQAA 
_struct_ref.pdbx_align_begin           1 
_struct_ref.pdbx_db_isoform            ? 
# 
loop_
_struct_ref_seq.align_id 
_struct_ref_seq.ref_id 
_struct_ref_seq.pdbx_PDB_id_code 
_struct_ref_seq.pdbx_strand_id 
_struct_ref_seq.seq_align_beg 
_struct_ref_seq.pdbx_seq_align_beg_ins_code 
_struct_ref_seq.seq_align_end 
_struct_ref_seq.pdbx_seq_align_end_ins_code 
_struct_ref_seq.pdbx_db_accession 
_struct_ref_seq.db_align_beg 
_struct_ref_seq.pdbx_db_align_beg_ins_code 
_struct_ref_seq.db_align_end 
_struct_ref_seq.pdbx_db_align_end_ins_code 
_struct_ref_seq.pdbx_auth_seq_align_beg 
_struct_ref_seq.pdbx_auth_seq_align_end 
1 1 3CAM A 1 ? 67 ? Q9JZZ4 1 ? 67 ? 1 67 
2 1 3CAM B 1 ? 67 ? Q9JZZ4 1 ? 67 ? 1 67 
# 
_pdbx_struct_assembly.id                   1 
_pdbx_struct_assembly.details              author_and_software_defined_assembly 
_pdbx_struct_assembly.method_details       PISA 
_pdbx_struct_assembly.oligomeric_details   dimeric 
_pdbx_struct_assembly.oligomeric_count     2 
# 
loop_
_pdbx_struct_assembly_prop.biol_id 
_pdbx_struct_assembly_prop.type 
_pdbx_struct_assembly_prop.value 
_pdbx_struct_assembly_prop.details 
1 'ABSA (A^2)' 4920  ? 
1 MORE         -31.8 ? 
1 'SSA (A^2)'  7180  ? 
# 
_pdbx_struct_assembly_gen.assembly_id       1 
_pdbx_struct_assembly_gen.oper_expression   1 
_pdbx_struct_assembly_gen.asym_id_list      A,B,C,D 
# 
_pdbx_struct_oper_list.id                   1 
_pdbx_struct_oper_list.type                 'identity operation' 
_pdbx_struct_oper_list.name                 1_555 
_pdbx_struct_oper_list.symmetry_operation   x,y,z 
_pdbx_struct_oper_list.matrix[1][1]         1.0000000000 
_pdbx_struct_oper_list.matrix[1][2]         0.0000000000 
_pdbx_struct_oper_list.matrix[1][3]         0.0000000000 
_pdbx_struct_oper_list.vector[1]            0.0000000000 
_pdbx_struct_oper_list.matrix[2][1]         0.0000000000 
_pdbx_struct_oper_list.matrix[2][2]         1.0000000000 
_pdbx_struct_oper_list.matrix[2][3]         0.0000000000 
_pdbx_struct_oper_list.vector[2]            0.0000000000 
_pdbx_struct_oper_list.matrix[3][1]         0.0000000000 
_pdbx_struct_oper_list.matrix[3][2]         0.0000000000 
_pdbx_struct_oper_list.matrix[3][3]         1.0000000000 
_pdbx_struct_oper_list.vector[3]            0.0000000000 
# 
_struct_biol.id        1 
_struct_biol.details   ? 
# 
loop_
_struct_conf.conf_type_id 
_struct_conf.id 
_struct_conf.pdbx_PDB_helix_id 
_struct_conf.beg_label_comp_id 
_struct_conf.beg_label_asym_id 
_struct_conf.beg_label_seq_id 
_struct_conf.pdbx_beg_PDB_ins_code 
_struct_conf.end_label_comp_id 
_struct_conf.end_label_asym_id 
_struct_conf.end_label_seq_id 
_struct_conf.pdbx_end_PDB_ins_code 
_struct_conf.beg_auth_comp_id 
_struct_conf.beg_auth_asym_id 
_struct_conf.beg_auth_seq_id 
_struct_conf.end_auth_comp_id 
_struct_conf.end_auth_asym_id 
_struct_conf.end_auth_seq_id 
_struct_conf.pdbx_PDB_helix_class 
_struct_conf.details 
_struct_conf.pdbx_PDB_helix_length 
HELX_P HELX_P1 1 SER A 32 ? ILE A 34 ? SER A 32 ILE A 34 5 ? 3 
HELX_P HELX_P2 2 ASN A 35 ? LYS A 40 ? ASN A 35 LYS A 40 5 ? 6 
HELX_P HELX_P3 3 SER B 32 ? ILE B 34 ? SER B 32 ILE B 34 5 ? 3 
HELX_P HELX_P4 4 ASN B 35 ? LYS B 40 ? ASN B 35 LYS B 40 5 ? 6 
# 
_struct_conf_type.id          HELX_P 
_struct_conf_type.criteria    ? 
_struct_conf_type.reference   ? 
# 
loop_
_struct_conn.id 
_struct_conn.conn_type_id 
_struct_conn.pdbx_leaving_atom_flag 
_struct_conn.pdbx_PDB_id 
_struct_conn.ptnr1_label_asym_id 
_struct_conn.ptnr1_label_comp_id 
_struct_conn.ptnr1_label_seq_id 
_struct_conn.ptnr1_label_atom_id 
_struct_conn.pdbx_ptnr1_label_alt_id 
_struct_conn.pdbx_ptnr1_PDB_ins_code 
_struct_conn.pdbx_ptnr1_standard_comp_id 
_struct_conn.ptnr1_symmetry 
_struct_conn.ptnr2_label_asym_id 
_struct_conn.ptnr2_label_comp_id 
_struct_conn.ptnr2_label_seq_id 
_struct_conn.ptnr2_label_atom_id 
_struct_conn.pdbx_ptnr2_label_alt_id 
_struct_conn.pdbx_ptnr2_PDB_ins_code 
_struct_conn.ptnr1_auth_asym_id 
_struct_conn.ptnr1_auth_comp_id 
_struct_conn.ptnr1_auth_seq_id 
_struct_conn.ptnr2_auth_asym_id 
_struct_conn.ptnr2_auth_comp_id 
_struct_conn.ptnr2_auth_seq_id 
_struct_conn.ptnr2_symmetry 
_struct_conn.pdbx_ptnr3_label_atom_id 
_struct_conn.pdbx_ptnr3_label_seq_id 
_struct_conn.pdbx_ptnr3_label_comp_id 
_struct_conn.pdbx_ptnr3_label_asym_id 
_struct_conn.pdbx_ptnr3_label_alt_id 
_struct_conn.pdbx_ptnr3_PDB_ins_code 
_struct_conn.details 
_struct_conn.pdbx_dist_value 
_struct_conn.pdbx_value_order 
_struct_conn.pdbx_role 
covale1 covale both ? A MSE 1  C ? ? ? 1_555 A ALA 2  N ? ? A MSE 1  A ALA 2  1_555 ? ? ? ? ? ? ? 1.332 ? ? 
covale2 covale both ? A ASN 35 C ? ? ? 1_555 A MSE 36 N ? ? A ASN 35 A MSE 36 1_555 ? ? ? ? ? ? ? 1.328 ? ? 
covale3 covale both ? A MSE 36 C ? ? ? 1_555 A GLU 37 N ? ? A MSE 36 A GLU 37 1_555 ? ? ? ? ? ? ? 1.338 ? ? 
covale4 covale both ? B MSE 1  C ? ? ? 1_555 B ALA 2  N ? ? B MSE 1  B ALA 2  1_555 ? ? ? ? ? ? ? 1.333 ? ? 
covale5 covale both ? B ASN 35 C ? ? ? 1_555 B MSE 36 N ? ? B ASN 35 B MSE 36 1_555 ? ? ? ? ? ? ? 1.327 ? ? 
covale6 covale both ? B MSE 36 C ? ? ? 1_555 B GLU 37 N ? ? B MSE 36 B GLU 37 1_555 ? ? ? ? ? ? ? 1.330 ? ? 
# 
_struct_conn_type.id          covale 
_struct_conn_type.criteria    ? 
_struct_conn_type.reference   ? 
# 
loop_
_pdbx_modification_feature.ordinal 
_pdbx_modification_feature.label_comp_id 
_pdbx_modification_feature.label_asym_id 
_pdbx_modification_feature.label_seq_id 
_pdbx_modification_feature.label_alt_id 
_pdbx_modification_feature.modified_residue_label_comp_id 
_pdbx_modification_feature.modified_residue_label_asym_id 
_pdbx_modification_feature.modified_residue_label_seq_id 
_pdbx_modification_feature.modified_residue_label_alt_id 
_pdbx_modification_feature.auth_comp_id 
_pdbx_modification_feature.auth_asym_id 
_pdbx_modification_feature.auth_seq_id 
_pdbx_modification_feature.PDB_ins_code 
_pdbx_modification_feature.symmetry 
_pdbx_modification_feature.modified_residue_auth_comp_id 
_pdbx_modification_feature.modified_residue_auth_asym_id 
_pdbx_modification_feature.modified_residue_auth_seq_id 
_pdbx_modification_feature.modified_residue_PDB_ins_code 
_pdbx_modification_feature.modified_residue_symmetry 
_pdbx_modification_feature.comp_id_linking_atom 
_pdbx_modification_feature.modified_residue_id_linking_atom 
_pdbx_modification_feature.modified_residue_id 
_pdbx_modification_feature.ref_pcm_id 
_pdbx_modification_feature.ref_comp_id 
_pdbx_modification_feature.type 
_pdbx_modification_feature.category 
1 MSE A 1  ? . . . . MSE A 1  ? 1_555 . . . . . . . MET 1 MSE Selenomethionine 'Named protein modification' 
2 MSE A 36 ? . . . . MSE A 36 ? 1_555 . . . . . . . MET 1 MSE Selenomethionine 'Named protein modification' 
3 MSE B 1  ? . . . . MSE B 1  ? 1_555 . . . . . . . MET 1 MSE Selenomethionine 'Named protein modification' 
4 MSE B 36 ? . . . . MSE B 36 ? 1_555 . . . . . . . MET 1 MSE Selenomethionine 'Named protein modification' 
# 
loop_
_struct_sheet.id 
_struct_sheet.type 
_struct_sheet.number_strands 
_struct_sheet.details 
A ? 6 ? 
B ? 6 ? 
# 
loop_
_struct_sheet_order.sheet_id 
_struct_sheet_order.range_id_1 
_struct_sheet_order.range_id_2 
_struct_sheet_order.offset 
_struct_sheet_order.sense 
A 1 2 ? anti-parallel 
A 2 3 ? anti-parallel 
A 3 4 ? parallel      
A 4 5 ? anti-parallel 
A 5 6 ? anti-parallel 
B 1 2 ? anti-parallel 
B 2 3 ? parallel      
B 3 4 ? anti-parallel 
B 4 5 ? anti-parallel 
B 5 6 ? anti-parallel 
# 
loop_
_struct_sheet_range.sheet_id 
_struct_sheet_range.id 
_struct_sheet_range.beg_label_comp_id 
_struct_sheet_range.beg_label_asym_id 
_struct_sheet_range.beg_label_seq_id 
_struct_sheet_range.pdbx_beg_PDB_ins_code 
_struct_sheet_range.end_label_comp_id 
_struct_sheet_range.end_label_asym_id 
_struct_sheet_range.end_label_seq_id 
_struct_sheet_range.pdbx_end_PDB_ins_code 
_struct_sheet_range.beg_auth_comp_id 
_struct_sheet_range.beg_auth_asym_id 
_struct_sheet_range.beg_auth_seq_id 
_struct_sheet_range.end_auth_comp_id 
_struct_sheet_range.end_auth_asym_id 
_struct_sheet_range.end_auth_seq_id 
A 1 ALA A 2  ? ASN A 10 ? ALA A 2  ASN A 10 
A 2 PHE A 15 ? PRO A 20 ? PHE A 15 PRO A 20 
A 3 LEU A 27 ? HIS A 30 ? LEU A 27 HIS A 30 
A 4 GLY B 58 ? ALA B 66 ? GLY B 58 ALA B 66 
A 5 ARG B 47 ? GLY B 55 ? ARG B 47 GLY B 55 
A 6 ALA A 2  ? ASN A 10 ? ALA A 2  ASN A 10 
B 1 ARG A 47 ? GLY A 55 ? ARG A 47 GLY A 55 
B 2 GLY A 58 ? ALA A 66 ? GLY A 58 ALA A 66 
B 3 LEU B 27 ? HIS B 30 ? LEU B 27 HIS B 30 
B 4 PHE B 15 ? PRO B 20 ? PHE B 15 PRO B 20 
B 5 ALA B 2  ? ASN B 10 ? ALA B 2  ASN B 10 
B 6 ARG A 47 ? GLY A 55 ? ARG A 47 GLY A 55 
# 
loop_
_pdbx_struct_sheet_hbond.sheet_id 
_pdbx_struct_sheet_hbond.range_id_1 
_pdbx_struct_sheet_hbond.range_id_2 
_pdbx_struct_sheet_hbond.range_1_label_atom_id 
_pdbx_struct_sheet_hbond.range_1_label_comp_id 
_pdbx_struct_sheet_hbond.range_1_label_asym_id 
_pdbx_struct_sheet_hbond.range_1_label_seq_id 
_pdbx_struct_sheet_hbond.range_1_PDB_ins_code 
_pdbx_struct_sheet_hbond.range_1_auth_atom_id 
_pdbx_struct_sheet_hbond.range_1_auth_comp_id 
_pdbx_struct_sheet_hbond.range_1_auth_asym_id 
_pdbx_struct_sheet_hbond.range_1_auth_seq_id 
_pdbx_struct_sheet_hbond.range_2_label_atom_id 
_pdbx_struct_sheet_hbond.range_2_label_comp_id 
_pdbx_struct_sheet_hbond.range_2_label_asym_id 
_pdbx_struct_sheet_hbond.range_2_label_seq_id 
_pdbx_struct_sheet_hbond.range_2_PDB_ins_code 
_pdbx_struct_sheet_hbond.range_2_auth_atom_id 
_pdbx_struct_sheet_hbond.range_2_auth_comp_id 
_pdbx_struct_sheet_hbond.range_2_auth_asym_id 
_pdbx_struct_sheet_hbond.range_2_auth_seq_id 
A 1 2 N TRP A 8  ? N TRP A 8  O PHE A 17 ? O PHE A 17 
A 2 3 N ILE A 18 ? N ILE A 18 O LEU A 27 ? O LEU A 27 
A 3 4 N PHE A 28 ? N PHE A 28 O ALA B 61 ? O ALA B 61 
A 4 5 O GLY B 58 ? O GLY B 58 N GLY B 55 ? N GLY B 55 
A 5 6 O VAL B 48 ? O VAL B 48 N GLY A 4  ? N GLY A 4  
B 1 2 N GLY A 55 ? N GLY A 55 O GLY A 58 ? O GLY A 58 
B 2 3 N ALA A 61 ? N ALA A 61 O PHE B 28 ? O PHE B 28 
B 3 4 O LEU B 27 ? O LEU B 27 N ILE B 18 ? N ILE B 18 
B 4 5 O PHE B 17 ? O PHE B 17 N TRP B 8  ? N TRP B 8  
B 5 6 O GLY B 4  ? O GLY B 4  N VAL A 48 ? N VAL A 48 
# 
_pdbx_entry_details.entry_id                   3CAM 
_pdbx_entry_details.compound_details           ? 
_pdbx_entry_details.source_details             ? 
_pdbx_entry_details.nonpolymer_details         ? 
_pdbx_entry_details.sequence_details           ? 
_pdbx_entry_details.has_ligand_of_interest     ? 
_pdbx_entry_details.has_protein_modification   Y 
# 
_pdbx_validate_torsion.id              1 
_pdbx_validate_torsion.PDB_model_num   1 
_pdbx_validate_torsion.auth_comp_id    ALA 
_pdbx_validate_torsion.auth_asym_id    B 
_pdbx_validate_torsion.auth_seq_id     12 
_pdbx_validate_torsion.PDB_ins_code    ? 
_pdbx_validate_torsion.label_alt_id    ? 
_pdbx_validate_torsion.phi             -64.73 
_pdbx_validate_torsion.psi             -71.15 
# 
_pdbx_SG_project.id                    1 
_pdbx_SG_project.project_name          ? 
_pdbx_SG_project.full_name_of_center   'Oxford Protein Production Facility' 
_pdbx_SG_project.initial_of_center     OPPF 
# 
loop_
_pdbx_struct_mod_residue.id 
_pdbx_struct_mod_residue.label_asym_id 
_pdbx_struct_mod_residue.label_comp_id 
_pdbx_struct_mod_residue.label_seq_id 
_pdbx_struct_mod_residue.auth_asym_id 
_pdbx_struct_mod_residue.auth_comp_id 
_pdbx_struct_mod_residue.auth_seq_id 
_pdbx_struct_mod_residue.PDB_ins_code 
_pdbx_struct_mod_residue.parent_comp_id 
_pdbx_struct_mod_residue.details 
1 A MSE 1  A MSE 1  ? MET SELENOMETHIONINE 
2 A MSE 36 A MSE 36 ? MET SELENOMETHIONINE 
3 B MSE 1  B MSE 1  ? MET SELENOMETHIONINE 
4 B MSE 36 B MSE 36 ? MET SELENOMETHIONINE 
# 
loop_
_pdbx_struct_special_symmetry.id 
_pdbx_struct_special_symmetry.PDB_model_num 
_pdbx_struct_special_symmetry.auth_asym_id 
_pdbx_struct_special_symmetry.auth_comp_id 
_pdbx_struct_special_symmetry.auth_seq_id 
_pdbx_struct_special_symmetry.PDB_ins_code 
_pdbx_struct_special_symmetry.label_asym_id 
_pdbx_struct_special_symmetry.label_comp_id 
_pdbx_struct_special_symmetry.label_seq_id 
1 1 A HOH 72 ? C HOH . 
2 1 A HOH 73 ? C HOH . 
# 
loop_
_pdbx_refine_tls.id 
_pdbx_refine_tls.details 
_pdbx_refine_tls.method 
_pdbx_refine_tls.origin_x 
_pdbx_refine_tls.origin_y 
_pdbx_refine_tls.origin_z 
_pdbx_refine_tls.T[1][1] 
_pdbx_refine_tls.T[2][2] 
_pdbx_refine_tls.T[3][3] 
_pdbx_refine_tls.T[1][2] 
_pdbx_refine_tls.T[1][3] 
_pdbx_refine_tls.T[2][3] 
_pdbx_refine_tls.L[1][1] 
_pdbx_refine_tls.L[2][2] 
_pdbx_refine_tls.L[3][3] 
_pdbx_refine_tls.L[1][2] 
_pdbx_refine_tls.L[1][3] 
_pdbx_refine_tls.L[2][3] 
_pdbx_refine_tls.S[1][1] 
_pdbx_refine_tls.S[1][2] 
_pdbx_refine_tls.S[1][3] 
_pdbx_refine_tls.S[2][1] 
_pdbx_refine_tls.S[2][2] 
_pdbx_refine_tls.S[2][3] 
_pdbx_refine_tls.S[3][1] 
_pdbx_refine_tls.S[3][2] 
_pdbx_refine_tls.S[3][3] 
_pdbx_refine_tls.pdbx_refine_id 
1 ? refined 9.6001  -4.1780 3.8856  -0.2121 -0.1288 0.1502  0.0345 0.1385  0.0687  32.0295 9.5636 4.8890 -13.3680 8.5108 -6.1673 -0.3471 -1.1215 -4.3249 0.2603 0.9298 1.8323 -0.2087 -0.5170 -0.5828 'X-RAY DIFFRACTION' 
2 ? refined -9.7488 4.3374  -3.8692 -0.2385 -0.1900 -0.2093 0.1059 -0.0259 -0.1173 16.9827 5.7040 4.9983 0.5947   6.2324 0.1159  0.3245  0.0333  -1.9269 0.1817 0.1282 0.5402 0.2111  0.1089  -0.4527 'X-RAY DIFFRACTION' 
# 
loop_
_pdbx_refine_tls_group.id 
_pdbx_refine_tls_group.refine_tls_id 
_pdbx_refine_tls_group.beg_auth_asym_id 
_pdbx_refine_tls_group.beg_auth_seq_id 
_pdbx_refine_tls_group.beg_label_asym_id 
_pdbx_refine_tls_group.beg_label_seq_id 
_pdbx_refine_tls_group.end_auth_asym_id 
_pdbx_refine_tls_group.end_auth_seq_id 
_pdbx_refine_tls_group.end_label_asym_id 
_pdbx_refine_tls_group.end_label_seq_id 
_pdbx_refine_tls_group.selection 
_pdbx_refine_tls_group.pdbx_refine_id 
_pdbx_refine_tls_group.selection_details 
1 1 A 1  A 1  A 36 A 36 ? 'X-RAY DIFFRACTION' ? 
2 1 B 37 B 37 B 67 B 67 ? 'X-RAY DIFFRACTION' ? 
3 2 A 38 A 38 A 67 A 67 ? 'X-RAY DIFFRACTION' ? 
4 2 B 1  B 1  B 36 B 36 ? 'X-RAY DIFFRACTION' ? 
# 
loop_
_chem_comp_atom.comp_id 
_chem_comp_atom.atom_id 
_chem_comp_atom.type_symbol 
_chem_comp_atom.pdbx_aromatic_flag 
_chem_comp_atom.pdbx_stereo_config 
_chem_comp_atom.pdbx_ordinal 
ALA N    N  N N 1   
ALA CA   C  N S 2   
ALA C    C  N N 3   
ALA O    O  N N 4   
ALA CB   C  N N 5   
ALA OXT  O  N N 6   
ALA H    H  N N 7   
ALA H2   H  N N 8   
ALA HA   H  N N 9   
ALA HB1  H  N N 10  
ALA HB2  H  N N 11  
ALA HB3  H  N N 12  
ALA HXT  H  N N 13  
ARG N    N  N N 14  
ARG CA   C  N S 15  
ARG C    C  N N 16  
ARG O    O  N N 17  
ARG CB   C  N N 18  
ARG CG   C  N N 19  
ARG CD   C  N N 20  
ARG NE   N  N N 21  
ARG CZ   C  N N 22  
ARG NH1  N  N N 23  
ARG NH2  N  N N 24  
ARG OXT  O  N N 25  
ARG H    H  N N 26  
ARG H2   H  N N 27  
ARG HA   H  N N 28  
ARG HB2  H  N N 29  
ARG HB3  H  N N 30  
ARG HG2  H  N N 31  
ARG HG3  H  N N 32  
ARG HD2  H  N N 33  
ARG HD3  H  N N 34  
ARG HE   H  N N 35  
ARG HH11 H  N N 36  
ARG HH12 H  N N 37  
ARG HH21 H  N N 38  
ARG HH22 H  N N 39  
ARG HXT  H  N N 40  
ASN N    N  N N 41  
ASN CA   C  N S 42  
ASN C    C  N N 43  
ASN O    O  N N 44  
ASN CB   C  N N 45  
ASN CG   C  N N 46  
ASN OD1  O  N N 47  
ASN ND2  N  N N 48  
ASN OXT  O  N N 49  
ASN H    H  N N 50  
ASN H2   H  N N 51  
ASN HA   H  N N 52  
ASN HB2  H  N N 53  
ASN HB3  H  N N 54  
ASN HD21 H  N N 55  
ASN HD22 H  N N 56  
ASN HXT  H  N N 57  
ASP N    N  N N 58  
ASP CA   C  N S 59  
ASP C    C  N N 60  
ASP O    O  N N 61  
ASP CB   C  N N 62  
ASP CG   C  N N 63  
ASP OD1  O  N N 64  
ASP OD2  O  N N 65  
ASP OXT  O  N N 66  
ASP H    H  N N 67  
ASP H2   H  N N 68  
ASP HA   H  N N 69  
ASP HB2  H  N N 70  
ASP HB3  H  N N 71  
ASP HD2  H  N N 72  
ASP HXT  H  N N 73  
GLN N    N  N N 74  
GLN CA   C  N S 75  
GLN C    C  N N 76  
GLN O    O  N N 77  
GLN CB   C  N N 78  
GLN CG   C  N N 79  
GLN CD   C  N N 80  
GLN OE1  O  N N 81  
GLN NE2  N  N N 82  
GLN OXT  O  N N 83  
GLN H    H  N N 84  
GLN H2   H  N N 85  
GLN HA   H  N N 86  
GLN HB2  H  N N 87  
GLN HB3  H  N N 88  
GLN HG2  H  N N 89  
GLN HG3  H  N N 90  
GLN HE21 H  N N 91  
GLN HE22 H  N N 92  
GLN HXT  H  N N 93  
GLU N    N  N N 94  
GLU CA   C  N S 95  
GLU C    C  N N 96  
GLU O    O  N N 97  
GLU CB   C  N N 98  
GLU CG   C  N N 99  
GLU CD   C  N N 100 
GLU OE1  O  N N 101 
GLU OE2  O  N N 102 
GLU OXT  O  N N 103 
GLU H    H  N N 104 
GLU H2   H  N N 105 
GLU HA   H  N N 106 
GLU HB2  H  N N 107 
GLU HB3  H  N N 108 
GLU HG2  H  N N 109 
GLU HG3  H  N N 110 
GLU HE2  H  N N 111 
GLU HXT  H  N N 112 
GLY N    N  N N 113 
GLY CA   C  N N 114 
GLY C    C  N N 115 
GLY O    O  N N 116 
GLY OXT  O  N N 117 
GLY H    H  N N 118 
GLY H2   H  N N 119 
GLY HA2  H  N N 120 
GLY HA3  H  N N 121 
GLY HXT  H  N N 122 
HIS N    N  N N 123 
HIS CA   C  N S 124 
HIS C    C  N N 125 
HIS O    O  N N 126 
HIS CB   C  N N 127 
HIS CG   C  Y N 128 
HIS ND1  N  Y N 129 
HIS CD2  C  Y N 130 
HIS CE1  C  Y N 131 
HIS NE2  N  Y N 132 
HIS OXT  O  N N 133 
HIS H    H  N N 134 
HIS H2   H  N N 135 
HIS HA   H  N N 136 
HIS HB2  H  N N 137 
HIS HB3  H  N N 138 
HIS HD1  H  N N 139 
HIS HD2  H  N N 140 
HIS HE1  H  N N 141 
HIS HE2  H  N N 142 
HIS HXT  H  N N 143 
HOH O    O  N N 144 
HOH H1   H  N N 145 
HOH H2   H  N N 146 
ILE N    N  N N 147 
ILE CA   C  N S 148 
ILE C    C  N N 149 
ILE O    O  N N 150 
ILE CB   C  N S 151 
ILE CG1  C  N N 152 
ILE CG2  C  N N 153 
ILE CD1  C  N N 154 
ILE OXT  O  N N 155 
ILE H    H  N N 156 
ILE H2   H  N N 157 
ILE HA   H  N N 158 
ILE HB   H  N N 159 
ILE HG12 H  N N 160 
ILE HG13 H  N N 161 
ILE HG21 H  N N 162 
ILE HG22 H  N N 163 
ILE HG23 H  N N 164 
ILE HD11 H  N N 165 
ILE HD12 H  N N 166 
ILE HD13 H  N N 167 
ILE HXT  H  N N 168 
LEU N    N  N N 169 
LEU CA   C  N S 170 
LEU C    C  N N 171 
LEU O    O  N N 172 
LEU CB   C  N N 173 
LEU CG   C  N N 174 
LEU CD1  C  N N 175 
LEU CD2  C  N N 176 
LEU OXT  O  N N 177 
LEU H    H  N N 178 
LEU H2   H  N N 179 
LEU HA   H  N N 180 
LEU HB2  H  N N 181 
LEU HB3  H  N N 182 
LEU HG   H  N N 183 
LEU HD11 H  N N 184 
LEU HD12 H  N N 185 
LEU HD13 H  N N 186 
LEU HD21 H  N N 187 
LEU HD22 H  N N 188 
LEU HD23 H  N N 189 
LEU HXT  H  N N 190 
LYS N    N  N N 191 
LYS CA   C  N S 192 
LYS C    C  N N 193 
LYS O    O  N N 194 
LYS CB   C  N N 195 
LYS CG   C  N N 196 
LYS CD   C  N N 197 
LYS CE   C  N N 198 
LYS NZ   N  N N 199 
LYS OXT  O  N N 200 
LYS H    H  N N 201 
LYS H2   H  N N 202 
LYS HA   H  N N 203 
LYS HB2  H  N N 204 
LYS HB3  H  N N 205 
LYS HG2  H  N N 206 
LYS HG3  H  N N 207 
LYS HD2  H  N N 208 
LYS HD3  H  N N 209 
LYS HE2  H  N N 210 
LYS HE3  H  N N 211 
LYS HZ1  H  N N 212 
LYS HZ2  H  N N 213 
LYS HZ3  H  N N 214 
LYS HXT  H  N N 215 
MSE N    N  N N 216 
MSE CA   C  N S 217 
MSE C    C  N N 218 
MSE O    O  N N 219 
MSE OXT  O  N N 220 
MSE CB   C  N N 221 
MSE CG   C  N N 222 
MSE SE   SE N N 223 
MSE CE   C  N N 224 
MSE H    H  N N 225 
MSE H2   H  N N 226 
MSE HA   H  N N 227 
MSE HXT  H  N N 228 
MSE HB2  H  N N 229 
MSE HB3  H  N N 230 
MSE HG2  H  N N 231 
MSE HG3  H  N N 232 
MSE HE1  H  N N 233 
MSE HE2  H  N N 234 
MSE HE3  H  N N 235 
PHE N    N  N N 236 
PHE CA   C  N S 237 
PHE C    C  N N 238 
PHE O    O  N N 239 
PHE CB   C  N N 240 
PHE CG   C  Y N 241 
PHE CD1  C  Y N 242 
PHE CD2  C  Y N 243 
PHE CE1  C  Y N 244 
PHE CE2  C  Y N 245 
PHE CZ   C  Y N 246 
PHE OXT  O  N N 247 
PHE H    H  N N 248 
PHE H2   H  N N 249 
PHE HA   H  N N 250 
PHE HB2  H  N N 251 
PHE HB3  H  N N 252 
PHE HD1  H  N N 253 
PHE HD2  H  N N 254 
PHE HE1  H  N N 255 
PHE HE2  H  N N 256 
PHE HZ   H  N N 257 
PHE HXT  H  N N 258 
PRO N    N  N N 259 
PRO CA   C  N S 260 
PRO C    C  N N 261 
PRO O    O  N N 262 
PRO CB   C  N N 263 
PRO CG   C  N N 264 
PRO CD   C  N N 265 
PRO OXT  O  N N 266 
PRO H    H  N N 267 
PRO HA   H  N N 268 
PRO HB2  H  N N 269 
PRO HB3  H  N N 270 
PRO HG2  H  N N 271 
PRO HG3  H  N N 272 
PRO HD2  H  N N 273 
PRO HD3  H  N N 274 
PRO HXT  H  N N 275 
SER N    N  N N 276 
SER CA   C  N S 277 
SER C    C  N N 278 
SER O    O  N N 279 
SER CB   C  N N 280 
SER OG   O  N N 281 
SER OXT  O  N N 282 
SER H    H  N N 283 
SER H2   H  N N 284 
SER HA   H  N N 285 
SER HB2  H  N N 286 
SER HB3  H  N N 287 
SER HG   H  N N 288 
SER HXT  H  N N 289 
THR N    N  N N 290 
THR CA   C  N S 291 
THR C    C  N N 292 
THR O    O  N N 293 
THR CB   C  N R 294 
THR OG1  O  N N 295 
THR CG2  C  N N 296 
THR OXT  O  N N 297 
THR H    H  N N 298 
THR H2   H  N N 299 
THR HA   H  N N 300 
THR HB   H  N N 301 
THR HG1  H  N N 302 
THR HG21 H  N N 303 
THR HG22 H  N N 304 
THR HG23 H  N N 305 
THR HXT  H  N N 306 
TRP N    N  N N 307 
TRP CA   C  N S 308 
TRP C    C  N N 309 
TRP O    O  N N 310 
TRP CB   C  N N 311 
TRP CG   C  Y N 312 
TRP CD1  C  Y N 313 
TRP CD2  C  Y N 314 
TRP NE1  N  Y N 315 
TRP CE2  C  Y N 316 
TRP CE3  C  Y N 317 
TRP CZ2  C  Y N 318 
TRP CZ3  C  Y N 319 
TRP CH2  C  Y N 320 
TRP OXT  O  N N 321 
TRP H    H  N N 322 
TRP H2   H  N N 323 
TRP HA   H  N N 324 
TRP HB2  H  N N 325 
TRP HB3  H  N N 326 
TRP HD1  H  N N 327 
TRP HE1  H  N N 328 
TRP HE3  H  N N 329 
TRP HZ2  H  N N 330 
TRP HZ3  H  N N 331 
TRP HH2  H  N N 332 
TRP HXT  H  N N 333 
VAL N    N  N N 334 
VAL CA   C  N S 335 
VAL C    C  N N 336 
VAL O    O  N N 337 
VAL CB   C  N N 338 
VAL CG1  C  N N 339 
VAL CG2  C  N N 340 
VAL OXT  O  N N 341 
VAL H    H  N N 342 
VAL H2   H  N N 343 
VAL HA   H  N N 344 
VAL HB   H  N N 345 
VAL HG11 H  N N 346 
VAL HG12 H  N N 347 
VAL HG13 H  N N 348 
VAL HG21 H  N N 349 
VAL HG22 H  N N 350 
VAL HG23 H  N N 351 
VAL HXT  H  N N 352 
# 
loop_
_chem_comp_bond.comp_id 
_chem_comp_bond.atom_id_1 
_chem_comp_bond.atom_id_2 
_chem_comp_bond.value_order 
_chem_comp_bond.pdbx_aromatic_flag 
_chem_comp_bond.pdbx_stereo_config 
_chem_comp_bond.pdbx_ordinal 
ALA N   CA   sing N N 1   
ALA N   H    sing N N 2   
ALA N   H2   sing N N 3   
ALA CA  C    sing N N 4   
ALA CA  CB   sing N N 5   
ALA CA  HA   sing N N 6   
ALA C   O    doub N N 7   
ALA C   OXT  sing N N 8   
ALA CB  HB1  sing N N 9   
ALA CB  HB2  sing N N 10  
ALA CB  HB3  sing N N 11  
ALA OXT HXT  sing N N 12  
ARG N   CA   sing N N 13  
ARG N   H    sing N N 14  
ARG N   H2   sing N N 15  
ARG CA  C    sing N N 16  
ARG CA  CB   sing N N 17  
ARG CA  HA   sing N N 18  
ARG C   O    doub N N 19  
ARG C   OXT  sing N N 20  
ARG CB  CG   sing N N 21  
ARG CB  HB2  sing N N 22  
ARG CB  HB3  sing N N 23  
ARG CG  CD   sing N N 24  
ARG CG  HG2  sing N N 25  
ARG CG  HG3  sing N N 26  
ARG CD  NE   sing N N 27  
ARG CD  HD2  sing N N 28  
ARG CD  HD3  sing N N 29  
ARG NE  CZ   sing N N 30  
ARG NE  HE   sing N N 31  
ARG CZ  NH1  sing N N 32  
ARG CZ  NH2  doub N N 33  
ARG NH1 HH11 sing N N 34  
ARG NH1 HH12 sing N N 35  
ARG NH2 HH21 sing N N 36  
ARG NH2 HH22 sing N N 37  
ARG OXT HXT  sing N N 38  
ASN N   CA   sing N N 39  
ASN N   H    sing N N 40  
ASN N   H2   sing N N 41  
ASN CA  C    sing N N 42  
ASN CA  CB   sing N N 43  
ASN CA  HA   sing N N 44  
ASN C   O    doub N N 45  
ASN C   OXT  sing N N 46  
ASN CB  CG   sing N N 47  
ASN CB  HB2  sing N N 48  
ASN CB  HB3  sing N N 49  
ASN CG  OD1  doub N N 50  
ASN CG  ND2  sing N N 51  
ASN ND2 HD21 sing N N 52  
ASN ND2 HD22 sing N N 53  
ASN OXT HXT  sing N N 54  
ASP N   CA   sing N N 55  
ASP N   H    sing N N 56  
ASP N   H2   sing N N 57  
ASP CA  C    sing N N 58  
ASP CA  CB   sing N N 59  
ASP CA  HA   sing N N 60  
ASP C   O    doub N N 61  
ASP C   OXT  sing N N 62  
ASP CB  CG   sing N N 63  
ASP CB  HB2  sing N N 64  
ASP CB  HB3  sing N N 65  
ASP CG  OD1  doub N N 66  
ASP CG  OD2  sing N N 67  
ASP OD2 HD2  sing N N 68  
ASP OXT HXT  sing N N 69  
GLN N   CA   sing N N 70  
GLN N   H    sing N N 71  
GLN N   H2   sing N N 72  
GLN CA  C    sing N N 73  
GLN CA  CB   sing N N 74  
GLN CA  HA   sing N N 75  
GLN C   O    doub N N 76  
GLN C   OXT  sing N N 77  
GLN CB  CG   sing N N 78  
GLN CB  HB2  sing N N 79  
GLN CB  HB3  sing N N 80  
GLN CG  CD   sing N N 81  
GLN CG  HG2  sing N N 82  
GLN CG  HG3  sing N N 83  
GLN CD  OE1  doub N N 84  
GLN CD  NE2  sing N N 85  
GLN NE2 HE21 sing N N 86  
GLN NE2 HE22 sing N N 87  
GLN OXT HXT  sing N N 88  
GLU N   CA   sing N N 89  
GLU N   H    sing N N 90  
GLU N   H2   sing N N 91  
GLU CA  C    sing N N 92  
GLU CA  CB   sing N N 93  
GLU CA  HA   sing N N 94  
GLU C   O    doub N N 95  
GLU C   OXT  sing N N 96  
GLU CB  CG   sing N N 97  
GLU CB  HB2  sing N N 98  
GLU CB  HB3  sing N N 99  
GLU CG  CD   sing N N 100 
GLU CG  HG2  sing N N 101 
GLU CG  HG3  sing N N 102 
GLU CD  OE1  doub N N 103 
GLU CD  OE2  sing N N 104 
GLU OE2 HE2  sing N N 105 
GLU OXT HXT  sing N N 106 
GLY N   CA   sing N N 107 
GLY N   H    sing N N 108 
GLY N   H2   sing N N 109 
GLY CA  C    sing N N 110 
GLY CA  HA2  sing N N 111 
GLY CA  HA3  sing N N 112 
GLY C   O    doub N N 113 
GLY C   OXT  sing N N 114 
GLY OXT HXT  sing N N 115 
HIS N   CA   sing N N 116 
HIS N   H    sing N N 117 
HIS N   H2   sing N N 118 
HIS CA  C    sing N N 119 
HIS CA  CB   sing N N 120 
HIS CA  HA   sing N N 121 
HIS C   O    doub N N 122 
HIS C   OXT  sing N N 123 
HIS CB  CG   sing N N 124 
HIS CB  HB2  sing N N 125 
HIS CB  HB3  sing N N 126 
HIS CG  ND1  sing Y N 127 
HIS CG  CD2  doub Y N 128 
HIS ND1 CE1  doub Y N 129 
HIS ND1 HD1  sing N N 130 
HIS CD2 NE2  sing Y N 131 
HIS CD2 HD2  sing N N 132 
HIS CE1 NE2  sing Y N 133 
HIS CE1 HE1  sing N N 134 
HIS NE2 HE2  sing N N 135 
HIS OXT HXT  sing N N 136 
HOH O   H1   sing N N 137 
HOH O   H2   sing N N 138 
ILE N   CA   sing N N 139 
ILE N   H    sing N N 140 
ILE N   H2   sing N N 141 
ILE CA  C    sing N N 142 
ILE CA  CB   sing N N 143 
ILE CA  HA   sing N N 144 
ILE C   O    doub N N 145 
ILE C   OXT  sing N N 146 
ILE CB  CG1  sing N N 147 
ILE CB  CG2  sing N N 148 
ILE CB  HB   sing N N 149 
ILE CG1 CD1  sing N N 150 
ILE CG1 HG12 sing N N 151 
ILE CG1 HG13 sing N N 152 
ILE CG2 HG21 sing N N 153 
ILE CG2 HG22 sing N N 154 
ILE CG2 HG23 sing N N 155 
ILE CD1 HD11 sing N N 156 
ILE CD1 HD12 sing N N 157 
ILE CD1 HD13 sing N N 158 
ILE OXT HXT  sing N N 159 
LEU N   CA   sing N N 160 
LEU N   H    sing N N 161 
LEU N   H2   sing N N 162 
LEU CA  C    sing N N 163 
LEU CA  CB   sing N N 164 
LEU CA  HA   sing N N 165 
LEU C   O    doub N N 166 
LEU C   OXT  sing N N 167 
LEU CB  CG   sing N N 168 
LEU CB  HB2  sing N N 169 
LEU CB  HB3  sing N N 170 
LEU CG  CD1  sing N N 171 
LEU CG  CD2  sing N N 172 
LEU CG  HG   sing N N 173 
LEU CD1 HD11 sing N N 174 
LEU CD1 HD12 sing N N 175 
LEU CD1 HD13 sing N N 176 
LEU CD2 HD21 sing N N 177 
LEU CD2 HD22 sing N N 178 
LEU CD2 HD23 sing N N 179 
LEU OXT HXT  sing N N 180 
LYS N   CA   sing N N 181 
LYS N   H    sing N N 182 
LYS N   H2   sing N N 183 
LYS CA  C    sing N N 184 
LYS CA  CB   sing N N 185 
LYS CA  HA   sing N N 186 
LYS C   O    doub N N 187 
LYS C   OXT  sing N N 188 
LYS CB  CG   sing N N 189 
LYS CB  HB2  sing N N 190 
LYS CB  HB3  sing N N 191 
LYS CG  CD   sing N N 192 
LYS CG  HG2  sing N N 193 
LYS CG  HG3  sing N N 194 
LYS CD  CE   sing N N 195 
LYS CD  HD2  sing N N 196 
LYS CD  HD3  sing N N 197 
LYS CE  NZ   sing N N 198 
LYS CE  HE2  sing N N 199 
LYS CE  HE3  sing N N 200 
LYS NZ  HZ1  sing N N 201 
LYS NZ  HZ2  sing N N 202 
LYS NZ  HZ3  sing N N 203 
LYS OXT HXT  sing N N 204 
MSE N   CA   sing N N 205 
MSE N   H    sing N N 206 
MSE N   H2   sing N N 207 
MSE CA  C    sing N N 208 
MSE CA  CB   sing N N 209 
MSE CA  HA   sing N N 210 
MSE C   O    doub N N 211 
MSE C   OXT  sing N N 212 
MSE OXT HXT  sing N N 213 
MSE CB  CG   sing N N 214 
MSE CB  HB2  sing N N 215 
MSE CB  HB3  sing N N 216 
MSE CG  SE   sing N N 217 
MSE CG  HG2  sing N N 218 
MSE CG  HG3  sing N N 219 
MSE SE  CE   sing N N 220 
MSE CE  HE1  sing N N 221 
MSE CE  HE2  sing N N 222 
MSE CE  HE3  sing N N 223 
PHE N   CA   sing N N 224 
PHE N   H    sing N N 225 
PHE N   H2   sing N N 226 
PHE CA  C    sing N N 227 
PHE CA  CB   sing N N 228 
PHE CA  HA   sing N N 229 
PHE C   O    doub N N 230 
PHE C   OXT  sing N N 231 
PHE CB  CG   sing N N 232 
PHE CB  HB2  sing N N 233 
PHE CB  HB3  sing N N 234 
PHE CG  CD1  doub Y N 235 
PHE CG  CD2  sing Y N 236 
PHE CD1 CE1  sing Y N 237 
PHE CD1 HD1  sing N N 238 
PHE CD2 CE2  doub Y N 239 
PHE CD2 HD2  sing N N 240 
PHE CE1 CZ   doub Y N 241 
PHE CE1 HE1  sing N N 242 
PHE CE2 CZ   sing Y N 243 
PHE CE2 HE2  sing N N 244 
PHE CZ  HZ   sing N N 245 
PHE OXT HXT  sing N N 246 
PRO N   CA   sing N N 247 
PRO N   CD   sing N N 248 
PRO N   H    sing N N 249 
PRO CA  C    sing N N 250 
PRO CA  CB   sing N N 251 
PRO CA  HA   sing N N 252 
PRO C   O    doub N N 253 
PRO C   OXT  sing N N 254 
PRO CB  CG   sing N N 255 
PRO CB  HB2  sing N N 256 
PRO CB  HB3  sing N N 257 
PRO CG  CD   sing N N 258 
PRO CG  HG2  sing N N 259 
PRO CG  HG3  sing N N 260 
PRO CD  HD2  sing N N 261 
PRO CD  HD3  sing N N 262 
PRO OXT HXT  sing N N 263 
SER N   CA   sing N N 264 
SER N   H    sing N N 265 
SER N   H2   sing N N 266 
SER CA  C    sing N N 267 
SER CA  CB   sing N N 268 
SER CA  HA   sing N N 269 
SER C   O    doub N N 270 
SER C   OXT  sing N N 271 
SER CB  OG   sing N N 272 
SER CB  HB2  sing N N 273 
SER CB  HB3  sing N N 274 
SER OG  HG   sing N N 275 
SER OXT HXT  sing N N 276 
THR N   CA   sing N N 277 
THR N   H    sing N N 278 
THR N   H2   sing N N 279 
THR CA  C    sing N N 280 
THR CA  CB   sing N N 281 
THR CA  HA   sing N N 282 
THR C   O    doub N N 283 
THR C   OXT  sing N N 284 
THR CB  OG1  sing N N 285 
THR CB  CG2  sing N N 286 
THR CB  HB   sing N N 287 
THR OG1 HG1  sing N N 288 
THR CG2 HG21 sing N N 289 
THR CG2 HG22 sing N N 290 
THR CG2 HG23 sing N N 291 
THR OXT HXT  sing N N 292 
TRP N   CA   sing N N 293 
TRP N   H    sing N N 294 
TRP N   H2   sing N N 295 
TRP CA  C    sing N N 296 
TRP CA  CB   sing N N 297 
TRP CA  HA   sing N N 298 
TRP C   O    doub N N 299 
TRP C   OXT  sing N N 300 
TRP CB  CG   sing N N 301 
TRP CB  HB2  sing N N 302 
TRP CB  HB3  sing N N 303 
TRP CG  CD1  doub Y N 304 
TRP CG  CD2  sing Y N 305 
TRP CD1 NE1  sing Y N 306 
TRP CD1 HD1  sing N N 307 
TRP CD2 CE2  doub Y N 308 
TRP CD2 CE3  sing Y N 309 
TRP NE1 CE2  sing Y N 310 
TRP NE1 HE1  sing N N 311 
TRP CE2 CZ2  sing Y N 312 
TRP CE3 CZ3  doub Y N 313 
TRP CE3 HE3  sing N N 314 
TRP CZ2 CH2  doub Y N 315 
TRP CZ2 HZ2  sing N N 316 
TRP CZ3 CH2  sing Y N 317 
TRP CZ3 HZ3  sing N N 318 
TRP CH2 HH2  sing N N 319 
TRP OXT HXT  sing N N 320 
VAL N   CA   sing N N 321 
VAL N   H    sing N N 322 
VAL N   H2   sing N N 323 
VAL CA  C    sing N N 324 
VAL CA  CB   sing N N 325 
VAL CA  HA   sing N N 326 
VAL C   O    doub N N 327 
VAL C   OXT  sing N N 328 
VAL CB  CG1  sing N N 329 
VAL CB  CG2  sing N N 330 
VAL CB  HB   sing N N 331 
VAL CG1 HG11 sing N N 332 
VAL CG1 HG12 sing N N 333 
VAL CG1 HG13 sing N N 334 
VAL CG2 HG21 sing N N 335 
VAL CG2 HG22 sing N N 336 
VAL CG2 HG23 sing N N 337 
VAL OXT HXT  sing N N 338 
# 
_atom_sites.entry_id                    3CAM 
_atom_sites.fract_transf_matrix[1][1]   -0.01486530 
_atom_sites.fract_transf_matrix[1][2]   0.00714565 
_atom_sites.fract_transf_matrix[1][3]   -0.00341802 
_atom_sites.fract_transf_matrix[2][1]   0.00777588 
_atom_sites.fract_transf_matrix[2][2]   0.01454952 
_atom_sites.fract_transf_matrix[2][3]   -0.00340109 
_atom_sites.fract_transf_matrix[3][1]   0.00100224 
_atom_sites.fract_transf_matrix[3][2]   -0.00304038 
_atom_sites.fract_transf_matrix[3][3]   -0.01071500 
_atom_sites.fract_transf_vector[1]      0.772958 
_atom_sites.fract_transf_vector[2]      0.098093 
_atom_sites.fract_transf_vector[3]      0.382411 
# 
loop_
_atom_type.symbol 
C  
N  
O  
SE 
# 
loop_
_atom_site.group_PDB 
_atom_site.id 
_atom_site.type_symbol 
_atom_site.label_atom_id 
_atom_site.label_alt_id 
_atom_site.label_comp_id 
_atom_site.label_asym_id 
_atom_site.label_entity_id 
_atom_site.label_seq_id 
_atom_site.pdbx_PDB_ins_code 
_atom_site.Cartn_x 
_atom_site.Cartn_y 
_atom_site.Cartn_z 
_atom_site.occupancy 
_atom_site.B_iso_or_equiv 
_atom_site.pdbx_formal_charge 
_atom_site.auth_seq_id 
_atom_site.auth_comp_id 
_atom_site.auth_asym_id 
_atom_site.auth_atom_id 
_atom_site.pdbx_PDB_model_num 
HETATM 1    N  N   . MSE A 1 1  ? 11.102  -8.576  -10.834 1.00 90.82  ? 1  MSE A N   1 
HETATM 2    C  CA  . MSE A 1 1  ? 11.214  -7.953  -9.485  1.00 93.17  ? 1  MSE A CA  1 
HETATM 3    C  C   . MSE A 1 1  ? 10.454  -8.810  -8.470  1.00 87.77  ? 1  MSE A C   1 
HETATM 4    O  O   . MSE A 1 1  ? 9.329   -9.234  -8.733  1.00 87.10  ? 1  MSE A O   1 
HETATM 5    C  CB  . MSE A 1 1  ? 10.662  -6.524  -9.525  1.00 93.47  ? 1  MSE A CB  1 
HETATM 6    C  CG  . MSE A 1 1  ? 11.433  -5.527  -8.671  1.00 99.08  ? 1  MSE A CG  1 
HETATM 7    SE SE  . MSE A 1 1  ? 10.694  -3.706  -8.707  1.00 115.76 ? 1  MSE A SE  1 
HETATM 8    C  CE  . MSE A 1 1  ? 9.963   -3.679  -10.535 1.00 105.58 ? 1  MSE A CE  1 
ATOM   9    N  N   . ALA A 1 2  ? 11.072  -9.062  -7.317  1.00 83.56  ? 2  ALA A N   1 
ATOM   10   C  CA  . ALA A 1 2  ? 10.516  -9.969  -6.304  1.00 81.59  ? 2  ALA A CA  1 
ATOM   11   C  C   . ALA A 1 2  ? 9.376   -9.326  -5.515  1.00 78.21  ? 2  ALA A C   1 
ATOM   12   O  O   . ALA A 1 2  ? 9.338   -8.104  -5.375  1.00 79.07  ? 2  ALA A O   1 
ATOM   13   C  CB  . ALA A 1 2  ? 11.611  -10.422 -5.353  1.00 79.90  ? 2  ALA A CB  1 
ATOM   14   N  N   . THR A 1 3  ? 8.456   -10.154 -5.004  1.00 73.01  ? 3  THR A N   1 
ATOM   15   C  CA  . THR A 1 3  ? 7.313   -9.674  -4.216  1.00 71.04  ? 3  THR A CA  1 
ATOM   16   C  C   . THR A 1 3  ? 7.073   -10.471 -2.930  1.00 67.97  ? 3  THR A C   1 
ATOM   17   O  O   . THR A 1 3  ? 7.659   -11.522 -2.724  1.00 64.37  ? 3  THR A O   1 
ATOM   18   C  CB  . THR A 1 3  ? 6.021   -9.645  -5.056  1.00 68.95  ? 3  THR A CB  1 
ATOM   19   O  OG1 . THR A 1 3  ? 5.491   -10.970 -5.206  1.00 73.24  ? 3  THR A OG1 1 
ATOM   20   C  CG2 . THR A 1 3  ? 6.292   -9.041  -6.430  1.00 67.61  ? 3  THR A CG2 1 
ATOM   21   N  N   . GLY A 1 4  ? 6.208   -9.943  -2.066  1.00 70.84  ? 4  GLY A N   1 
ATOM   22   C  CA  . GLY A 1 4  ? 5.944   -10.542 -0.754  1.00 69.44  ? 4  GLY A CA  1 
ATOM   23   C  C   . GLY A 1 4  ? 4.958   -9.729  0.072   1.00 68.31  ? 4  GLY A C   1 
ATOM   24   O  O   . GLY A 1 4  ? 4.580   -8.624  -0.311  1.00 69.83  ? 4  GLY A O   1 
ATOM   25   N  N   . ILE A 1 5  ? 4.536   -10.282 1.206   1.00 67.88  ? 5  ILE A N   1 
ATOM   26   C  CA  . ILE A 1 5  ? 3.612   -9.601  2.109   1.00 69.18  ? 5  ILE A CA  1 
ATOM   27   C  C   . ILE A 1 5  ? 4.340   -9.089  3.345   1.00 67.57  ? 5  ILE A C   1 
ATOM   28   O  O   . ILE A 1 5  ? 5.199   -9.777  3.886   1.00 71.07  ? 5  ILE A O   1 
ATOM   29   C  CB  . ILE A 1 5  ? 2.485   -10.545 2.567   1.00 71.03  ? 5  ILE A CB  1 
ATOM   30   C  CG1 . ILE A 1 5  ? 1.628   -10.969 1.371   1.00 76.06  ? 5  ILE A CG1 1 
ATOM   31   C  CG2 . ILE A 1 5  ? 1.610   -9.871  3.622   1.00 73.24  ? 5  ILE A CG2 1 
ATOM   32   C  CD1 . ILE A 1 5  ? 0.392   -11.786 1.743   1.00 72.22  ? 5  ILE A CD1 1 
ATOM   33   N  N   . VAL A 1 6  ? 3.992   -7.880  3.783   1.00 68.03  ? 6  VAL A N   1 
ATOM   34   C  CA  . VAL A 1 6  ? 4.516   -7.324  5.032   1.00 69.82  ? 6  VAL A CA  1 
ATOM   35   C  C   . VAL A 1 6  ? 3.950   -8.125  6.206   1.00 69.81  ? 6  VAL A C   1 
ATOM   36   O  O   . VAL A 1 6  ? 2.747   -8.115  6.447   1.00 69.29  ? 6  VAL A O   1 
ATOM   37   C  CB  . VAL A 1 6  ? 4.146   -5.826  5.193   1.00 66.67  ? 6  VAL A CB  1 
ATOM   38   C  CG1 . VAL A 1 6  ? 4.559   -5.298  6.569   1.00 55.63  ? 6  VAL A CG1 1 
ATOM   39   C  CG2 . VAL A 1 6  ? 4.783   -4.993  4.085   1.00 71.26  ? 6  VAL A CG2 1 
ATOM   40   N  N   . LYS A 1 7  ? 4.827   -8.822  6.921   1.00 77.10  ? 7  LYS A N   1 
ATOM   41   C  CA  . LYS A 1 7  ? 4.436   -9.701  8.027   1.00 79.58  ? 7  LYS A CA  1 
ATOM   42   C  C   . LYS A 1 7  ? 4.127   -8.912  9.299   1.00 80.73  ? 7  LYS A C   1 
ATOM   43   O  O   . LYS A 1 7  ? 3.139   -9.181  9.980   1.00 82.95  ? 7  LYS A O   1 
ATOM   44   C  CB  . LYS A 1 7  ? 5.577   -10.692 8.313   1.00 79.64  ? 7  LYS A CB  1 
ATOM   45   C  CG  . LYS A 1 7  ? 5.258   -11.769 9.343   1.00 80.75  ? 7  LYS A CG  1 
ATOM   46   C  CD  . LYS A 1 7  ? 6.528   -12.320 9.987   1.00 82.37  ? 7  LYS A CD  1 
ATOM   47   C  CE  . LYS A 1 7  ? 6.206   -13.286 11.120  1.00 82.45  ? 7  LYS A CE  1 
ATOM   48   N  NZ  . LYS A 1 7  ? 7.393   -13.566 11.973  1.00 79.79  ? 7  LYS A NZ  1 
ATOM   49   N  N   . TRP A 1 8  ? 5.000   -7.963  9.626   1.00 85.91  ? 8  TRP A N   1 
ATOM   50   C  CA  . TRP A 1 8  ? 4.857   -7.127  10.825  1.00 87.59  ? 8  TRP A CA  1 
ATOM   51   C  C   . TRP A 1 8  ? 5.768   -5.894  10.725  1.00 90.31  ? 8  TRP A C   1 
ATOM   52   O  O   . TRP A 1 8  ? 6.780   -5.927  10.015  1.00 91.57  ? 8  TRP A O   1 
ATOM   53   C  CB  . TRP A 1 8  ? 5.147   -7.921  12.099  1.00 95.18  ? 8  TRP A CB  1 
ATOM   54   C  CG  . TRP A 1 8  ? 6.579   -7.946  12.506  1.00 97.66  ? 8  TRP A CG  1 
ATOM   55   C  CD1 . TRP A 1 8  ? 7.542   -8.785  12.046  1.00 98.65  ? 8  TRP A CD1 1 
ATOM   56   C  CD2 . TRP A 1 8  ? 7.209   -7.102  13.478  1.00 102.24 ? 8  TRP A CD2 1 
ATOM   57   N  NE1 . TRP A 1 8  ? 8.738   -8.515  12.663  1.00 100.98 ? 8  TRP A NE1 1 
ATOM   58   C  CE2 . TRP A 1 8  ? 8.562   -7.485  13.548  1.00 99.92  ? 8  TRP A CE2 1 
ATOM   59   C  CE3 . TRP A 1 8  ? 6.761   -6.056  14.294  1.00 105.85 ? 8  TRP A CE3 1 
ATOM   60   C  CZ2 . TRP A 1 8  ? 9.477   -6.860  14.401  1.00 99.33  ? 8  TRP A CZ2 1 
ATOM   61   C  CZ3 . TRP A 1 8  ? 7.671   -5.435  15.144  1.00 102.44 ? 8  TRP A CZ3 1 
ATOM   62   C  CH2 . TRP A 1 8  ? 9.013   -5.841  15.189  1.00 99.49  ? 8  TRP A CH2 1 
ATOM   63   N  N   . PHE A 1 9  ? 5.411   -4.818  11.432  1.00 87.59  ? 9  PHE A N   1 
ATOM   64   C  CA  . PHE A 1 9  ? 6.110   -3.528  11.295  1.00 86.39  ? 9  PHE A CA  1 
ATOM   65   C  C   . PHE A 1 9  ? 5.881   -2.606  12.489  1.00 82.78  ? 9  PHE A C   1 
ATOM   66   O  O   . PHE A 1 9  ? 4.741   -2.265  12.785  1.00 84.49  ? 9  PHE A O   1 
ATOM   67   C  CB  . PHE A 1 9  ? 5.640   -2.814  10.020  1.00 85.00  ? 9  PHE A CB  1 
ATOM   68   C  CG  . PHE A 1 9  ? 6.502   -1.644  9.621   1.00 86.97  ? 9  PHE A CG  1 
ATOM   69   C  CD1 . PHE A 1 9  ? 7.456   -1.779  8.619   1.00 89.28  ? 9  PHE A CD1 1 
ATOM   70   C  CD2 . PHE A 1 9  ? 6.360   -0.405  10.242  1.00 84.19  ? 9  PHE A CD2 1 
ATOM   71   C  CE1 . PHE A 1 9  ? 8.258   -0.699  8.244   1.00 86.19  ? 9  PHE A CE1 1 
ATOM   72   C  CE2 . PHE A 1 9  ? 7.158   0.676   9.875   1.00 83.63  ? 9  PHE A CE2 1 
ATOM   73   C  CZ  . PHE A 1 9  ? 8.106   0.528   8.872   1.00 84.64  ? 9  PHE A CZ  1 
ATOM   74   N  N   . ASN A 1 10 ? 6.956   -2.177  13.152  1.00 81.67  ? 10 ASN A N   1 
ATOM   75   C  CA  . ASN A 1 10 ? 6.832   -1.230  14.266  1.00 86.36  ? 10 ASN A CA  1 
ATOM   76   C  C   . ASN A 1 10 ? 7.184   0.200   13.856  1.00 86.71  ? 10 ASN A C   1 
ATOM   77   O  O   . ASN A 1 10 ? 8.270   0.447   13.323  1.00 82.56  ? 10 ASN A O   1 
ATOM   78   C  CB  . ASN A 1 10 ? 7.677   -1.670  15.469  1.00 88.26  ? 10 ASN A CB  1 
ATOM   79   C  CG  . ASN A 1 10 ? 9.034   -1.012  15.514  1.00 86.24  ? 10 ASN A CG  1 
ATOM   80   O  OD1 . ASN A 1 10 ? 9.304   -0.165  16.372  1.00 80.18  ? 10 ASN A OD1 1 
ATOM   81   N  ND2 . ASN A 1 10 ? 9.899   -1.393  14.587  1.00 86.55  ? 10 ASN A ND2 1 
ATOM   82   N  N   . ASP A 1 11 ? 6.265   1.134   14.121  1.00 88.03  ? 11 ASP A N   1 
ATOM   83   C  CA  . ASP A 1 11 ? 6.433   2.539   13.717  1.00 87.59  ? 11 ASP A CA  1 
ATOM   84   C  C   . ASP A 1 11 ? 7.389   3.331   14.615  1.00 88.02  ? 11 ASP A C   1 
ATOM   85   O  O   . ASP A 1 11 ? 7.748   4.464   14.282  1.00 87.20  ? 11 ASP A O   1 
ATOM   86   C  CB  . ASP A 1 11 ? 5.087   3.268   13.689  1.00 86.18  ? 11 ASP A CB  1 
ATOM   87   C  CG  . ASP A 1 11 ? 4.135   2.728   12.638  1.00 90.14  ? 11 ASP A CG  1 
ATOM   88   O  OD1 . ASP A 1 11 ? 4.556   1.921   11.784  1.00 95.22  ? 11 ASP A OD1 1 
ATOM   89   O  OD2 . ASP A 1 11 ? 2.947   3.124   12.667  1.00 90.71  ? 11 ASP A OD2 1 
ATOM   90   N  N   . ALA A 1 12 ? 7.783   2.754   15.749  1.00 88.52  ? 12 ALA A N   1 
ATOM   91   C  CA  . ALA A 1 12 ? 8.703   3.413   16.685  1.00 87.40  ? 12 ALA A CA  1 
ATOM   92   C  C   . ALA A 1 12 ? 10.061  3.732   16.058  1.00 86.22  ? 12 ALA A C   1 
ATOM   93   O  O   . ALA A 1 12 ? 10.396  4.896   15.834  1.00 84.23  ? 12 ALA A O   1 
ATOM   94   C  CB  . ALA A 1 12 ? 8.890   2.551   17.924  1.00 88.68  ? 12 ALA A CB  1 
ATOM   95   N  N   . LYS A 1 13 ? 10.838  2.689   15.785  1.00 84.38  ? 13 LYS A N   1 
ATOM   96   C  CA  . LYS A 1 13 ? 12.142  2.838   15.127  1.00 83.45  ? 13 LYS A CA  1 
ATOM   97   C  C   . LYS A 1 13 ? 12.047  2.760   13.591  1.00 84.43  ? 13 LYS A C   1 
ATOM   98   O  O   . LYS A 1 13 ? 13.034  3.017   12.893  1.00 84.01  ? 13 LYS A O   1 
ATOM   99   C  CB  . LYS A 1 13 ? 13.131  1.802   15.668  1.00 80.52  ? 13 LYS A CB  1 
ATOM   100  C  CG  . LYS A 1 13 ? 12.725  0.348   15.437  1.00 77.63  ? 13 LYS A CG  1 
ATOM   101  C  CD  . LYS A 1 13 ? 12.790  -0.495  16.716  1.00 76.17  ? 13 LYS A CD  1 
ATOM   102  C  CE  . LYS A 1 13 ? 14.208  -0.931  17.076  1.00 78.28  ? 13 LYS A CE  1 
ATOM   103  N  NZ  . LYS A 1 13 ? 15.180  0.192   17.188  1.00 77.92  ? 13 LYS A NZ  1 
ATOM   104  N  N   . GLY A 1 14 ? 10.870  2.392   13.078  1.00 79.99  ? 14 GLY A N   1 
ATOM   105  C  CA  . GLY A 1 14 ? 10.571  2.493   11.653  1.00 81.49  ? 14 GLY A CA  1 
ATOM   106  C  C   . GLY A 1 14 ? 11.062  1.377   10.741  1.00 80.11  ? 14 GLY A C   1 
ATOM   107  O  O   . GLY A 1 14 ? 11.546  1.637   9.633   1.00 72.32  ? 14 GLY A O   1 
ATOM   108  N  N   . PHE A 1 15 ? 10.935  0.131   11.187  1.00 78.59  ? 15 PHE A N   1 
ATOM   109  C  CA  . PHE A 1 15 ? 11.165  -1.006  10.290  1.00 76.48  ? 15 PHE A CA  1 
ATOM   110  C  C   . PHE A 1 15 ? 10.252  -2.163  10.613  1.00 71.23  ? 15 PHE A C   1 
ATOM   111  O  O   . PHE A 1 15 ? 9.539   -2.149  11.596  1.00 64.13  ? 15 PHE A O   1 
ATOM   112  C  CB  . PHE A 1 15 ? 12.629  -1.469  10.314  1.00 75.73  ? 15 PHE A CB  1 
ATOM   113  C  CG  . PHE A 1 15 ? 13.069  -2.070  11.618  1.00 82.47  ? 15 PHE A CG  1 
ATOM   114  C  CD1 . PHE A 1 15 ? 12.610  -3.322  12.027  1.00 82.51  ? 15 PHE A CD1 1 
ATOM   115  C  CD2 . PHE A 1 15 ? 13.980  -1.404  12.424  1.00 85.87  ? 15 PHE A CD2 1 
ATOM   116  C  CE1 . PHE A 1 15 ? 13.033  -3.880  13.226  1.00 74.33  ? 15 PHE A CE1 1 
ATOM   117  C  CE2 . PHE A 1 15 ? 14.410  -1.965  13.617  1.00 78.28  ? 15 PHE A CE2 1 
ATOM   118  C  CZ  . PHE A 1 15 ? 13.932  -3.202  14.018  1.00 73.97  ? 15 PHE A CZ  1 
ATOM   119  N  N   . GLY A 1 16 ? 10.292  -3.171  9.760   1.00 73.06  ? 16 GLY A N   1 
ATOM   120  C  CA  . GLY A 1 16 ? 9.512   -4.379  9.958   1.00 75.55  ? 16 GLY A CA  1 
ATOM   121  C  C   . GLY A 1 16 ? 10.151  -5.539  9.237   1.00 76.04  ? 16 GLY A C   1 
ATOM   122  O  O   . GLY A 1 16 ? 11.340  -5.500  8.925   1.00 79.71  ? 16 GLY A O   1 
ATOM   123  N  N   . PHE A 1 17 ? 9.364   -6.579  8.981   1.00 73.84  ? 17 PHE A N   1 
ATOM   124  C  CA  . PHE A 1 17 ? 9.845   -7.729  8.233   1.00 74.38  ? 17 PHE A CA  1 
ATOM   125  C  C   . PHE A 1 17 ? 8.855   -8.144  7.151   1.00 70.32  ? 17 PHE A C   1 
ATOM   126  O  O   . PHE A 1 17 ? 7.653   -8.229  7.402   1.00 67.51  ? 17 PHE A O   1 
ATOM   127  C  CB  . PHE A 1 17 ? 10.121  -8.906  9.180   1.00 77.96  ? 17 PHE A CB  1 
ATOM   128  C  CG  . PHE A 1 17 ? 11.409  -8.778  9.949   1.00 79.99  ? 17 PHE A CG  1 
ATOM   129  C  CD1 . PHE A 1 17 ? 11.487  -7.963  11.069  1.00 84.38  ? 17 PHE A CD1 1 
ATOM   130  C  CD2 . PHE A 1 17 ? 12.543  -9.474  9.555   1.00 83.43  ? 17 PHE A CD2 1 
ATOM   131  C  CE1 . PHE A 1 17 ? 12.672  -7.844  11.786  1.00 84.90  ? 17 PHE A CE1 1 
ATOM   132  C  CE2 . PHE A 1 17 ? 13.730  -9.361  10.268  1.00 85.30  ? 17 PHE A CE2 1 
ATOM   133  C  CZ  . PHE A 1 17 ? 13.793  -8.546  11.387  1.00 82.23  ? 17 PHE A CZ  1 
ATOM   134  N  N   . ILE A 1 18 ? 9.377   -8.409  5.954   1.00 68.66  ? 18 ILE A N   1 
ATOM   135  C  CA  . ILE A 1 18 ? 8.582   -8.887  4.827   1.00 69.88  ? 18 ILE A CA  1 
ATOM   136  C  C   . ILE A 1 18 ? 8.795   -10.384 4.625   1.00 71.35  ? 18 ILE A C   1 
ATOM   137  O  O   . ILE A 1 18 ? 9.932   -10.854 4.548   1.00 70.66  ? 18 ILE A O   1 
ATOM   138  C  CB  . ILE A 1 18 ? 8.991   -8.190  3.511   1.00 71.49  ? 18 ILE A CB  1 
ATOM   139  C  CG1 . ILE A 1 18 ? 8.763   -6.674  3.592   1.00 72.60  ? 18 ILE A CG1 1 
ATOM   140  C  CG2 . ILE A 1 18 ? 8.248   -8.803  2.325   1.00 65.92  ? 18 ILE A CG2 1 
ATOM   141  C  CD1 . ILE A 1 18 ? 9.233   -5.908  2.344   1.00 64.41  ? 18 ILE A CD1 1 
ATOM   142  N  N   . THR A 1 19 ? 7.698   -11.130 4.542   1.00 73.95  ? 19 THR A N   1 
ATOM   143  C  CA  . THR A 1 19 ? 7.742   -12.526 4.124   1.00 73.45  ? 19 THR A CA  1 
ATOM   144  C  C   . THR A 1 19 ? 7.748   -12.552 2.597   1.00 72.20  ? 19 THR A C   1 
ATOM   145  O  O   . THR A 1 19 ? 6.813   -12.045 1.979   1.00 65.38  ? 19 THR A O   1 
ATOM   146  C  CB  . THR A 1 19 ? 6.494   -13.289 4.605   1.00 73.12  ? 19 THR A CB  1 
ATOM   147  O  OG1 . THR A 1 19 ? 6.353   -13.144 6.024   1.00 76.07  ? 19 THR A OG1 1 
ATOM   148  C  CG2 . THR A 1 19 ? 6.596   -14.759 4.250   1.00 72.37  ? 19 THR A CG2 1 
ATOM   149  N  N   . PRO A 1 20 ? 8.802   -13.114 1.978   1.00 73.24  ? 20 PRO A N   1 
ATOM   150  C  CA  . PRO A 1 20 ? 8.803   -13.203 0.513   1.00 76.06  ? 20 PRO A CA  1 
ATOM   151  C  C   . PRO A 1 20 ? 7.805   -14.230 -0.022  1.00 78.43  ? 20 PRO A C   1 
ATOM   152  O  O   . PRO A 1 20 ? 7.626   -15.286 0.583   1.00 78.46  ? 20 PRO A O   1 
ATOM   153  C  CB  . PRO A 1 20 ? 10.243  -13.606 0.181   1.00 73.97  ? 20 PRO A CB  1 
ATOM   154  C  CG  . PRO A 1 20 ? 10.744  -14.272 1.400   1.00 76.95  ? 20 PRO A CG  1 
ATOM   155  C  CD  . PRO A 1 20 ? 10.040  -13.652 2.568   1.00 73.93  ? 20 PRO A CD  1 
ATOM   156  N  N   . ASP A 1 21 ? 7.163   -13.911 -1.146  1.00 83.14  ? 21 ASP A N   1 
ATOM   157  C  CA  . ASP A 1 21 ? 6.083   -14.744 -1.685  1.00 84.29  ? 21 ASP A CA  1 
ATOM   158  C  C   . ASP A 1 21 ? 6.609   -16.056 -2.271  1.00 86.33  ? 21 ASP A C   1 
ATOM   159  O  O   . ASP A 1 21 ? 6.119   -17.129 -1.920  1.00 89.57  ? 21 ASP A O   1 
ATOM   160  C  CB  . ASP A 1 21 ? 5.223   -13.972 -2.709  1.00 84.72  ? 21 ASP A CB  1 
ATOM   161  C  CG  . ASP A 1 21 ? 5.907   -13.792 -4.065  1.00 88.77  ? 21 ASP A CG  1 
ATOM   162  O  OD1 . ASP A 1 21 ? 7.151   -13.916 -4.158  1.00 89.00  ? 21 ASP A OD1 1 
ATOM   163  O  OD2 . ASP A 1 21 ? 5.188   -13.519 -5.049  1.00 88.20  ? 21 ASP A OD2 1 
ATOM   164  N  N   . GLU A 1 22 ? 7.620   -15.969 -3.133  1.00 86.61  ? 22 GLU A N   1 
ATOM   165  C  CA  . GLU A 1 22 ? 8.147   -17.147 -3.832  1.00 87.52  ? 22 GLU A CA  1 
ATOM   166  C  C   . GLU A 1 22 ? 9.180   -17.879 -2.973  1.00 88.47  ? 22 GLU A C   1 
ATOM   167  O  O   . GLU A 1 22 ? 10.295  -18.170 -3.416  1.00 89.95  ? 22 GLU A O   1 
ATOM   168  C  CB  . GLU A 1 22 ? 8.717   -16.759 -5.210  1.00 88.59  ? 22 GLU A CB  1 
ATOM   169  C  CG  . GLU A 1 22 ? 9.868   -15.728 -5.199  1.00 90.15  ? 22 GLU A CG  1 
ATOM   170  C  CD  . GLU A 1 22 ? 11.236  -16.319 -5.532  1.00 88.74  ? 22 GLU A CD  1 
ATOM   171  O  OE1 . GLU A 1 22 ? 12.247  -15.683 -5.176  1.00 93.10  ? 22 GLU A OE1 1 
ATOM   172  O  OE2 . GLU A 1 22 ? 11.311  -17.405 -6.147  1.00 82.56  ? 22 GLU A OE2 1 
ATOM   173  N  N   . GLY A 1 23 ? 8.788   -18.186 -1.737  1.00 87.89  ? 23 GLY A N   1 
ATOM   174  C  CA  . GLY A 1 23 ? 9.652   -18.882 -0.790  1.00 87.32  ? 23 GLY A CA  1 
ATOM   175  C  C   . GLY A 1 23 ? 10.791  -18.031 -0.261  1.00 86.18  ? 23 GLY A C   1 
ATOM   176  O  O   . GLY A 1 23 ? 10.996  -16.898 -0.704  1.00 87.51  ? 23 GLY A O   1 
ATOM   177  N  N   . GLY A 1 24 ? 11.520  -18.578 0.706   1.00 84.06  ? 24 GLY A N   1 
ATOM   178  C  CA  . GLY A 1 24 ? 12.744  -17.948 1.204   1.00 84.48  ? 24 GLY A CA  1 
ATOM   179  C  C   . GLY A 1 24 ? 12.661  -17.439 2.629   1.00 83.28  ? 24 GLY A C   1 
ATOM   180  O  O   . GLY A 1 24 ? 11.695  -17.707 3.347   1.00 87.74  ? 24 GLY A O   1 
ATOM   181  N  N   . GLU A 1 25 ? 13.691  -16.698 3.025   1.00 81.67  ? 25 GLU A N   1 
ATOM   182  C  CA  . GLU A 1 25 ? 13.812  -16.162 4.381   1.00 80.03  ? 25 GLU A CA  1 
ATOM   183  C  C   . GLU A 1 25 ? 13.203  -14.753 4.471   1.00 77.31  ? 25 GLU A C   1 
ATOM   184  O  O   . GLU A 1 25 ? 13.193  -14.013 3.487   1.00 68.68  ? 25 GLU A O   1 
ATOM   185  C  CB  . GLU A 1 25 ? 15.284  -16.129 4.801   1.00 80.43  ? 25 GLU A CB  1 
ATOM   186  C  CG  . GLU A 1 25 ? 16.033  -17.460 4.604   1.00 88.01  ? 25 GLU A CG  1 
ATOM   187  C  CD  . GLU A 1 25 ? 16.960  -17.473 3.384   1.00 94.38  ? 25 GLU A CD  1 
ATOM   188  O  OE1 . GLU A 1 25 ? 17.896  -16.638 3.323   1.00 95.26  ? 25 GLU A OE1 1 
ATOM   189  O  OE2 . GLU A 1 25 ? 16.768  -18.338 2.501   1.00 92.55  ? 25 GLU A OE2 1 
ATOM   190  N  N   . ASP A 1 26 ? 12.694  -14.401 5.654   1.00 76.43  ? 26 ASP A N   1 
ATOM   191  C  CA  . ASP A 1 26 ? 12.113  -13.075 5.915   1.00 76.51  ? 26 ASP A CA  1 
ATOM   192  C  C   . ASP A 1 26 ? 13.117  -11.947 5.691   1.00 77.36  ? 26 ASP A C   1 
ATOM   193  O  O   . ASP A 1 26 ? 14.294  -12.082 6.030   1.00 85.35  ? 26 ASP A O   1 
ATOM   194  C  CB  . ASP A 1 26 ? 11.605  -12.972 7.363   1.00 76.46  ? 26 ASP A CB  1 
ATOM   195  C  CG  . ASP A 1 26 ? 10.224  -13.561 7.552   1.00 81.68  ? 26 ASP A CG  1 
ATOM   196  O  OD1 . ASP A 1 26 ? 9.712   -14.233 6.631   1.00 94.14  ? 26 ASP A OD1 1 
ATOM   197  O  OD2 . ASP A 1 26 ? 9.643   -13.348 8.639   1.00 85.15  ? 26 ASP A OD2 1 
ATOM   198  N  N   . LEU A 1 27 ? 12.631  -10.834 5.143   1.00 71.83  ? 27 LEU A N   1 
ATOM   199  C  CA  . LEU A 1 27 ? 13.458  -9.674  4.836   1.00 71.85  ? 27 LEU A CA  1 
ATOM   200  C  C   . LEU A 1 27 ? 13.217  -8.571  5.841   1.00 71.64  ? 27 LEU A C   1 
ATOM   201  O  O   . LEU A 1 27 ? 12.076  -8.301  6.202   1.00 74.75  ? 27 LEU A O   1 
ATOM   202  C  CB  . LEU A 1 27 ? 13.107  -9.092  3.461   1.00 66.52  ? 27 LEU A CB  1 
ATOM   203  C  CG  . LEU A 1 27 ? 13.303  -9.937  2.208   1.00 70.27  ? 27 LEU A CG  1 
ATOM   204  C  CD1 . LEU A 1 27 ? 12.107  -10.835 1.960   1.00 59.75  ? 27 LEU A CD1 1 
ATOM   205  C  CD2 . LEU A 1 27 ? 13.545  -9.035  1.012   1.00 72.59  ? 27 LEU A CD2 1 
ATOM   206  N  N   . PHE A 1 28 ? 14.296  -7.916  6.253   1.00 69.26  ? 28 PHE A N   1 
ATOM   207  C  CA  . PHE A 1 28 ? 14.226  -6.703  7.043   1.00 66.67  ? 28 PHE A CA  1 
ATOM   208  C  C   . PHE A 1 28 ? 13.842  -5.557  6.106   1.00 66.34  ? 28 PHE A C   1 
ATOM   209  O  O   . PHE A 1 28 ? 14.425  -5.425  5.032   1.00 67.64  ? 28 PHE A O   1 
ATOM   210  C  CB  . PHE A 1 28 ? 15.582  -6.462  7.699   1.00 66.91  ? 28 PHE A CB  1 
ATOM   211  C  CG  . PHE A 1 28 ? 15.692  -5.160  8.428   1.00 64.36  ? 28 PHE A CG  1 
ATOM   212  C  CD1 . PHE A 1 28 ? 15.514  -5.104  9.793   1.00 61.53  ? 28 PHE A CD1 1 
ATOM   213  C  CD2 . PHE A 1 28 ? 16.008  -3.997  7.746   1.00 67.62  ? 28 PHE A CD2 1 
ATOM   214  C  CE1 . PHE A 1 28 ? 15.634  -3.906  10.467  1.00 71.34  ? 28 PHE A CE1 1 
ATOM   215  C  CE2 . PHE A 1 28 ? 16.127  -2.797  8.408   1.00 66.02  ? 28 PHE A CE2 1 
ATOM   216  C  CZ  . PHE A 1 28 ? 15.941  -2.748  9.772   1.00 76.03  ? 28 PHE A CZ  1 
ATOM   217  N  N   . ALA A 1 29 ? 12.857  -4.749  6.505   1.00 62.17  ? 29 ALA A N   1 
ATOM   218  C  CA  . ALA A 1 29 ? 12.377  -3.625  5.683   1.00 65.94  ? 29 ALA A CA  1 
ATOM   219  C  C   . ALA A 1 29 ? 12.286  -2.336  6.482   1.00 66.62  ? 29 ALA A C   1 
ATOM   220  O  O   . ALA A 1 29 ? 11.375  -2.178  7.296   1.00 76.08  ? 29 ALA A O   1 
ATOM   221  C  CB  . ALA A 1 29 ? 11.019  -3.940  5.085   1.00 71.40  ? 29 ALA A CB  1 
ATOM   222  N  N   . HIS A 1 30 ? 13.223  -1.418  6.249   1.00 62.37  ? 30 HIS A N   1 
ATOM   223  C  CA  . HIS A 1 30 ? 13.207  -0.117  6.897   1.00 64.07  ? 30 HIS A CA  1 
ATOM   224  C  C   . HIS A 1 30 ? 12.291  0.800   6.121   1.00 66.76  ? 30 HIS A C   1 
ATOM   225  O  O   . HIS A 1 30 ? 12.170  0.652   4.915   1.00 69.08  ? 30 HIS A O   1 
ATOM   226  C  CB  . HIS A 1 30 ? 14.615  0.465   6.951   1.00 62.37  ? 30 HIS A CB  1 
ATOM   227  C  CG  . HIS A 1 30 ? 14.748  1.642   7.860   1.00 66.30  ? 30 HIS A CG  1 
ATOM   228  N  ND1 . HIS A 1 30 ? 14.919  2.926   7.392   1.00 81.37  ? 30 HIS A ND1 1 
ATOM   229  C  CD2 . HIS A 1 30 ? 14.731  1.734   9.212   1.00 71.11  ? 30 HIS A CD2 1 
ATOM   230  C  CE1 . HIS A 1 30 ? 15.001  3.759   8.414   1.00 78.73  ? 30 HIS A CE1 1 
ATOM   231  N  NE2 . HIS A 1 30 ? 14.884  3.063   9.531   1.00 70.23  ? 30 HIS A NE2 1 
ATOM   232  N  N   . PHE A 1 31 ? 11.637  1.741   6.806   1.00 72.06  ? 31 PHE A N   1 
ATOM   233  C  CA  . PHE A 1 31 ? 10.710  2.675   6.139   1.00 74.17  ? 31 PHE A CA  1 
ATOM   234  C  C   . PHE A 1 31 ? 11.411  3.480   5.032   1.00 76.35  ? 31 PHE A C   1 
ATOM   235  O  O   . PHE A 1 31 ? 10.841  3.699   3.960   1.00 77.16  ? 31 PHE A O   1 
ATOM   236  C  CB  . PHE A 1 31 ? 9.997   3.602   7.151   1.00 74.86  ? 31 PHE A CB  1 
ATOM   237  C  CG  . PHE A 1 31 ? 10.829  4.774   7.634   1.00 80.14  ? 31 PHE A CG  1 
ATOM   238  C  CD1 . PHE A 1 31 ? 10.550  6.067   7.192   1.00 70.41  ? 31 PHE A CD1 1 
ATOM   239  C  CD2 . PHE A 1 31 ? 11.865  4.593   8.555   1.00 79.74  ? 31 PHE A CD2 1 
ATOM   240  C  CE1 . PHE A 1 31 ? 11.300  7.153   7.633   1.00 66.97  ? 31 PHE A CE1 1 
ATOM   241  C  CE2 . PHE A 1 31 ? 12.622  5.678   9.008   1.00 72.92  ? 31 PHE A CE2 1 
ATOM   242  C  CZ  . PHE A 1 31 ? 12.343  6.954   8.544   1.00 74.13  ? 31 PHE A CZ  1 
ATOM   243  N  N   . SER A 1 32 ? 12.656  3.870   5.288   1.00 74.45  ? 32 SER A N   1 
ATOM   244  C  CA  . SER A 1 32 ? 13.478  4.594   4.317   1.00 74.95  ? 32 SER A CA  1 
ATOM   245  C  C   . SER A 1 32 ? 13.738  3.806   3.018   1.00 73.06  ? 32 SER A C   1 
ATOM   246  O  O   . SER A 1 32 ? 14.130  4.390   2.017   1.00 70.67  ? 32 SER A O   1 
ATOM   247  C  CB  . SER A 1 32 ? 14.832  4.990   4.952   1.00 83.23  ? 32 SER A CB  1 
ATOM   248  O  OG  . SER A 1 32 ? 15.778  3.918   4.942   1.00 75.00  ? 32 SER A OG  1 
ATOM   249  N  N   . ALA A 1 33 ? 13.530  2.491   3.047   1.00 67.82  ? 33 ALA A N   1 
ATOM   250  C  CA  . ALA A 1 33 ? 13.575  1.654   1.838   1.00 62.40  ? 33 ALA A CA  1 
ATOM   251  C  C   . ALA A 1 33 ? 12.359  1.821   0.912   1.00 67.56  ? 33 ALA A C   1 
ATOM   252  O  O   . ALA A 1 33 ? 12.380  1.287   -0.217  1.00 75.91  ? 33 ALA A O   1 
ATOM   253  C  CB  . ALA A 1 33 ? 13.719  0.175   2.209   1.00 45.19  ? 33 ALA A CB  1 
ATOM   254  N  N   . ILE A 1 34 ? 11.319  2.535   1.366   1.00 59.08  ? 34 ILE A N   1 
ATOM   255  C  CA  . ILE A 1 34 ? 10.133  2.796   0.537   1.00 63.58  ? 34 ILE A CA  1 
ATOM   256  C  C   . ILE A 1 34 ? 10.472  3.755   -0.608  1.00 67.61  ? 34 ILE A C   1 
ATOM   257  O  O   . ILE A 1 34 ? 11.014  4.831   -0.382  1.00 72.49  ? 34 ILE A O   1 
ATOM   258  C  CB  . ILE A 1 34 ? 8.944   3.388   1.364   1.00 69.34  ? 34 ILE A CB  1 
ATOM   259  C  CG1 . ILE A 1 34 ? 8.212   2.298   2.146   1.00 66.30  ? 34 ILE A CG1 1 
ATOM   260  C  CG2 . ILE A 1 34 ? 7.923   4.094   0.475   1.00 56.75  ? 34 ILE A CG2 1 
ATOM   261  C  CD1 . ILE A 1 34 ? 7.247   2.859   3.161   1.00 74.11  ? 34 ILE A CD1 1 
ATOM   262  N  N   . ASN A 1 35 ? 10.154  3.341   -1.831  1.00 66.69  ? 35 ASN A N   1 
ATOM   263  C  CA  . ASN A 1 35 ? 10.204  4.207   -2.997  1.00 68.63  ? 35 ASN A CA  1 
ATOM   264  C  C   . ASN A 1 35 ? 8.843   4.881   -3.121  1.00 71.75  ? 35 ASN A C   1 
ATOM   265  O  O   . ASN A 1 35 ? 7.838   4.205   -3.323  1.00 80.89  ? 35 ASN A O   1 
ATOM   266  C  CB  . ASN A 1 35 ? 10.512  3.371   -4.254  1.00 68.53  ? 35 ASN A CB  1 
ATOM   267  C  CG  . ASN A 1 35 ? 10.581  4.208   -5.539  1.00 66.90  ? 35 ASN A CG  1 
ATOM   268  O  OD1 . ASN A 1 35 ? 10.266  5.395   -5.552  1.00 74.88  ? 35 ASN A OD1 1 
ATOM   269  N  ND2 . ASN A 1 35 ? 10.988  3.570   -6.625  1.00 55.73  ? 35 ASN A ND2 1 
HETATM 270  N  N   . MSE A 1 36 ? 8.800   6.203   -3.006  1.00 70.05  ? 36 MSE A N   1 
HETATM 271  C  CA  . MSE A 1 36 ? 7.524   6.921   -3.046  1.00 71.08  ? 36 MSE A CA  1 
HETATM 272  C  C   . MSE A 1 36 ? 6.843   6.857   -4.411  1.00 73.09  ? 36 MSE A C   1 
HETATM 273  O  O   . MSE A 1 36 ? 5.611   6.892   -4.477  1.00 77.08  ? 36 MSE A O   1 
HETATM 274  C  CB  . MSE A 1 36 ? 7.693   8.369   -2.581  1.00 73.12  ? 36 MSE A CB  1 
HETATM 275  C  CG  . MSE A 1 36 ? 8.115   8.498   -1.100  1.00 77.82  ? 36 MSE A CG  1 
HETATM 276  SE SE  . MSE A 1 36 ? 6.966   7.569   0.204   1.00 97.23  ? 36 MSE A SE  1 
HETATM 277  C  CE  . MSE A 1 36 ? 5.597   8.948   0.422   1.00 84.36  ? 36 MSE A CE  1 
ATOM   278  N  N   . GLU A 1 37 ? 7.628   6.735   -5.487  1.00 73.32  ? 37 GLU A N   1 
ATOM   279  C  CA  . GLU A 1 37 ? 7.069   6.541   -6.837  1.00 68.89  ? 37 GLU A CA  1 
ATOM   280  C  C   . GLU A 1 37 ? 6.298   5.225   -6.928  1.00 64.65  ? 37 GLU A C   1 
ATOM   281  O  O   . GLU A 1 37 ? 5.399   5.078   -7.752  1.00 62.69  ? 37 GLU A O   1 
ATOM   282  C  CB  . GLU A 1 37 ? 8.155   6.593   -7.910  1.00 66.18  ? 37 GLU A CB  1 
ATOM   283  C  CG  . GLU A 1 37 ? 8.423   7.980   -8.420  1.00 72.07  ? 37 GLU A CG  1 
ATOM   284  C  CD  . GLU A 1 37 ? 8.871   8.920   -7.326  1.00 79.87  ? 37 GLU A CD  1 
ATOM   285  O  OE1 . GLU A 1 37 ? 9.856   8.588   -6.637  1.00 77.14  ? 37 GLU A OE1 1 
ATOM   286  O  OE2 . GLU A 1 37 ? 8.243   9.989   -7.157  1.00 89.02  ? 37 GLU A OE2 1 
ATOM   287  N  N   . GLY A 1 38 ? 6.654   4.280   -6.063  1.00 63.33  ? 38 GLY A N   1 
ATOM   288  C  CA  . GLY A 1 38 ? 5.990   2.995   -6.002  1.00 59.64  ? 38 GLY A CA  1 
ATOM   289  C  C   . GLY A 1 38 ? 4.606   3.001   -5.410  1.00 58.39  ? 38 GLY A C   1 
ATOM   290  O  O   . GLY A 1 38 ? 3.946   1.969   -5.436  1.00 74.02  ? 38 GLY A O   1 
ATOM   291  N  N   . PHE A 1 39 ? 4.151   4.144   -4.892  1.00 56.98  ? 39 PHE A N   1 
ATOM   292  C  CA  . PHE A 1 39 ? 2.834   4.240   -4.244  1.00 54.75  ? 39 PHE A CA  1 
ATOM   293  C  C   . PHE A 1 39 ? 1.957   5.385   -4.760  1.00 61.85  ? 39 PHE A C   1 
ATOM   294  O  O   . PHE A 1 39 ? 0.949   5.734   -4.130  1.00 73.52  ? 39 PHE A O   1 
ATOM   295  C  CB  . PHE A 1 39 ? 3.028   4.395   -2.736  1.00 59.54  ? 39 PHE A CB  1 
ATOM   296  C  CG  . PHE A 1 39 ? 3.640   3.199   -2.086  1.00 52.20  ? 39 PHE A CG  1 
ATOM   297  C  CD1 . PHE A 1 39 ? 2.853   2.131   -1.703  1.00 52.98  ? 39 PHE A CD1 1 
ATOM   298  C  CD2 . PHE A 1 39 ? 4.998   3.143   -1.853  1.00 53.43  ? 39 PHE A CD2 1 
ATOM   299  C  CE1 . PHE A 1 39 ? 3.406   1.029   -1.091  1.00 54.89  ? 39 PHE A CE1 1 
ATOM   300  C  CE2 . PHE A 1 39 ? 5.561   2.042   -1.255  1.00 57.06  ? 39 PHE A CE2 1 
ATOM   301  C  CZ  . PHE A 1 39 ? 4.761   0.979   -0.873  1.00 60.73  ? 39 PHE A CZ  1 
ATOM   302  N  N   . LYS A 1 40 ? 2.307   5.939   -5.920  1.00 58.79  ? 40 LYS A N   1 
ATOM   303  C  CA  . LYS A 1 40 ? 1.560   7.038   -6.526  1.00 55.51  ? 40 LYS A CA  1 
ATOM   304  C  C   . LYS A 1 40 ? 0.279   6.533   -7.178  1.00 65.12  ? 40 LYS A C   1 
ATOM   305  O  O   . LYS A 1 40 ? -0.574  7.330   -7.559  1.00 77.30  ? 40 LYS A O   1 
ATOM   306  C  CB  . LYS A 1 40 ? 2.408   7.736   -7.579  1.00 54.73  ? 40 LYS A CB  1 
ATOM   307  C  CG  . LYS A 1 40 ? 3.773   8.190   -7.129  1.00 61.81  ? 40 LYS A CG  1 
ATOM   308  C  CD  . LYS A 1 40 ? 3.690   9.319   -6.120  1.00 60.86  ? 40 LYS A CD  1 
ATOM   309  C  CE  . LYS A 1 40 ? 4.914   10.235  -6.210  1.00 69.34  ? 40 LYS A CE  1 
ATOM   310  N  NZ  . LYS A 1 40 ? 5.205   10.714  -7.597  1.00 67.31  ? 40 LYS A NZ  1 
ATOM   311  N  N   . THR A 1 41 ? 0.157   5.214   -7.334  1.00 69.17  ? 41 THR A N   1 
ATOM   312  C  CA  . THR A 1 41 ? -1.077  4.600   -7.809  1.00 69.33  ? 41 THR A CA  1 
ATOM   313  C  C   . THR A 1 41 ? -1.606  3.587   -6.797  1.00 72.58  ? 41 THR A C   1 
ATOM   314  O  O   . THR A 1 41 ? -0.919  3.236   -5.842  1.00 78.21  ? 41 THR A O   1 
ATOM   315  C  CB  . THR A 1 41 ? -0.899  3.887   -9.141  1.00 73.75  ? 41 THR A CB  1 
ATOM   316  O  OG1 . THR A 1 41 ? -2.177  3.403   -9.574  1.00 77.48  ? 41 THR A OG1 1 
ATOM   317  C  CG2 . THR A 1 41 ? 0.071   2.716   -9.006  1.00 76.48  ? 41 THR A CG2 1 
ATOM   318  N  N   . LEU A 1 42 ? -2.834  3.125   -7.027  1.00 69.92  ? 42 LEU A N   1 
ATOM   319  C  CA  . LEU A 1 42 ? -3.476  2.120   -6.187  1.00 67.51  ? 42 LEU A CA  1 
ATOM   320  C  C   . LEU A 1 42 ? -3.459  0.756   -6.872  1.00 69.65  ? 42 LEU A C   1 
ATOM   321  O  O   . LEU A 1 42 ? -3.567  0.667   -8.103  1.00 70.41  ? 42 LEU A O   1 
ATOM   322  C  CB  . LEU A 1 42 ? -4.930  2.502   -5.907  1.00 70.91  ? 42 LEU A CB  1 
ATOM   323  C  CG  . LEU A 1 42 ? -5.238  3.539   -4.840  1.00 73.87  ? 42 LEU A CG  1 
ATOM   324  C  CD1 . LEU A 1 42 ? -6.746  3.539   -4.635  1.00 63.43  ? 42 LEU A CD1 1 
ATOM   325  C  CD2 . LEU A 1 42 ? -4.495  3.241   -3.529  1.00 77.29  ? 42 LEU A CD2 1 
ATOM   326  N  N   . LYS A 1 43 ? -3.377  -0.304  -6.069  1.00 61.72  ? 43 LYS A N   1 
ATOM   327  C  CA  . LYS A 1 43 ? -3.233  -1.651  -6.605  1.00 69.33  ? 43 LYS A CA  1 
ATOM   328  C  C   . LYS A 1 43 ? -4.384  -2.569  -6.200  1.00 71.29  ? 43 LYS A C   1 
ATOM   329  O  O   . LYS A 1 43 ? -4.925  -2.466  -5.100  1.00 72.65  ? 43 LYS A O   1 
ATOM   330  C  CB  . LYS A 1 43 ? -1.887  -2.257  -6.188  1.00 66.93  ? 43 LYS A CB  1 
ATOM   331  C  CG  . LYS A 1 43 ? -0.703  -1.781  -7.032  1.00 63.04  ? 43 LYS A CG  1 
ATOM   332  C  CD  . LYS A 1 43 ? -0.905  -2.059  -8.520  1.00 63.07  ? 43 LYS A CD  1 
ATOM   333  C  CE  . LYS A 1 43 ? 0.429   -2.234  -9.264  1.00 72.94  ? 43 LYS A CE  1 
ATOM   334  N  NZ  . LYS A 1 43 ? 1.296   -1.015  -9.216  1.00 73.50  ? 43 LYS A NZ  1 
ATOM   335  N  N   . GLU A 1 44 ? -4.743  -3.471  -7.109  1.00 67.88  ? 44 GLU A N   1 
ATOM   336  C  CA  . GLU A 1 44 ? -5.838  -4.403  -6.886  1.00 70.89  ? 44 GLU A CA  1 
ATOM   337  C  C   . GLU A 1 44 ? -5.540  -5.330  -5.707  1.00 71.44  ? 44 GLU A C   1 
ATOM   338  O  O   . GLU A 1 44 ? -4.510  -6.010  -5.684  1.00 74.46  ? 44 GLU A O   1 
ATOM   339  C  CB  . GLU A 1 44 ? -6.085  -5.215  -8.159  1.00 72.30  ? 44 GLU A CB  1 
ATOM   340  C  CG  . GLU A 1 44 ? -7.109  -6.324  -8.022  1.00 71.23  ? 44 GLU A CG  1 
ATOM   341  C  CD  . GLU A 1 44 ? -7.746  -6.670  -9.343  1.00 79.31  ? 44 GLU A CD  1 
ATOM   342  O  OE1 . GLU A 1 44 ? -8.518  -5.826  -9.850  1.00 95.45  ? 44 GLU A OE1 1 
ATOM   343  O  OE2 . GLU A 1 44 ? -7.483  -7.774  -9.875  1.00 87.19  ? 44 GLU A OE2 1 
ATOM   344  N  N   . GLY A 1 45 ? -6.442  -5.344  -4.728  1.00 71.06  ? 45 GLY A N   1 
ATOM   345  C  CA  . GLY A 1 45 ? -6.254  -6.122  -3.502  1.00 67.05  ? 45 GLY A CA  1 
ATOM   346  C  C   . GLY A 1 45 ? -5.761  -5.282  -2.336  1.00 66.92  ? 45 GLY A C   1 
ATOM   347  O  O   . GLY A 1 45 ? -5.846  -5.707  -1.188  1.00 62.61  ? 45 GLY A O   1 
ATOM   348  N  N   . GLN A 1 46 ? -5.259  -4.082  -2.633  1.00 67.23  ? 46 GLN A N   1 
ATOM   349  C  CA  . GLN A 1 46 ? -4.648  -3.220  -1.630  1.00 68.04  ? 46 GLN A CA  1 
ATOM   350  C  C   . GLN A 1 46 ? -5.681  -2.696  -0.629  1.00 71.11  ? 46 GLN A C   1 
ATOM   351  O  O   . GLN A 1 46 ? -6.703  -2.133  -1.018  1.00 70.21  ? 46 GLN A O   1 
ATOM   352  C  CB  . GLN A 1 46 ? -3.943  -2.046  -2.317  1.00 67.83  ? 46 GLN A CB  1 
ATOM   353  C  CG  . GLN A 1 46 ? -3.114  -1.151  -1.394  1.00 67.22  ? 46 GLN A CG  1 
ATOM   354  C  CD  . GLN A 1 46 ? -2.437  -0.022  -2.146  1.00 71.55  ? 46 GLN A CD  1 
ATOM   355  O  OE1 . GLN A 1 46 ? -2.379  -0.017  -3.375  1.00 82.85  ? 46 GLN A OE1 1 
ATOM   356  N  NE2 . GLN A 1 46 ? -1.918  0.940   -1.410  1.00 86.92  ? 46 GLN A NE2 1 
ATOM   357  N  N   . ARG A 1 47 ? -5.398  -2.880  0.657   1.00 71.49  ? 47 ARG A N   1 
ATOM   358  C  CA  . ARG A 1 47 ? -6.259  -2.383  1.726   1.00 68.34  ? 47 ARG A CA  1 
ATOM   359  C  C   . ARG A 1 47 ? -5.948  -0.918  2.006   1.00 68.52  ? 47 ARG A C   1 
ATOM   360  O  O   . ARG A 1 47 ? -4.792  -0.564  2.225   1.00 80.46  ? 47 ARG A O   1 
ATOM   361  C  CB  . ARG A 1 47 ? -6.057  -3.211  2.996   1.00 69.36  ? 47 ARG A CB  1 
ATOM   362  C  CG  . ARG A 1 47 ? -7.223  -3.136  3.955   1.00 73.37  ? 47 ARG A CG  1 
ATOM   363  C  CD  . ARG A 1 47 ? -7.086  -4.116  5.107   1.00 78.57  ? 47 ARG A CD  1 
ATOM   364  N  NE  . ARG A 1 47 ? -8.282  -4.112  5.951   1.00 84.93  ? 47 ARG A NE  1 
ATOM   365  C  CZ  . ARG A 1 47 ? -8.592  -3.163  6.836   1.00 90.22  ? 47 ARG A CZ  1 
ATOM   366  N  NH1 . ARG A 1 47 ? -7.802  -2.111  7.027   1.00 97.82  ? 47 ARG A NH1 1 
ATOM   367  N  NH2 . ARG A 1 47 ? -9.711  -3.265  7.541   1.00 87.22  ? 47 ARG A NH2 1 
ATOM   368  N  N   . VAL A 1 48 ? -6.970  -0.066  2.003   1.00 66.50  ? 48 VAL A N   1 
ATOM   369  C  CA  . VAL A 1 48 ? -6.776  1.379   2.199   1.00 65.06  ? 48 VAL A CA  1 
ATOM   370  C  C   . VAL A 1 48 ? -7.795  2.011   3.145   1.00 66.00  ? 48 VAL A C   1 
ATOM   371  O  O   . VAL A 1 48 ? -8.912  1.515   3.289   1.00 64.79  ? 48 VAL A O   1 
ATOM   372  C  CB  . VAL A 1 48 ? -6.881  2.130   0.869   1.00 67.78  ? 48 VAL A CB  1 
ATOM   373  C  CG1 . VAL A 1 48 ? -5.723  1.758   -0.068  1.00 58.12  ? 48 VAL A CG1 1 
ATOM   374  C  CG2 . VAL A 1 48 ? -8.240  1.856   0.213   1.00 65.90  ? 48 VAL A CG2 1 
ATOM   375  N  N   . SER A 1 49 ? -7.395  3.106   3.788   1.00 66.84  ? 49 SER A N   1 
ATOM   376  C  CA  . SER A 1 49 ? -8.305  3.926   4.597   1.00 68.47  ? 49 SER A CA  1 
ATOM   377  C  C   . SER A 1 49 ? -8.532  5.258   3.887   1.00 69.94  ? 49 SER A C   1 
ATOM   378  O  O   . SER A 1 49 ? -7.685  5.702   3.117   1.00 71.98  ? 49 SER A O   1 
ATOM   379  C  CB  . SER A 1 49 ? -7.721  4.209   5.963   1.00 65.50  ? 49 SER A CB  1 
ATOM   380  O  OG  . SER A 1 49 ? -6.921  5.374   5.901   1.00 78.06  ? 49 SER A OG  1 
ATOM   381  N  N   . PHE A 1 50 ? -9.664  5.899   4.156   1.00 67.97  ? 50 PHE A N   1 
ATOM   382  C  CA  . PHE A 1 50 ? -10.025 7.113   3.429   1.00 69.15  ? 50 PHE A CA  1 
ATOM   383  C  C   . PHE A 1 50 ? -11.137 7.915   4.069   1.00 69.46  ? 50 PHE A C   1 
ATOM   384  O  O   . PHE A 1 50 ? -11.943 7.394   4.839   1.00 71.44  ? 50 PHE A O   1 
ATOM   385  C  CB  . PHE A 1 50 ? -10.445 6.773   1.992   1.00 69.23  ? 50 PHE A CB  1 
ATOM   386  C  CG  . PHE A 1 50 ? -11.390 5.621   1.901   1.00 65.81  ? 50 PHE A CG  1 
ATOM   387  C  CD1 . PHE A 1 50 ? -10.930 4.367   1.565   1.00 71.34  ? 50 PHE A CD1 1 
ATOM   388  C  CD2 . PHE A 1 50 ? -12.735 5.786   2.171   1.00 66.83  ? 50 PHE A CD2 1 
ATOM   389  C  CE1 . PHE A 1 50 ? -11.796 3.293   1.488   1.00 77.04  ? 50 PHE A CE1 1 
ATOM   390  C  CE2 . PHE A 1 50 ? -13.607 4.713   2.102   1.00 69.97  ? 50 PHE A CE2 1 
ATOM   391  C  CZ  . PHE A 1 50 ? -13.135 3.465   1.760   1.00 67.90  ? 50 PHE A CZ  1 
ATOM   392  N  N   . ASP A 1 51 ? -11.176 9.195   3.719   1.00 71.39  ? 51 ASP A N   1 
ATOM   393  C  CA  . ASP A 1 51 ? -12.350 10.013  3.954   1.00 70.79  ? 51 ASP A CA  1 
ATOM   394  C  C   . ASP A 1 51 ? -13.343 9.686   2.870   1.00 67.58  ? 51 ASP A C   1 
ATOM   395  O  O   . ASP A 1 51 ? -12.947 9.281   1.777   1.00 76.14  ? 51 ASP A O   1 
ATOM   396  C  CB  . ASP A 1 51 ? -12.001 11.497  3.906   1.00 71.21  ? 51 ASP A CB  1 
ATOM   397  C  CG  . ASP A 1 51 ? -11.043 11.900  5.008   1.00 76.96  ? 51 ASP A CG  1 
ATOM   398  O  OD1 . ASP A 1 51 ? -10.758 11.043  5.875   1.00 80.45  ? 51 ASP A OD1 1 
ATOM   399  O  OD2 . ASP A 1 51 ? -10.574 13.059  5.007   1.00 77.31  ? 51 ASP A OD2 1 
ATOM   400  N  N   . VAL A 1 52 ? -14.629 9.842   3.177   1.00 67.74  ? 52 VAL A N   1 
ATOM   401  C  CA  . VAL A 1 52 ? -15.690 9.672   2.189   1.00 63.33  ? 52 VAL A CA  1 
ATOM   402  C  C   . VAL A 1 52 ? -16.313 11.037  1.915   1.00 65.88  ? 52 VAL A C   1 
ATOM   403  O  O   . VAL A 1 52 ? -16.599 11.810  2.841   1.00 58.16  ? 52 VAL A O   1 
ATOM   404  C  CB  . VAL A 1 52 ? -16.739 8.644   2.654   1.00 61.74  ? 52 VAL A CB  1 
ATOM   405  C  CG1 . VAL A 1 52 ? -17.864 8.552   1.660   1.00 34.19  ? 52 VAL A CG1 1 
ATOM   406  C  CG2 . VAL A 1 52 ? -16.084 7.275   2.840   1.00 57.60  ? 52 VAL A CG2 1 
ATOM   407  N  N   . THR A 1 53 ? -16.506 11.323  0.630   1.00 68.76  ? 53 THR A N   1 
ATOM   408  C  CA  . THR A 1 53 ? -16.879 12.655  0.163   1.00 69.10  ? 53 THR A CA  1 
ATOM   409  C  C   . THR A 1 53 ? -17.658 12.542  -1.130  1.00 64.40  ? 53 THR A C   1 
ATOM   410  O  O   . THR A 1 53 ? -17.416 11.629  -1.903  1.00 62.96  ? 53 THR A O   1 
ATOM   411  C  CB  . THR A 1 53 ? -15.615 13.526  -0.089  1.00 72.19  ? 53 THR A CB  1 
ATOM   412  O  OG1 . THR A 1 53 ? -15.821 14.376  -1.222  1.00 87.47  ? 53 THR A OG1 1 
ATOM   413  C  CG2 . THR A 1 53 ? -14.425 12.668  -0.380  1.00 59.12  ? 53 THR A CG2 1 
ATOM   414  N  N   . THR A 1 54 ? -18.585 13.471  -1.361  1.00 60.44  ? 54 THR A N   1 
ATOM   415  C  CA  . THR A 1 54 ? -19.338 13.514  -2.611  1.00 62.35  ? 54 THR A CA  1 
ATOM   416  C  C   . THR A 1 54 ? -18.611 14.424  -3.591  1.00 61.30  ? 54 THR A C   1 
ATOM   417  O  O   . THR A 1 54 ? -18.534 15.630  -3.385  1.00 68.71  ? 54 THR A O   1 
ATOM   418  C  CB  . THR A 1 54 ? -20.799 14.011  -2.402  1.00 64.51  ? 54 THR A CB  1 
ATOM   419  O  OG1 . THR A 1 54 ? -21.549 13.036  -1.667  1.00 65.01  ? 54 THR A OG1 1 
ATOM   420  C  CG2 . THR A 1 54 ? -21.496 14.243  -3.733  1.00 48.05  ? 54 THR A CG2 1 
ATOM   421  N  N   . GLY A 1 55 ? -18.056 13.834  -4.637  1.00 62.41  ? 55 GLY A N   1 
ATOM   422  C  CA  . GLY A 1 55 ? -17.449 14.591  -5.729  1.00 69.85  ? 55 GLY A CA  1 
ATOM   423  C  C   . GLY A 1 55 ? -18.236 14.461  -7.026  1.00 64.84  ? 55 GLY A C   1 
ATOM   424  O  O   . GLY A 1 55 ? -19.345 13.949  -7.028  1.00 67.55  ? 55 GLY A O   1 
ATOM   425  N  N   . PRO A 1 56 ? -17.655 14.906  -8.146  1.00 62.26  ? 56 PRO A N   1 
ATOM   426  C  CA  . PRO A 1 56 ? -18.339 14.844  -9.431  1.00 70.10  ? 56 PRO A CA  1 
ATOM   427  C  C   . PRO A 1 56 ? -18.782 13.426  -9.809  1.00 70.55  ? 56 PRO A C   1 
ATOM   428  O  O   . PRO A 1 56 ? -19.904 13.227  -10.270 1.00 71.81  ? 56 PRO A O   1 
ATOM   429  C  CB  . PRO A 1 56 ? -17.276 15.356  -10.409 1.00 70.19  ? 56 PRO A CB  1 
ATOM   430  C  CG  . PRO A 1 56 ? -16.368 16.166  -9.586  1.00 68.88  ? 56 PRO A CG  1 
ATOM   431  C  CD  . PRO A 1 56 ? -16.309 15.481  -8.277  1.00 64.46  ? 56 PRO A CD  1 
ATOM   432  N  N   . LYS A 1 57 ? -17.911 12.449  -9.590  1.00 73.80  ? 57 LYS A N   1 
ATOM   433  C  CA  . LYS A 1 57 ? -18.232 11.051  -9.881  1.00 75.59  ? 57 LYS A CA  1 
ATOM   434  C  C   . LYS A 1 57 ? -19.146 10.411  -8.821  1.00 72.69  ? 57 LYS A C   1 
ATOM   435  O  O   . LYS A 1 57 ? -19.420 9.220   -8.881  1.00 78.50  ? 57 LYS A O   1 
ATOM   436  C  CB  . LYS A 1 57 ? -16.942 10.240  -10.046 1.00 79.76  ? 57 LYS A CB  1 
ATOM   437  C  CG  . LYS A 1 57 ? -16.084 10.673  -11.233 1.00 78.01  ? 57 LYS A CG  1 
ATOM   438  C  CD  . LYS A 1 57 ? -16.809 10.447  -12.539 1.00 75.43  ? 57 LYS A CD  1 
ATOM   439  C  CE  . LYS A 1 57 ? -15.855 10.372  -13.719 1.00 85.11  ? 57 LYS A CE  1 
ATOM   440  N  NZ  . LYS A 1 57 ? -15.605 11.699  -14.336 1.00 92.56  ? 57 LYS A NZ  1 
ATOM   441  N  N   . GLY A 1 58 ? -19.624 11.203  -7.869  1.00 69.06  ? 58 GLY A N   1 
ATOM   442  C  CA  . GLY A 1 58 ? -20.502 10.709  -6.817  1.00 71.49  ? 58 GLY A CA  1 
ATOM   443  C  C   . GLY A 1 58 ? -19.762 10.467  -5.508  1.00 73.98  ? 58 GLY A C   1 
ATOM   444  O  O   . GLY A 1 58 ? -18.895 11.244  -5.102  1.00 74.59  ? 58 GLY A O   1 
ATOM   445  N  N   . LYS A 1 59 ? -20.112 9.382   -4.836  1.00 74.38  ? 59 LYS A N   1 
ATOM   446  C  CA  . LYS A 1 59 ? -19.481 9.023   -3.586  1.00 74.76  ? 59 LYS A CA  1 
ATOM   447  C  C   . LYS A 1 59 ? -18.054 8.592   -3.925  1.00 72.83  ? 59 LYS A C   1 
ATOM   448  O  O   . LYS A 1 59 ? -17.851 7.682   -4.736  1.00 62.53  ? 59 LYS A O   1 
ATOM   449  C  CB  . LYS A 1 59 ? -20.276 7.892   -2.931  1.00 77.43  ? 59 LYS A CB  1 
ATOM   450  C  CG  . LYS A 1 59 ? -19.881 7.535   -1.507  1.00 82.05  ? 59 LYS A CG  1 
ATOM   451  C  CD  . LYS A 1 59 ? -20.315 6.093   -1.186  1.00 87.61  ? 59 LYS A CD  1 
ATOM   452  C  CE  . LYS A 1 59 ? -20.144 5.717   0.292   1.00 89.69  ? 59 LYS A CE  1 
ATOM   453  N  NZ  . LYS A 1 59 ? -20.003 4.234   0.479   1.00 77.81  ? 59 LYS A NZ  1 
ATOM   454  N  N   . GLN A 1 60 ? -17.067 9.269   -3.341  1.00 73.06  ? 60 GLN A N   1 
ATOM   455  C  CA  . GLN A 1 60 ? -15.675 8.931   -3.621  1.00 73.47  ? 60 GLN A CA  1 
ATOM   456  C  C   . GLN A 1 60 ? -14.768 8.923   -2.408  1.00 70.14  ? 60 GLN A C   1 
ATOM   457  O  O   . GLN A 1 60 ? -15.075 9.497   -1.359  1.00 76.96  ? 60 GLN A O   1 
ATOM   458  C  CB  . GLN A 1 60 ? -15.085 9.759   -4.764  1.00 73.08  ? 60 GLN A CB  1 
ATOM   459  C  CG  . GLN A 1 60 ? -15.014 11.216  -4.593  1.00 73.33  ? 60 GLN A CG  1 
ATOM   460  C  CD  . GLN A 1 60 ? -14.992 11.901  -5.944  1.00 80.87  ? 60 GLN A CD  1 
ATOM   461  O  OE1 . GLN A 1 60 ? -15.958 11.808  -6.725  1.00 72.93  ? 60 GLN A OE1 1 
ATOM   462  N  NE2 . GLN A 1 60 ? -13.890 12.588  -6.236  1.00 66.86  ? 60 GLN A NE2 1 
ATOM   463  N  N   . ALA A 1 61 ? -13.667 8.198   -2.569  1.00 70.10  ? 61 ALA A N   1 
ATOM   464  C  CA  . ALA A 1 61 ? -12.645 8.052   -1.553  1.00 65.17  ? 61 ALA A CA  1 
ATOM   465  C  C   . ALA A 1 61 ? -11.688 9.233   -1.614  1.00 65.01  ? 61 ALA A C   1 
ATOM   466  O  O   . ALA A 1 61 ? -10.987 9.403   -2.609  1.00 61.07  ? 61 ALA A O   1 
ATOM   467  C  CB  . ALA A 1 61 ? -11.872 6.761   -1.788  1.00 56.32  ? 61 ALA A CB  1 
ATOM   468  N  N   . ALA A 1 62 ? -11.638 10.027  -0.547  1.00 61.56  ? 62 ALA A N   1 
ATOM   469  C  CA  . ALA A 1 62 ? -10.636 11.091  -0.437  1.00 62.23  ? 62 ALA A CA  1 
ATOM   470  C  C   . ALA A 1 62 ? -9.549  10.688  0.550   1.00 58.66  ? 62 ALA A C   1 
ATOM   471  O  O   . ALA A 1 62 ? -9.689  9.705   1.273   1.00 61.89  ? 62 ALA A O   1 
ATOM   472  C  CB  . ALA A 1 62 ? -11.271 12.410  -0.011  1.00 57.34  ? 62 ALA A CB  1 
ATOM   473  N  N   . ASN A 1 63 ? -8.459  11.450  0.554   1.00 59.10  ? 63 ASN A N   1 
ATOM   474  C  CA  . ASN A 1 63 ? -7.397  11.322  1.552   1.00 63.63  ? 63 ASN A CA  1 
ATOM   475  C  C   . ASN A 1 63 ? -6.974  9.871   1.797   1.00 69.97  ? 63 ASN A C   1 
ATOM   476  O  O   . ASN A 1 63 ? -6.894  9.432   2.948   1.00 75.33  ? 63 ASN A O   1 
ATOM   477  C  CB  . ASN A 1 63 ? -7.872  11.961  2.856   1.00 65.04  ? 63 ASN A CB  1 
ATOM   478  C  CG  . ASN A 1 63 ? -6.753  12.283  3.794   1.00 72.57  ? 63 ASN A CG  1 
ATOM   479  O  OD1 . ASN A 1 63 ? -6.811  11.947  4.974   1.00 86.96  ? 63 ASN A OD1 1 
ATOM   480  N  ND2 . ASN A 1 63 ? -5.729  12.957  3.286   1.00 85.43  ? 63 ASN A ND2 1 
ATOM   481  N  N   . ILE A 1 64 ? -6.705  9.136   0.720   1.00 57.97  ? 64 ILE A N   1 
ATOM   482  C  CA  . ILE A 1 64 ? -6.459  7.705   0.810   1.00 63.07  ? 64 ILE A CA  1 
ATOM   483  C  C   . ILE A 1 64 ? -5.099  7.418   1.450   1.00 69.63  ? 64 ILE A C   1 
ATOM   484  O  O   . ILE A 1 64 ? -4.087  8.036   1.101   1.00 70.28  ? 64 ILE A O   1 
ATOM   485  C  CB  . ILE A 1 64 ? -6.488  7.034   -0.576  1.00 69.05  ? 64 ILE A CB  1 
ATOM   486  C  CG1 . ILE A 1 64 ? -7.847  7.244   -1.253  1.00 73.19  ? 64 ILE A CG1 1 
ATOM   487  C  CG2 . ILE A 1 64 ? -6.179  5.547   -0.464  1.00 52.35  ? 64 ILE A CG2 1 
ATOM   488  C  CD1 . ILE A 1 64 ? -7.871  6.839   -2.697  1.00 73.51  ? 64 ILE A CD1 1 
ATOM   489  N  N   . GLN A 1 65 ? -5.087  6.463   2.380   1.00 69.38  ? 65 GLN A N   1 
ATOM   490  C  CA  . GLN A 1 65 ? -3.864  6.033   3.054   1.00 69.90  ? 65 GLN A CA  1 
ATOM   491  C  C   . GLN A 1 65 ? -3.809  4.512   3.184   1.00 75.68  ? 65 GLN A C   1 
ATOM   492  O  O   . GLN A 1 65 ? -4.833  3.833   3.076   1.00 88.94  ? 65 GLN A O   1 
ATOM   493  C  CB  . GLN A 1 65 ? -3.789  6.661   4.447   1.00 68.93  ? 65 GLN A CB  1 
ATOM   494  C  CG  . GLN A 1 65 ? -3.883  8.181   4.441   1.00 72.09  ? 65 GLN A CG  1 
ATOM   495  C  CD  . GLN A 1 65 ? -3.919  8.766   5.825   1.00 66.76  ? 65 GLN A CD  1 
ATOM   496  O  OE1 . GLN A 1 65 ? -2.944  9.341   6.278   1.00 78.03  ? 65 GLN A OE1 1 
ATOM   497  N  NE2 . GLN A 1 65 ? -5.047  8.614   6.513   1.00 66.49  ? 65 GLN A NE2 1 
ATOM   498  N  N   . ALA A 1 66 ? -2.609  3.986   3.410   1.00 69.89  ? 66 ALA A N   1 
ATOM   499  C  CA  . ALA A 1 66 ? -2.409  2.557   3.638   1.00 67.19  ? 66 ALA A CA  1 
ATOM   500  C  C   . ALA A 1 66 ? -3.099  2.104   4.902   1.00 63.93  ? 66 ALA A C   1 
ATOM   501  O  O   . ALA A 1 66 ? -3.018  2.775   5.928   1.00 68.46  ? 66 ALA A O   1 
ATOM   502  C  CB  . ALA A 1 66 ? -0.922  2.255   3.763   1.00 62.84  ? 66 ALA A CB  1 
ATOM   503  N  N   . ALA A 1 67 ? -3.753  0.949   4.831   1.00 63.24  ? 67 ALA A N   1 
ATOM   504  C  CA  . ALA A 1 67 ? -4.303  0.295   6.016   1.00 61.28  ? 67 ALA A CA  1 
ATOM   505  C  C   . ALA A 1 67 ? -4.060  -1.207  5.942   1.00 56.06  ? 67 ALA A C   1 
ATOM   506  O  O   . ALA A 1 67 ? -4.061  -1.886  6.967   1.00 61.85  ? 67 ALA A O   1 
ATOM   507  C  CB  . ALA A 1 67 ? -5.813  0.595   6.159   1.00 58.83  ? 67 ALA A CB  1 
HETATM 508  N  N   . MSE B 1 1  ? -11.695 8.191   8.008   1.00 96.63  ? 1  MSE B N   1 
HETATM 509  C  CA  . MSE B 1 1  ? -13.141 7.999   8.322   1.00 95.23  ? 1  MSE B CA  1 
HETATM 510  C  C   . MSE B 1 1  ? -13.499 6.520   8.217   1.00 89.78  ? 1  MSE B C   1 
HETATM 511  O  O   . MSE B 1 1  ? -13.909 5.915   9.206   1.00 91.95  ? 1  MSE B O   1 
HETATM 512  C  CB  . MSE B 1 1  ? -14.011 8.844   7.382   1.00 94.18  ? 1  MSE B CB  1 
HETATM 513  C  CG  . MSE B 1 1  ? -15.507 8.753   7.629   1.00 99.56  ? 1  MSE B CG  1 
HETATM 514  SE SE  . MSE B 1 1  ? -16.457 10.367  7.026   1.00 120.00 ? 1  MSE B SE  1 
HETATM 515  C  CE  . MSE B 1 1  ? -18.334 9.820   7.405   1.00 69.77  ? 1  MSE B CE  1 
ATOM   516  N  N   . ALA B 1 2  ? -13.321 5.941   7.030   1.00 80.30  ? 2  ALA B N   1 
ATOM   517  C  CA  . ALA B 1 2  ? -13.624 4.526   6.805   1.00 78.78  ? 2  ALA B CA  1 
ATOM   518  C  C   . ALA B 1 2  ? -12.458 3.796   6.151   1.00 74.10  ? 2  ALA B C   1 
ATOM   519  O  O   . ALA B 1 2  ? -11.538 4.417   5.635   1.00 76.15  ? 2  ALA B O   1 
ATOM   520  C  CB  . ALA B 1 2  ? -14.867 4.388   5.959   1.00 75.87  ? 2  ALA B CB  1 
ATOM   521  N  N   . THR B 1 3  ? -12.500 2.468   6.195   1.00 74.08  ? 3  THR B N   1 
ATOM   522  C  CA  . THR B 1 3  ? -11.510 1.635   5.511   1.00 73.21  ? 3  THR B CA  1 
ATOM   523  C  C   . THR B 1 3  ? -12.169 0.685   4.512   1.00 73.71  ? 3  THR B C   1 
ATOM   524  O  O   . THR B 1 3  ? -13.387 0.522   4.505   1.00 78.78  ? 3  THR B O   1 
ATOM   525  C  CB  . THR B 1 3  ? -10.681 0.827   6.504   1.00 66.44  ? 3  THR B CB  1 
ATOM   526  O  OG1 . THR B 1 3  ? -11.542 -0.050  7.238   1.00 72.84  ? 3  THR B OG1 1 
ATOM   527  C  CG2 . THR B 1 3  ? -9.961  1.758   7.453   1.00 54.16  ? 3  THR B CG2 1 
ATOM   528  N  N   . GLY B 1 4  ? -11.352 0.063   3.668   1.00 70.26  ? 4  GLY B N   1 
ATOM   529  C  CA  . GLY B 1 4  ? -11.856 -0.777  2.590   1.00 68.05  ? 4  GLY B CA  1 
ATOM   530  C  C   . GLY B 1 4  ? -10.737 -1.359  1.762   1.00 68.26  ? 4  GLY B C   1 
ATOM   531  O  O   . GLY B 1 4  ? -9.584  -0.984  1.934   1.00 75.80  ? 4  GLY B O   1 
ATOM   532  N  N   . ILE B 1 5  ? -11.080 -2.287  0.870   1.00 69.43  ? 5  ILE B N   1 
ATOM   533  C  CA  . ILE B 1 5  ? -10.114 -2.899  -0.047  1.00 69.01  ? 5  ILE B CA  1 
ATOM   534  C  C   . ILE B 1 5  ? -10.282 -2.329  -1.448  1.00 65.48  ? 5  ILE B C   1 
ATOM   535  O  O   . ILE B 1 5  ? -11.405 -2.155  -1.911  1.00 67.05  ? 5  ILE B O   1 
ATOM   536  C  CB  . ILE B 1 5  ? -10.301 -4.434  -0.133  1.00 67.28  ? 5  ILE B CB  1 
ATOM   537  C  CG1 . ILE B 1 5  ? -9.879  -5.119  1.171   1.00 71.62  ? 5  ILE B CG1 1 
ATOM   538  C  CG2 . ILE B 1 5  ? -9.506  -5.016  -1.304  1.00 70.52  ? 5  ILE B CG2 1 
ATOM   539  C  CD1 . ILE B 1 5  ? -11.040 -5.476  2.075   1.00 72.04  ? 5  ILE B CD1 1 
ATOM   540  N  N   . VAL B 1 6  ? -9.170  -2.062  -2.129  1.00 64.16  ? 6  VAL B N   1 
ATOM   541  C  CA  . VAL B 1 6  ? -9.215  -1.660  -3.532  1.00 66.23  ? 6  VAL B CA  1 
ATOM   542  C  C   . VAL B 1 6  ? -9.665  -2.858  -4.367  1.00 69.18  ? 6  VAL B C   1 
ATOM   543  O  O   . VAL B 1 6  ? -8.972  -3.894  -4.434  1.00 66.53  ? 6  VAL B O   1 
ATOM   544  C  CB  . VAL B 1 6  ? -7.855  -1.160  -4.053  1.00 67.79  ? 6  VAL B CB  1 
ATOM   545  C  CG1 . VAL B 1 6  ? -8.029  -0.503  -5.424  1.00 63.54  ? 6  VAL B CG1 1 
ATOM   546  C  CG2 . VAL B 1 6  ? -7.214  -0.191  -3.069  1.00 70.59  ? 6  VAL B CG2 1 
ATOM   547  N  N   . LYS B 1 7  ? -10.830 -2.722  -4.997  1.00 70.26  ? 7  LYS B N   1 
ATOM   548  C  CA  . LYS B 1 7  ? -11.425 -3.828  -5.766  1.00 71.57  ? 7  LYS B CA  1 
ATOM   549  C  C   . LYS B 1 7  ? -10.858 -3.940  -7.184  1.00 73.45  ? 7  LYS B C   1 
ATOM   550  O  O   . LYS B 1 7  ? -10.648 -5.045  -7.691  1.00 72.65  ? 7  LYS B O   1 
ATOM   551  C  CB  . LYS B 1 7  ? -12.940 -3.682  -5.826  1.00 68.30  ? 7  LYS B CB  1 
ATOM   552  C  CG  . LYS B 1 7  ? -13.666 -4.944  -6.239  1.00 69.60  ? 7  LYS B CG  1 
ATOM   553  C  CD  . LYS B 1 7  ? -13.817 -5.927  -5.088  1.00 67.64  ? 7  LYS B CD  1 
ATOM   554  C  CE  . LYS B 1 7  ? -14.427 -7.245  -5.564  1.00 67.84  ? 7  LYS B CE  1 
ATOM   555  N  NZ  . LYS B 1 7  ? -15.665 -7.046  -6.351  1.00 63.76  ? 7  LYS B NZ  1 
ATOM   556  N  N   . TRP B 1 8  ? -10.611 -2.793  -7.812  1.00 77.50  ? 8  TRP B N   1 
ATOM   557  C  CA  . TRP B 1 8  ? -10.147 -2.742  -9.192  1.00 78.35  ? 8  TRP B CA  1 
ATOM   558  C  C   . TRP B 1 8  ? -9.595  -1.347  -9.507  1.00 78.02  ? 8  TRP B C   1 
ATOM   559  O  O   . TRP B 1 8  ? -10.150 -0.356  -9.052  1.00 82.85  ? 8  TRP B O   1 
ATOM   560  C  CB  . TRP B 1 8  ? -11.341 -3.082  -10.096 1.00 77.66  ? 8  TRP B CB  1 
ATOM   561  C  CG  . TRP B 1 8  ? -11.139 -2.861  -11.566 1.00 79.76  ? 8  TRP B CG  1 
ATOM   562  C  CD1 . TRP B 1 8  ? -10.757 -3.790  -12.484 1.00 77.53  ? 8  TRP B CD1 1 
ATOM   563  C  CD2 . TRP B 1 8  ? -11.342 -1.640  -12.290 1.00 75.64  ? 8  TRP B CD2 1 
ATOM   564  N  NE1 . TRP B 1 8  ? -10.696 -3.221  -13.732 1.00 77.30  ? 8  TRP B NE1 1 
ATOM   565  C  CE2 . TRP B 1 8  ? -11.044 -1.901  -13.638 1.00 63.48  ? 8  TRP B CE2 1 
ATOM   566  C  CE3 . TRP B 1 8  ? -11.732 -0.345  -11.923 1.00 87.60  ? 8  TRP B CE3 1 
ATOM   567  C  CZ2 . TRP B 1 8  ? -11.126 -0.921  -14.628 1.00 70.37  ? 8  TRP B CZ2 1 
ATOM   568  C  CZ3 . TRP B 1 8  ? -11.814 0.633   -12.913 1.00 82.12  ? 8  TRP B CZ3 1 
ATOM   569  C  CH2 . TRP B 1 8  ? -11.508 0.335   -14.249 1.00 75.39  ? 8  TRP B CH2 1 
ATOM   570  N  N   . PHE B 1 9  ? -8.510  -1.275  -10.273 1.00 80.59  ? 9  PHE B N   1 
ATOM   571  C  CA  . PHE B 1 9  ? -7.889  0.004   -10.616 1.00 82.80  ? 9  PHE B CA  1 
ATOM   572  C  C   . PHE B 1 9  ? -7.237  -0.066  -11.982 1.00 84.33  ? 9  PHE B C   1 
ATOM   573  O  O   . PHE B 1 9  ? -6.748  -1.119  -12.372 1.00 91.46  ? 9  PHE B O   1 
ATOM   574  C  CB  . PHE B 1 9  ? -6.846  0.389   -9.568  1.00 85.98  ? 9  PHE B CB  1 
ATOM   575  C  CG  . PHE B 1 9  ? -6.385  1.818   -9.671  1.00 88.15  ? 9  PHE B CG  1 
ATOM   576  C  CD1 . PHE B 1 9  ? -6.997  2.807   -8.923  1.00 94.05  ? 9  PHE B CD1 1 
ATOM   577  C  CD2 . PHE B 1 9  ? -5.349  2.174   -10.523 1.00 85.71  ? 9  PHE B CD2 1 
ATOM   578  C  CE1 . PHE B 1 9  ? -6.578  4.127   -9.017  1.00 95.37  ? 9  PHE B CE1 1 
ATOM   579  C  CE2 . PHE B 1 9  ? -4.936  3.487   -10.626 1.00 84.27  ? 9  PHE B CE2 1 
ATOM   580  C  CZ  . PHE B 1 9  ? -5.549  4.463   -9.874  1.00 86.78  ? 9  PHE B CZ  1 
ATOM   581  N  N   . ASN B 1 10 ? -7.217  1.063   -12.693 1.00 87.85  ? 10 ASN B N   1 
ATOM   582  C  CA  . ASN B 1 10 ? -6.745  1.123   -14.089 1.00 90.61  ? 10 ASN B CA  1 
ATOM   583  C  C   . ASN B 1 10 ? -5.633  2.162   -14.298 1.00 92.60  ? 10 ASN B C   1 
ATOM   584  O  O   . ASN B 1 10 ? -5.902  3.363   -14.362 1.00 96.67  ? 10 ASN B O   1 
ATOM   585  C  CB  . ASN B 1 10 ? -7.937  1.426   -15.000 1.00 93.16  ? 10 ASN B CB  1 
ATOM   586  C  CG  . ASN B 1 10 ? -7.555  1.536   -16.462 1.00 88.48  ? 10 ASN B CG  1 
ATOM   587  O  OD1 . ASN B 1 10 ? -7.058  2.572   -16.909 1.00 85.79  ? 10 ASN B OD1 1 
ATOM   588  N  ND2 . ASN B 1 10 ? -7.817  0.479   -17.224 1.00 86.52  ? 10 ASN B ND2 1 
ATOM   589  N  N   . ASP B 1 11 ? -4.393  1.692   -14.434 1.00 92.08  ? 11 ASP B N   1 
ATOM   590  C  CA  . ASP B 1 11 ? -3.214  2.577   -14.442 1.00 90.04  ? 11 ASP B CA  1 
ATOM   591  C  C   . ASP B 1 11 ? -3.162  3.573   -15.613 1.00 87.59  ? 11 ASP B C   1 
ATOM   592  O  O   . ASP B 1 11 ? -2.470  4.584   -15.528 1.00 90.35  ? 11 ASP B O   1 
ATOM   593  C  CB  . ASP B 1 11 ? -1.910  1.754   -14.406 1.00 90.42  ? 11 ASP B CB  1 
ATOM   594  C  CG  . ASP B 1 11 ? -1.592  1.187   -13.018 1.00 89.67  ? 11 ASP B CG  1 
ATOM   595  O  OD1 . ASP B 1 11 ? -2.476  1.203   -12.131 1.00 88.35  ? 11 ASP B OD1 1 
ATOM   596  O  OD2 . ASP B 1 11 ? -0.442  0.721   -12.817 1.00 77.66  ? 11 ASP B OD2 1 
ATOM   597  N  N   . ALA B 1 12 ? -3.881  3.304   -16.697 1.00 85.72  ? 12 ALA B N   1 
ATOM   598  C  CA  . ALA B 1 12 ? -3.925  4.251   -17.823 1.00 83.51  ? 12 ALA B CA  1 
ATOM   599  C  C   . ALA B 1 12 ? -4.592  5.582   -17.428 1.00 77.14  ? 12 ALA B C   1 
ATOM   600  O  O   . ALA B 1 12 ? -3.916  6.614   -17.306 1.00 63.63  ? 12 ALA B O   1 
ATOM   601  C  CB  . ALA B 1 12 ? -4.635  3.624   -19.043 1.00 82.70  ? 12 ALA B CB  1 
ATOM   602  N  N   . LYS B 1 13 ? -5.907  5.547   -17.226 1.00 71.23  ? 13 LYS B N   1 
ATOM   603  C  CA  . LYS B 1 13 ? -6.667  6.749   -16.890 1.00 75.30  ? 13 LYS B CA  1 
ATOM   604  C  C   . LYS B 1 13 ? -6.550  7.165   -15.413 1.00 72.28  ? 13 LYS B C   1 
ATOM   605  O  O   . LYS B 1 13 ? -7.009  8.241   -15.050 1.00 73.64  ? 13 LYS B O   1 
ATOM   606  C  CB  . LYS B 1 13 ? -8.141  6.576   -17.268 1.00 79.20  ? 13 LYS B CB  1 
ATOM   607  C  CG  . LYS B 1 13 ? -8.382  6.428   -18.774 1.00 72.50  ? 13 LYS B CG  1 
ATOM   608  C  CD  . LYS B 1 13 ? -9.808  6.815   -19.174 1.00 72.96  ? 13 LYS B CD  1 
ATOM   609  C  CE  . LYS B 1 13 ? -9.984  6.708   -20.691 1.00 78.19  ? 13 LYS B CE  1 
ATOM   610  N  NZ  . LYS B 1 13 ? -11.212 7.385   -21.205 1.00 74.57  ? 13 LYS B NZ  1 
ATOM   611  N  N   . GLY B 1 14 ? -5.956  6.310   -14.579 1.00 63.42  ? 14 GLY B N   1 
ATOM   612  C  CA  . GLY B 1 14 ? -5.612  6.659   -13.206 1.00 68.39  ? 14 GLY B CA  1 
ATOM   613  C  C   . GLY B 1 14 ? -6.736  6.708   -12.184 1.00 68.42  ? 14 GLY B C   1 
ATOM   614  O  O   . GLY B 1 14 ? -6.757  7.592   -11.324 1.00 72.31  ? 14 GLY B O   1 
ATOM   615  N  N   . PHE B 1 15 ? -7.652  5.750   -12.249 1.00 65.97  ? 15 PHE B N   1 
ATOM   616  C  CA  . PHE B 1 15 ? -8.777  5.705   -11.328 1.00 65.72  ? 15 PHE B CA  1 
ATOM   617  C  C   . PHE B 1 15 ? -9.285  4.280   -11.135 1.00 64.82  ? 15 PHE B C   1 
ATOM   618  O  O   . PHE B 1 15 ? -9.123  3.441   -12.023 1.00 68.35  ? 15 PHE B O   1 
ATOM   619  C  CB  . PHE B 1 15 ? -9.910  6.619   -11.828 1.00 71.46  ? 15 PHE B CB  1 
ATOM   620  C  CG  . PHE B 1 15 ? -10.664 6.084   -13.021 1.00 64.91  ? 15 PHE B CG  1 
ATOM   621  C  CD1 . PHE B 1 15 ? -11.735 5.216   -12.852 1.00 54.61  ? 15 PHE B CD1 1 
ATOM   622  C  CD2 . PHE B 1 15 ? -10.322 6.479   -14.313 1.00 78.26  ? 15 PHE B CD2 1 
ATOM   623  C  CE1 . PHE B 1 15 ? -12.436 4.731   -13.960 1.00 75.65  ? 15 PHE B CE1 1 
ATOM   624  C  CE2 . PHE B 1 15 ? -11.024 5.995   -15.433 1.00 73.69  ? 15 PHE B CE2 1 
ATOM   625  C  CZ  . PHE B 1 15 ? -12.075 5.123   -15.258 1.00 66.10  ? 15 PHE B CZ  1 
ATOM   626  N  N   . GLY B 1 16 ? -9.896  4.013   -9.983  1.00 59.68  ? 16 GLY B N   1 
ATOM   627  C  CA  . GLY B 1 16 ? -10.430 2.684   -9.697  1.00 64.69  ? 16 GLY B CA  1 
ATOM   628  C  C   . GLY B 1 16 ? -11.605 2.727   -8.753  1.00 64.92  ? 16 GLY B C   1 
ATOM   629  O  O   . GLY B 1 16 ? -12.195 3.786   -8.547  1.00 63.78  ? 16 GLY B O   1 
ATOM   630  N  N   . PHE B 1 17 ? -11.957 1.580   -8.177  1.00 60.68  ? 17 PHE B N   1 
ATOM   631  C  CA  . PHE B 1 17 ? -13.051 1.546   -7.213  1.00 64.53  ? 17 PHE B CA  1 
ATOM   632  C  C   . PHE B 1 17 ? -12.696 0.766   -5.962  1.00 65.59  ? 17 PHE B C   1 
ATOM   633  O  O   . PHE B 1 17 ? -12.119 -0.311  -6.037  1.00 64.55  ? 17 PHE B O   1 
ATOM   634  C  CB  . PHE B 1 17 ? -14.327 1.014   -7.853  1.00 68.79  ? 17 PHE B CB  1 
ATOM   635  C  CG  . PHE B 1 17 ? -14.913 1.948   -8.867  1.00 63.61  ? 17 PHE B CG  1 
ATOM   636  C  CD1 . PHE B 1 17 ? -14.583 1.828   -10.203 1.00 76.15  ? 17 PHE B CD1 1 
ATOM   637  C  CD2 . PHE B 1 17 ? -15.768 2.958   -8.487  1.00 72.02  ? 17 PHE B CD2 1 
ATOM   638  C  CE1 . PHE B 1 17 ? -15.109 2.692   -11.142 1.00 71.88  ? 17 PHE B CE1 1 
ATOM   639  C  CE2 . PHE B 1 17 ? -16.302 3.820   -9.422  1.00 75.68  ? 17 PHE B CE2 1 
ATOM   640  C  CZ  . PHE B 1 17 ? -15.969 3.681   -10.754 1.00 71.95  ? 17 PHE B CZ  1 
ATOM   641  N  N   . ILE B 1 18 ? -13.041 1.343   -4.812  1.00 67.46  ? 18 ILE B N   1 
ATOM   642  C  CA  . ILE B 1 18 ? -12.788 0.747   -3.515  1.00 65.98  ? 18 ILE B CA  1 
ATOM   643  C  C   . ILE B 1 18 ? -14.095 0.184   -2.971  1.00 66.93  ? 18 ILE B C   1 
ATOM   644  O  O   . ILE B 1 18 ? -15.106 0.881   -2.946  1.00 68.98  ? 18 ILE B O   1 
ATOM   645  C  CB  . ILE B 1 18 ? -12.249 1.813   -2.537  1.00 66.18  ? 18 ILE B CB  1 
ATOM   646  C  CG1 . ILE B 1 18 ? -10.946 2.405   -3.078  1.00 62.47  ? 18 ILE B CG1 1 
ATOM   647  C  CG2 . ILE B 1 18 ? -12.048 1.223   -1.152  1.00 64.65  ? 18 ILE B CG2 1 
ATOM   648  C  CD1 . ILE B 1 18 ? -10.241 3.332   -2.108  1.00 64.32  ? 18 ILE B CD1 1 
ATOM   649  N  N   . THR B 1 19 ? -14.078 -1.079  -2.556  1.00 67.65  ? 19 THR B N   1 
ATOM   650  C  CA  . THR B 1 19 ? -15.203 -1.662  -1.828  1.00 68.25  ? 19 THR B CA  1 
ATOM   651  C  C   . THR B 1 19 ? -14.994 -1.359  -0.347  1.00 69.39  ? 19 THR B C   1 
ATOM   652  O  O   . THR B 1 19 ? -13.959 -1.719  0.207   1.00 67.79  ? 19 THR B O   1 
ATOM   653  C  CB  . THR B 1 19 ? -15.313 -3.189  -2.044  1.00 71.07  ? 19 THR B CB  1 
ATOM   654  O  OG1 . THR B 1 19 ? -15.638 -3.458  -3.414  1.00 70.22  ? 19 THR B OG1 1 
ATOM   655  C  CG2 . THR B 1 19 ? -16.395 -3.790  -1.151  1.00 64.35  ? 19 THR B CG2 1 
ATOM   656  N  N   . PRO B 1 20 ? -15.956 -0.663  0.292   1.00 73.04  ? 20 PRO B N   1 
ATOM   657  C  CA  . PRO B 1 20 ? -15.801 -0.329  1.713   1.00 73.97  ? 20 PRO B CA  1 
ATOM   658  C  C   . PRO B 1 20 ? -15.948 -1.558  2.613   1.00 75.69  ? 20 PRO B C   1 
ATOM   659  O  O   . PRO B 1 20 ? -16.742 -2.446  2.310   1.00 75.42  ? 20 PRO B O   1 
ATOM   660  C  CB  . PRO B 1 20 ? -16.926 0.679   1.961   1.00 69.56  ? 20 PRO B CB  1 
ATOM   661  C  CG  . PRO B 1 20 ? -17.947 0.356   0.956   1.00 72.87  ? 20 PRO B CG  1 
ATOM   662  C  CD  . PRO B 1 20 ? -17.216 -0.136  -0.257  1.00 73.30  ? 20 PRO B CD  1 
ATOM   663  N  N   . ASP B 1 21 ? -15.179 -1.598  3.702   1.00 74.64  ? 21 ASP B N   1 
ATOM   664  C  CA  . ASP B 1 21 ? -15.150 -2.750  4.602   1.00 78.37  ? 21 ASP B CA  1 
ATOM   665  C  C   . ASP B 1 21 ? -16.436 -2.905  5.395   1.00 78.72  ? 21 ASP B C   1 
ATOM   666  O  O   . ASP B 1 21 ? -17.050 -3.970  5.380   1.00 74.15  ? 21 ASP B O   1 
ATOM   667  C  CB  . ASP B 1 21 ? -13.984 -2.644  5.603   1.00 81.29  ? 21 ASP B CB  1 
ATOM   668  C  CG  . ASP B 1 21 ? -12.677 -3.178  5.049   1.00 82.16  ? 21 ASP B CG  1 
ATOM   669  O  OD1 . ASP B 1 21 ? -11.633 -2.975  5.704   1.00 78.00  ? 21 ASP B OD1 1 
ATOM   670  O  OD2 . ASP B 1 21 ? -12.687 -3.802  3.967   1.00 82.15  ? 21 ASP B OD2 1 
ATOM   671  N  N   . GLU B 1 22 ? -16.834 -1.844  6.091   1.00 81.52  ? 22 GLU B N   1 
ATOM   672  C  CA  . GLU B 1 22 ? -17.997 -1.900  6.984   1.00 82.51  ? 22 GLU B CA  1 
ATOM   673  C  C   . GLU B 1 22 ? -19.295 -1.669  6.196   1.00 83.25  ? 22 GLU B C   1 
ATOM   674  O  O   . GLU B 1 22 ? -20.112 -0.814  6.544   1.00 87.67  ? 22 GLU B O   1 
ATOM   675  C  CB  . GLU B 1 22 ? -17.855 -0.942  8.194   1.00 84.31  ? 22 GLU B CB  1 
ATOM   676  C  CG  . GLU B 1 22 ? -17.287 0.472   7.904   1.00 89.80  ? 22 GLU B CG  1 
ATOM   677  C  CD  . GLU B 1 22 ? -15.773 0.610   8.166   1.00 90.98  ? 22 GLU B CD  1 
ATOM   678  O  OE1 . GLU B 1 22 ? -15.121 1.453   7.510   1.00 79.92  ? 22 GLU B OE1 1 
ATOM   679  O  OE2 . GLU B 1 22 ? -15.228 -0.112  9.033   1.00 96.21  ? 22 GLU B OE2 1 
ATOM   680  N  N   . GLY B 1 23 ? -19.471 -2.458  5.135   1.00 79.90  ? 23 GLY B N   1 
ATOM   681  C  CA  . GLY B 1 23 ? -20.650 -2.390  4.281   1.00 78.27  ? 23 GLY B CA  1 
ATOM   682  C  C   . GLY B 1 23 ? -20.707 -1.154  3.411   1.00 76.11  ? 23 GLY B C   1 
ATOM   683  O  O   . GLY B 1 23 ? -19.888 -0.248  3.547   1.00 74.63  ? 23 GLY B O   1 
ATOM   684  N  N   . GLY B 1 24 ? -21.687 -1.120  2.513   1.00 77.57  ? 24 GLY B N   1 
ATOM   685  C  CA  . GLY B 1 24 ? -21.968 0.066   1.711   1.00 78.52  ? 24 GLY B CA  1 
ATOM   686  C  C   . GLY B 1 24 ? -21.699 -0.084  0.226   1.00 78.41  ? 24 GLY B C   1 
ATOM   687  O  O   . GLY B 1 24 ? -21.434 -1.178  -0.275  1.00 75.89  ? 24 GLY B O   1 
ATOM   688  N  N   . GLU B 1 25 ? -21.769 1.048   -0.466  1.00 78.39  ? 25 GLU B N   1 
ATOM   689  C  CA  . GLU B 1 25 ? -21.611 1.124   -1.910  1.00 75.57  ? 25 GLU B CA  1 
ATOM   690  C  C   . GLU B 1 25 ? -20.145 1.350   -2.256  1.00 72.68  ? 25 GLU B C   1 
ATOM   691  O  O   . GLU B 1 25 ? -19.432 1.983   -1.482  1.00 72.29  ? 25 GLU B O   1 
ATOM   692  C  CB  . GLU B 1 25 ? -22.441 2.303   -2.419  1.00 78.12  ? 25 GLU B CB  1 
ATOM   693  C  CG  . GLU B 1 25 ? -22.482 2.497   -3.923  1.00 84.16  ? 25 GLU B CG  1 
ATOM   694  C  CD  . GLU B 1 25 ? -23.122 3.818   -4.312  1.00 84.82  ? 25 GLU B CD  1 
ATOM   695  O  OE1 . GLU B 1 25 ? -22.712 4.861   -3.755  1.00 85.10  ? 25 GLU B OE1 1 
ATOM   696  O  OE2 . GLU B 1 25 ? -24.030 3.813   -5.176  1.00 91.69  ? 25 GLU B OE2 1 
ATOM   697  N  N   . ASP B 1 26 ? -19.712 0.842   -3.416  1.00 67.32  ? 26 ASP B N   1 
ATOM   698  C  CA  . ASP B 1 26 ? -18.340 1.021   -3.905  1.00 67.26  ? 26 ASP B CA  1 
ATOM   699  C  C   . ASP B 1 26 ? -18.023 2.481   -4.192  1.00 67.49  ? 26 ASP B C   1 
ATOM   700  O  O   . ASP B 1 26 ? -18.876 3.211   -4.685  1.00 70.84  ? 26 ASP B O   1 
ATOM   701  C  CB  . ASP B 1 26 ? -18.084 0.185   -5.160  1.00 65.40  ? 26 ASP B CB  1 
ATOM   702  C  CG  . ASP B 1 26 ? -17.907 -1.281  -4.850  1.00 64.14  ? 26 ASP B CG  1 
ATOM   703  O  OD1 . ASP B 1 26 ? -17.264 -1.994  -5.649  1.00 67.49  ? 26 ASP B OD1 1 
ATOM   704  O  OD2 . ASP B 1 26 ? -18.402 -1.719  -3.793  1.00 77.44  ? 26 ASP B OD2 1 
ATOM   705  N  N   . LEU B 1 27 ? -16.793 2.888   -3.875  1.00 64.12  ? 27 LEU B N   1 
ATOM   706  C  CA  . LEU B 1 27 ? -16.371 4.287   -3.974  1.00 65.60  ? 27 LEU B CA  1 
ATOM   707  C  C   . LEU B 1 27 ? -15.390 4.457   -5.118  1.00 66.75  ? 27 LEU B C   1 
ATOM   708  O  O   . LEU B 1 27 ? -14.500 3.626   -5.307  1.00 70.48  ? 27 LEU B O   1 
ATOM   709  C  CB  . LEU B 1 27 ? -15.699 4.760   -2.679  1.00 63.76  ? 27 LEU B CB  1 
ATOM   710  C  CG  . LEU B 1 27 ? -16.447 4.442   -1.390  1.00 56.01  ? 27 LEU B CG  1 
ATOM   711  C  CD1 . LEU B 1 27 ? -15.526 3.783   -0.427  1.00 63.40  ? 27 LEU B CD1 1 
ATOM   712  C  CD2 . LEU B 1 27 ? -17.069 5.687   -0.780  1.00 69.20  ? 27 LEU B CD2 1 
ATOM   713  N  N   . PHE B 1 28 ? -15.551 5.554   -5.850  1.00 68.75  ? 28 PHE B N   1 
ATOM   714  C  CA  . PHE B 1 28 ? -14.619 5.969   -6.893  1.00 71.35  ? 28 PHE B CA  1 
ATOM   715  C  C   . PHE B 1 28 ? -13.344 6.474   -6.223  1.00 73.48  ? 28 PHE B C   1 
ATOM   716  O  O   . PHE B 1 28 ? -13.412 7.236   -5.263  1.00 74.26  ? 28 PHE B O   1 
ATOM   717  C  CB  . PHE B 1 28 ? -15.261 7.084   -7.720  1.00 67.56  ? 28 PHE B CB  1 
ATOM   718  C  CG  . PHE B 1 28 ? -14.363 7.677   -8.769  1.00 70.08  ? 28 PHE B CG  1 
ATOM   719  C  CD1 . PHE B 1 28 ? -14.288 7.120   -10.042 1.00 68.77  ? 28 PHE B CD1 1 
ATOM   720  C  CD2 . PHE B 1 28 ? -13.630 8.821   -8.501  1.00 61.21  ? 28 PHE B CD2 1 
ATOM   721  C  CE1 . PHE B 1 28 ? -13.469 7.684   -11.017 1.00 58.35  ? 28 PHE B CE1 1 
ATOM   722  C  CE2 . PHE B 1 28 ? -12.819 9.393   -9.468  1.00 57.34  ? 28 PHE B CE2 1 
ATOM   723  C  CZ  . PHE B 1 28 ? -12.735 8.817   -10.728 1.00 58.74  ? 28 PHE B CZ  1 
ATOM   724  N  N   . ALA B 1 29 ? -12.191 6.022   -6.704  1.00 72.46  ? 29 ALA B N   1 
ATOM   725  C  CA  . ALA B 1 29 ? -10.904 6.421   -6.136  1.00 73.25  ? 29 ALA B CA  1 
ATOM   726  C  C   . ALA B 1 29 ? -9.954  6.855   -7.235  1.00 73.09  ? 29 ALA B C   1 
ATOM   727  O  O   . ALA B 1 29 ? -9.437  6.015   -7.969  1.00 76.92  ? 29 ALA B O   1 
ATOM   728  C  CB  . ALA B 1 29 ? -10.288 5.268   -5.339  1.00 64.46  ? 29 ALA B CB  1 
ATOM   729  N  N   . HIS B 1 30 ? -9.731  8.164   -7.354  1.00 74.87  ? 30 HIS B N   1 
ATOM   730  C  CA  . HIS B 1 30 ? -8.751  8.688   -8.303  1.00 75.16  ? 30 HIS B CA  1 
ATOM   731  C  C   . HIS B 1 30 ? -7.364  8.675   -7.637  1.00 75.95  ? 30 HIS B C   1 
ATOM   732  O  O   . HIS B 1 30 ? -7.260  8.842   -6.419  1.00 70.61  ? 30 HIS B O   1 
ATOM   733  C  CB  . HIS B 1 30 ? -9.136  10.097  -8.755  1.00 72.38  ? 30 HIS B CB  1 
ATOM   734  C  CG  . HIS B 1 30 ? -8.289  10.622  -9.871  1.00 75.36  ? 30 HIS B CG  1 
ATOM   735  N  ND1 . HIS B 1 30 ? -7.347  11.610  -9.688  1.00 70.88  ? 30 HIS B ND1 1 
ATOM   736  C  CD2 . HIS B 1 30 ? -8.249  10.302  -11.187 1.00 67.60  ? 30 HIS B CD2 1 
ATOM   737  C  CE1 . HIS B 1 30 ? -6.754  11.868  -10.838 1.00 77.29  ? 30 HIS B CE1 1 
ATOM   738  N  NE2 . HIS B 1 30 ? -7.291  11.095  -11.766 1.00 74.16  ? 30 HIS B NE2 1 
ATOM   739  N  N   . PHE B 1 31 ? -6.314  8.472   -8.436  1.00 73.84  ? 31 PHE B N   1 
ATOM   740  C  CA  . PHE B 1 31 ? -4.940  8.392   -7.909  1.00 74.61  ? 31 PHE B CA  1 
ATOM   741  C  C   . PHE B 1 31 ? -4.496  9.692   -7.198  1.00 71.74  ? 31 PHE B C   1 
ATOM   742  O  O   . PHE B 1 31 ? -3.725  9.645   -6.252  1.00 66.75  ? 31 PHE B O   1 
ATOM   743  C  CB  . PHE B 1 31 ? -3.935  7.987   -9.006  1.00 77.60  ? 31 PHE B CB  1 
ATOM   744  C  CG  . PHE B 1 31 ? -3.365  9.148   -9.796  1.00 81.68  ? 31 PHE B CG  1 
ATOM   745  C  CD1 . PHE B 1 31 ? -2.047  9.559   -9.604  1.00 78.90  ? 31 PHE B CD1 1 
ATOM   746  C  CD2 . PHE B 1 31 ? -4.140  9.822   -10.730 1.00 82.72  ? 31 PHE B CD2 1 
ATOM   747  C  CE1 . PHE B 1 31 ? -1.518  10.625  -10.322 1.00 76.35  ? 31 PHE B CE1 1 
ATOM   748  C  CE2 . PHE B 1 31 ? -3.617  10.889  -11.453 1.00 78.71  ? 31 PHE B CE2 1 
ATOM   749  C  CZ  . PHE B 1 31 ? -2.303  11.289  -11.249 1.00 79.84  ? 31 PHE B CZ  1 
ATOM   750  N  N   . SER B 1 32 ? -4.993  10.834  -7.657  1.00 66.17  ? 32 SER B N   1 
ATOM   751  C  CA  . SER B 1 32 ? -4.704  12.115  -7.030  1.00 71.46  ? 32 SER B CA  1 
ATOM   752  C  C   . SER B 1 32 ? -5.341  12.244  -5.649  1.00 69.53  ? 32 SER B C   1 
ATOM   753  O  O   . SER B 1 32 ? -4.955  13.126  -4.905  1.00 68.43  ? 32 SER B O   1 
ATOM   754  C  CB  . SER B 1 32 ? -5.153  13.276  -7.921  1.00 84.17  ? 32 SER B CB  1 
ATOM   755  O  OG  . SER B 1 32 ? -6.562  13.435  -7.890  1.00 103.51 ? 32 SER B OG  1 
ATOM   756  N  N   . ALA B 1 33 ? -6.294  11.368  -5.316  1.00 66.19  ? 33 ALA B N   1 
ATOM   757  C  CA  . ALA B 1 33 ? -6.843  11.274  -3.956  1.00 68.84  ? 33 ALA B CA  1 
ATOM   758  C  C   . ALA B 1 33 ? -5.865  10.685  -2.915  1.00 70.73  ? 33 ALA B C   1 
ATOM   759  O  O   . ALA B 1 33 ? -6.134  10.731  -1.708  1.00 60.48  ? 33 ALA B O   1 
ATOM   760  C  CB  . ALA B 1 33 ? -8.136  10.460  -3.972  1.00 65.84  ? 33 ALA B CB  1 
ATOM   761  N  N   . ILE B 1 34 ? -4.761  10.111  -3.391  1.00 66.91  ? 34 ILE B N   1 
ATOM   762  C  CA  . ILE B 1 34 ? -3.756  9.478   -2.539  1.00 65.59  ? 34 ILE B CA  1 
ATOM   763  C  C   . ILE B 1 34 ? -3.032  10.524  -1.712  1.00 66.29  ? 34 ILE B C   1 
ATOM   764  O  O   . ILE B 1 34 ? -2.511  11.488  -2.261  1.00 78.11  ? 34 ILE B O   1 
ATOM   765  C  CB  . ILE B 1 34 ? -2.720  8.683   -3.409  1.00 65.89  ? 34 ILE B CB  1 
ATOM   766  C  CG1 . ILE B 1 34 ? -3.394  7.485   -4.085  1.00 62.81  ? 34 ILE B CG1 1 
ATOM   767  C  CG2 . ILE B 1 34 ? -1.534  8.204   -2.577  1.00 62.43  ? 34 ILE B CG2 1 
ATOM   768  C  CD1 . ILE B 1 34 ? -2.484  6.700   -4.976  1.00 70.33  ? 34 ILE B CD1 1 
ATOM   769  N  N   . ASN B 1 35 ? -3.022  10.347  -0.395  1.00 71.21  ? 35 ASN B N   1 
ATOM   770  C  CA  . ASN B 1 35 ? -2.217  11.188  0.503   1.00 70.75  ? 35 ASN B CA  1 
ATOM   771  C  C   . ASN B 1 35 ? -0.861  10.513  0.681   1.00 68.98  ? 35 ASN B C   1 
ATOM   772  O  O   . ASN B 1 35 ? -0.775  9.434   1.255   1.00 69.51  ? 35 ASN B O   1 
ATOM   773  C  CB  . ASN B 1 35 ? -2.913  11.376  1.867   1.00 67.98  ? 35 ASN B CB  1 
ATOM   774  C  CG  . ASN B 1 35 ? -2.122  12.288  2.832   1.00 73.44  ? 35 ASN B CG  1 
ATOM   775  O  OD1 . ASN B 1 35 ? -1.082  12.841  2.481   1.00 86.43  ? 35 ASN B OD1 1 
ATOM   776  N  ND2 . ASN B 1 35 ? -2.626  12.437  4.053   1.00 59.56  ? 35 ASN B ND2 1 
HETATM 777  N  N   . MSE B 1 36 ? 0.198   11.149  0.196   1.00 64.36  ? 36 MSE B N   1 
HETATM 778  C  CA  . MSE B 1 36 ? 1.533   10.549  0.259   1.00 65.83  ? 36 MSE B CA  1 
HETATM 779  C  C   . MSE B 1 36 ? 1.999   10.270  1.684   1.00 62.98  ? 36 MSE B C   1 
HETATM 780  O  O   . MSE B 1 36 ? 2.702   9.282   1.934   1.00 57.77  ? 36 MSE B O   1 
HETATM 781  C  CB  . MSE B 1 36 ? 2.565   11.434  -0.447  1.00 64.64  ? 36 MSE B CB  1 
HETATM 782  C  CG  . MSE B 1 36 ? 2.392   11.485  -1.939  1.00 72.30  ? 36 MSE B CG  1 
HETATM 783  SE SE  . MSE B 1 36 ? 2.213   9.694   -2.647  1.00 88.65  ? 36 MSE B SE  1 
HETATM 784  C  CE  . MSE B 1 36 ? 4.029   9.097   -2.241  1.00 87.16  ? 36 MSE B CE  1 
ATOM   785  N  N   . GLU B 1 37 ? 1.608   11.134  2.617   1.00 63.45  ? 37 GLU B N   1 
ATOM   786  C  CA  . GLU B 1 37 ? 1.930   10.931  4.035   1.00 62.79  ? 37 GLU B CA  1 
ATOM   787  C  C   . GLU B 1 37 ? 1.377   9.604   4.535   1.00 63.15  ? 37 GLU B C   1 
ATOM   788  O  O   . GLU B 1 37 ? 1.925   9.004   5.445   1.00 60.89  ? 37 GLU B O   1 
ATOM   789  C  CB  . GLU B 1 37 ? 1.358   12.062  4.888   1.00 63.34  ? 37 GLU B CB  1 
ATOM   790  C  CG  . GLU B 1 37 ? 1.981   13.426  4.638   1.00 71.05  ? 37 GLU B CG  1 
ATOM   791  C  CD  . GLU B 1 37 ? 3.454   13.480  5.006   1.00 86.54  ? 37 GLU B CD  1 
ATOM   792  O  OE1 . GLU B 1 37 ? 3.817   13.055  6.128   1.00 92.57  ? 37 GLU B OE1 1 
ATOM   793  O  OE2 . GLU B 1 37 ? 4.251   13.952  4.169   1.00 95.77  ? 37 GLU B OE2 1 
ATOM   794  N  N   . GLY B 1 38 ? 0.290   9.149   3.917   1.00 65.17  ? 38 GLY B N   1 
ATOM   795  C  CA  . GLY B 1 38 ? -0.330  7.882   4.265   1.00 59.15  ? 38 GLY B CA  1 
ATOM   796  C  C   . GLY B 1 38 ? 0.443   6.627   3.907   1.00 54.28  ? 38 GLY B C   1 
ATOM   797  O  O   . GLY B 1 38 ? 0.030   5.536   4.287   1.00 54.73  ? 38 GLY B O   1 
ATOM   798  N  N   . PHE B 1 39 ? 1.548   6.769   3.175   1.00 56.04  ? 39 PHE B N   1 
ATOM   799  C  CA  . PHE B 1 39 ? 2.303   5.617   2.653   1.00 54.98  ? 39 PHE B CA  1 
ATOM   800  C  C   . PHE B 1 39 ? 3.806   5.659   2.965   1.00 59.05  ? 39 PHE B C   1 
ATOM   801  O  O   . PHE B 1 39 ? 4.592   4.912   2.378   1.00 63.65  ? 39 PHE B O   1 
ATOM   802  C  CB  . PHE B 1 39 ? 2.098   5.534   1.140   1.00 59.61  ? 39 PHE B CB  1 
ATOM   803  C  CG  . PHE B 1 39 ? 0.744   5.051   0.758   1.00 54.80  ? 39 PHE B CG  1 
ATOM   804  C  CD1 . PHE B 1 39 ? -0.261  5.943   0.460   1.00 57.60  ? 39 PHE B CD1 1 
ATOM   805  C  CD2 . PHE B 1 39 ? 0.469   3.688   0.733   1.00 58.60  ? 39 PHE B CD2 1 
ATOM   806  C  CE1 . PHE B 1 39 ? -1.527  5.489   0.128   1.00 71.04  ? 39 PHE B CE1 1 
ATOM   807  C  CE2 . PHE B 1 39 ? -0.780  3.219   0.404   1.00 62.36  ? 39 PHE B CE2 1 
ATOM   808  C  CZ  . PHE B 1 39 ? -1.788  4.119   0.102   1.00 71.24  ? 39 PHE B CZ  1 
ATOM   809  N  N   . LYS B 1 40 ? 4.192   6.512   3.908   1.00 59.20  ? 40 LYS B N   1 
ATOM   810  C  CA  . LYS B 1 40 ? 5.582   6.675   4.301   1.00 58.56  ? 40 LYS B CA  1 
ATOM   811  C  C   . LYS B 1 40 ? 5.994   5.556   5.244   1.00 66.69  ? 40 LYS B C   1 
ATOM   812  O  O   . LYS B 1 40 ? 7.175   5.393   5.537   1.00 77.92  ? 40 LYS B O   1 
ATOM   813  C  CB  . LYS B 1 40 ? 5.778   8.036   4.973   1.00 63.04  ? 40 LYS B CB  1 
ATOM   814  C  CG  . LYS B 1 40 ? 5.485   9.213   4.054   1.00 54.27  ? 40 LYS B CG  1 
ATOM   815  C  CD  . LYS B 1 40 ? 5.636   10.529  4.760   1.00 59.96  ? 40 LYS B CD  1 
ATOM   816  C  CE  . LYS B 1 40 ? 6.750   11.376  4.195   1.00 69.62  ? 40 LYS B CE  1 
ATOM   817  N  NZ  . LYS B 1 40 ? 6.302   12.192  3.042   1.00 67.78  ? 40 LYS B NZ  1 
ATOM   818  N  N   . THR B 1 41 ? 5.010   4.793   5.716   1.00 69.61  ? 41 THR B N   1 
ATOM   819  C  CA  . THR B 1 41 ? 5.232   3.619   6.549   1.00 65.32  ? 41 THR B CA  1 
ATOM   820  C  C   . THR B 1 41 ? 4.670   2.373   5.868   1.00 65.88  ? 41 THR B C   1 
ATOM   821  O  O   . THR B 1 41 ? 3.898   2.478   4.914   1.00 61.43  ? 41 THR B O   1 
ATOM   822  C  CB  . THR B 1 41 ? 4.523   3.789   7.910   1.00 66.90  ? 41 THR B CB  1 
ATOM   823  O  OG1 . THR B 1 41 ? 5.102   2.913   8.873   1.00 64.70  ? 41 THR B OG1 1 
ATOM   824  C  CG2 . THR B 1 41 ? 3.019   3.501   7.790   1.00 60.20  ? 41 THR B CG2 1 
ATOM   825  N  N   . LEU B 1 42 ? 5.063   1.204   6.376   1.00 63.49  ? 42 LEU B N   1 
ATOM   826  C  CA  . LEU B 1 42 ? 4.552   -0.087  5.913   1.00 61.30  ? 42 LEU B CA  1 
ATOM   827  C  C   . LEU B 1 42 ? 3.534   -0.664  6.917   1.00 64.03  ? 42 LEU B C   1 
ATOM   828  O  O   . LEU B 1 42 ? 3.655   -0.482  8.144   1.00 59.95  ? 42 LEU B O   1 
ATOM   829  C  CB  . LEU B 1 42 ? 5.722   -1.061  5.717   1.00 67.76  ? 42 LEU B CB  1 
ATOM   830  C  CG  . LEU B 1 42 ? 6.259   -1.345  4.309   1.00 72.60  ? 42 LEU B CG  1 
ATOM   831  C  CD1 . LEU B 1 42 ? 6.220   -0.131  3.398   1.00 69.89  ? 42 LEU B CD1 1 
ATOM   832  C  CD2 . LEU B 1 42 ? 7.677   -1.892  4.405   1.00 58.35  ? 42 LEU B CD2 1 
ATOM   833  N  N   . LYS B 1 43 ? 2.544   -1.379  6.394   1.00 61.08  ? 43 LYS B N   1 
ATOM   834  C  CA  . LYS B 1 43 ? 1.409   -1.814  7.194   1.00 63.65  ? 43 LYS B CA  1 
ATOM   835  C  C   . LYS B 1 43 ? 1.298   -3.337  7.214   1.00 68.70  ? 43 LYS B C   1 
ATOM   836  O  O   . LYS B 1 43 ? 1.590   -3.994  6.214   1.00 72.40  ? 43 LYS B O   1 
ATOM   837  C  CB  . LYS B 1 43 ? 0.138   -1.187  6.611   1.00 61.28  ? 43 LYS B CB  1 
ATOM   838  C  CG  . LYS B 1 43 ? -0.888  -0.747  7.622   1.00 56.99  ? 43 LYS B CG  1 
ATOM   839  C  CD  . LYS B 1 43 ? -0.407  0.370   8.539   1.00 57.42  ? 43 LYS B CD  1 
ATOM   840  C  CE  . LYS B 1 43 ? -0.022  1.620   7.794   1.00 65.27  ? 43 LYS B CE  1 
ATOM   841  N  NZ  . LYS B 1 43 ? -0.297  2.825   8.636   1.00 64.93  ? 43 LYS B NZ  1 
ATOM   842  N  N   . GLU B 1 44 ? 0.889   -3.892  8.356   1.00 66.63  ? 44 GLU B N   1 
ATOM   843  C  CA  . GLU B 1 44 ? 0.776   -5.343  8.505   1.00 69.40  ? 44 GLU B CA  1 
ATOM   844  C  C   . GLU B 1 44 ? -0.275  -5.889  7.541   1.00 69.96  ? 44 GLU B C   1 
ATOM   845  O  O   . GLU B 1 44 ? -1.418  -5.416  7.522   1.00 68.16  ? 44 GLU B O   1 
ATOM   846  C  CB  . GLU B 1 44 ? 0.436   -5.731  9.953   1.00 74.24  ? 44 GLU B CB  1 
ATOM   847  C  CG  . GLU B 1 44 ? -0.149  -7.143  10.122  1.00 73.24  ? 44 GLU B CG  1 
ATOM   848  C  CD  . GLU B 1 44 ? -0.098  -7.637  11.558  1.00 81.48  ? 44 GLU B CD  1 
ATOM   849  O  OE1 . GLU B 1 44 ? 1.024   -7.753  12.105  1.00 93.12  ? 44 GLU B OE1 1 
ATOM   850  O  OE2 . GLU B 1 44 ? -1.172  -7.930  12.132  1.00 83.30  ? 44 GLU B OE2 1 
ATOM   851  N  N   . GLY B 1 45 ? 0.126   -6.885  6.749   1.00 66.61  ? 45 GLY B N   1 
ATOM   852  C  CA  . GLY B 1 45 ? -0.743  -7.486  5.738   1.00 65.13  ? 45 GLY B CA  1 
ATOM   853  C  C   . GLY B 1 45 ? -0.537  -6.902  4.353   1.00 61.28  ? 45 GLY B C   1 
ATOM   854  O  O   . GLY B 1 45 ? -0.975  -7.481  3.364   1.00 57.78  ? 45 GLY B O   1 
ATOM   855  N  N   . GLN B 1 46 ? 0.144   -5.762  4.280   1.00 62.95  ? 46 GLN B N   1 
ATOM   856  C  CA  . GLN B 1 46 ? 0.356   -5.051  3.022   1.00 63.45  ? 46 GLN B CA  1 
ATOM   857  C  C   . GLN B 1 46 ? 1.227   -5.848  2.063   1.00 66.46  ? 46 GLN B C   1 
ATOM   858  O  O   . GLN B 1 46 ? 2.338   -6.253  2.412   1.00 76.06  ? 46 GLN B O   1 
ATOM   859  C  CB  . GLN B 1 46 ? 1.020   -3.699  3.300   1.00 63.17  ? 46 GLN B CB  1 
ATOM   860  C  CG  . GLN B 1 46 ? 1.185   -2.776  2.089   1.00 65.69  ? 46 GLN B CG  1 
ATOM   861  C  CD  . GLN B 1 46 ? 1.704   -1.396  2.480   1.00 68.88  ? 46 GLN B CD  1 
ATOM   862  O  OE1 . GLN B 1 46 ? 2.039   -1.149  3.642   1.00 76.88  ? 46 GLN B OE1 1 
ATOM   863  N  NE2 . GLN B 1 46 ? 1.779   -0.493  1.508   1.00 70.45  ? 46 GLN B NE2 1 
ATOM   864  N  N   . ARG B 1 47 ? 0.725   -6.052  0.850   1.00 62.74  ? 47 ARG B N   1 
ATOM   865  C  CA  . ARG B 1 47 ? 1.465   -6.729  -0.207  1.00 62.51  ? 47 ARG B CA  1 
ATOM   866  C  C   . ARG B 1 47 ? 2.449   -5.762  -0.880  1.00 61.41  ? 47 ARG B C   1 
ATOM   867  O  O   . ARG B 1 47 ? 2.042   -4.705  -1.346  1.00 64.64  ? 47 ARG B O   1 
ATOM   868  C  CB  . ARG B 1 47 ? 0.465   -7.275  -1.231  1.00 63.24  ? 47 ARG B CB  1 
ATOM   869  C  CG  . ARG B 1 47 ? 1.083   -8.079  -2.359  1.00 66.32  ? 47 ARG B CG  1 
ATOM   870  C  CD  . ARG B 1 47 ? 0.287   -9.336  -2.675  1.00 59.72  ? 47 ARG B CD  1 
ATOM   871  N  NE  . ARG B 1 47 ? 1.030   -10.208 -3.582  1.00 66.08  ? 47 ARG B NE  1 
ATOM   872  C  CZ  . ARG B 1 47 ? 2.088   -10.946 -3.238  1.00 75.00  ? 47 ARG B CZ  1 
ATOM   873  N  NH1 . ARG B 1 47 ? 2.561   -10.938 -1.990  1.00 83.60  ? 47 ARG B NH1 1 
ATOM   874  N  NH2 . ARG B 1 47 ? 2.692   -11.696 -4.151  1.00 70.56  ? 47 ARG B NH2 1 
ATOM   875  N  N   . VAL B 1 48 ? 3.734   -6.116  -0.932  1.00 62.23  ? 48 VAL B N   1 
ATOM   876  C  CA  . VAL B 1 48 ? 4.752   -5.234  -1.533  1.00 62.55  ? 48 VAL B CA  1 
ATOM   877  C  C   . VAL B 1 48 ? 5.740   -5.963  -2.437  1.00 63.59  ? 48 VAL B C   1 
ATOM   878  O  O   . VAL B 1 48 ? 5.976   -7.163  -2.279  1.00 62.53  ? 48 VAL B O   1 
ATOM   879  C  CB  . VAL B 1 48 ? 5.569   -4.473  -0.469  1.00 63.31  ? 48 VAL B CB  1 
ATOM   880  C  CG1 . VAL B 1 48 ? 4.663   -3.570  0.356   1.00 61.48  ? 48 VAL B CG1 1 
ATOM   881  C  CG2 . VAL B 1 48 ? 6.337   -5.448  0.428   1.00 68.64  ? 48 VAL B CG2 1 
ATOM   882  N  N   . SER B 1 49 ? 6.312   -5.216  -3.382  1.00 65.92  ? 49 SER B N   1 
ATOM   883  C  CA  . SER B 1 49 ? 7.370   -5.716  -4.267  1.00 66.12  ? 49 SER B CA  1 
ATOM   884  C  C   . SER B 1 49 ? 8.656   -4.988  -3.931  1.00 63.56  ? 49 SER B C   1 
ATOM   885  O  O   . SER B 1 49 ? 8.613   -3.871  -3.435  1.00 68.54  ? 49 SER B O   1 
ATOM   886  C  CB  . SER B 1 49 ? 6.999   -5.499  -5.737  1.00 68.24  ? 49 SER B CB  1 
ATOM   887  O  OG  . SER B 1 49 ? 7.022   -4.121  -6.075  1.00 75.03  ? 49 SER B OG  1 
ATOM   888  N  N   . PHE B 1 50 ? 9.798   -5.611  -4.197  1.00 63.85  ? 50 PHE B N   1 
ATOM   889  C  CA  . PHE B 1 50 ? 11.072  -5.069  -3.731  1.00 63.64  ? 50 PHE B CA  1 
ATOM   890  C  C   . PHE B 1 50 ? 12.303  -5.674  -4.394  1.00 69.77  ? 50 PHE B C   1 
ATOM   891  O  O   . PHE B 1 50 ? 12.275  -6.801  -4.902  1.00 74.30  ? 50 PHE B O   1 
ATOM   892  C  CB  . PHE B 1 50 ? 11.183  -5.292  -2.222  1.00 61.61  ? 50 PHE B CB  1 
ATOM   893  C  CG  . PHE B 1 50 ? 10.779  -6.678  -1.778  1.00 60.82  ? 50 PHE B CG  1 
ATOM   894  C  CD1 . PHE B 1 50 ? 9.489   -6.926  -1.325  1.00 67.40  ? 50 PHE B CD1 1 
ATOM   895  C  CD2 . PHE B 1 50 ? 11.690  -7.732  -1.804  1.00 52.59  ? 50 PHE B CD2 1 
ATOM   896  C  CE1 . PHE B 1 50 ? 9.108   -8.200  -0.909  1.00 65.01  ? 50 PHE B CE1 1 
ATOM   897  C  CE2 . PHE B 1 50 ? 11.324  -8.998  -1.384  1.00 56.01  ? 50 PHE B CE2 1 
ATOM   898  C  CZ  . PHE B 1 50 ? 10.029  -9.237  -0.938  1.00 66.68  ? 50 PHE B CZ  1 
ATOM   899  N  N   . ASP B 1 51 ? 13.394  -4.920  -4.370  1.00 66.27  ? 51 ASP B N   1 
ATOM   900  C  CA  . ASP B 1 51 ? 14.697  -5.491  -4.649  1.00 65.38  ? 51 ASP B CA  1 
ATOM   901  C  C   . ASP B 1 51 ? 15.151  -6.215  -3.396  1.00 60.86  ? 51 ASP B C   1 
ATOM   902  O  O   . ASP B 1 51 ? 14.683  -5.911  -2.305  1.00 66.06  ? 51 ASP B O   1 
ATOM   903  C  CB  . ASP B 1 51 ? 15.685  -4.405  -5.066  1.00 65.47  ? 51 ASP B CB  1 
ATOM   904  C  CG  . ASP B 1 51 ? 15.343  -3.806  -6.422  1.00 74.96  ? 51 ASP B CG  1 
ATOM   905  O  OD1 . ASP B 1 51 ? 14.224  -4.056  -6.932  1.00 79.40  ? 51 ASP B OD1 1 
ATOM   906  O  OD2 . ASP B 1 51 ? 16.194  -3.086  -6.982  1.00 80.01  ? 51 ASP B OD2 1 
ATOM   907  N  N   . VAL B 1 52 ? 16.033  -7.197  -3.565  1.00 62.68  ? 52 VAL B N   1 
ATOM   908  C  CA  . VAL B 1 52 ? 16.678  -7.873  -2.444  1.00 63.08  ? 52 VAL B CA  1 
ATOM   909  C  C   . VAL B 1 52 ? 18.140  -7.485  -2.444  1.00 63.11  ? 52 VAL B C   1 
ATOM   910  O  O   . VAL B 1 52 ? 18.776  -7.449  -3.491  1.00 72.91  ? 52 VAL B O   1 
ATOM   911  C  CB  . VAL B 1 52 ? 16.619  -9.405  -2.553  1.00 64.75  ? 52 VAL B CB  1 
ATOM   912  C  CG1 . VAL B 1 52 ? 17.265  -10.045 -1.310  1.00 53.12  ? 52 VAL B CG1 1 
ATOM   913  C  CG2 . VAL B 1 52 ? 15.183  -9.882  -2.738  1.00 68.27  ? 52 VAL B CG2 1 
ATOM   914  N  N   . THR B 1 53 ? 18.666  -7.212  -1.262  1.00 63.68  ? 53 THR B N   1 
ATOM   915  C  CA  . THR B 1 53 ? 20.011  -6.695  -1.114  1.00 63.58  ? 53 THR B CA  1 
ATOM   916  C  C   . THR B 1 53 ? 20.529  -6.966  0.285   1.00 62.52  ? 53 THR B C   1 
ATOM   917  O  O   . THR B 1 53 ? 19.762  -7.018  1.239   1.00 70.68  ? 53 THR B O   1 
ATOM   918  C  CB  . THR B 1 53 ? 20.060  -5.186  -1.364  1.00 65.33  ? 53 THR B CB  1 
ATOM   919  O  OG1 . THR B 1 53 ? 21.353  -4.687  -0.998  1.00 78.23  ? 53 THR B OG1 1 
ATOM   920  C  CG2 . THR B 1 53 ? 19.020  -4.483  -0.544  1.00 70.10  ? 53 THR B CG2 1 
ATOM   921  N  N   . THR B 1 54 ? 21.839  -7.137  0.396   1.00 60.18  ? 54 THR B N   1 
ATOM   922  C  CA  . THR B 1 54 ? 22.471  -7.416  1.665   1.00 60.77  ? 54 THR B CA  1 
ATOM   923  C  C   . THR B 1 54 ? 22.904  -6.115  2.311   1.00 59.75  ? 54 THR B C   1 
ATOM   924  O  O   . THR B 1 54 ? 23.810  -5.446  1.827   1.00 64.79  ? 54 THR B O   1 
ATOM   925  C  CB  . THR B 1 54 ? 23.707  -8.283  1.467   1.00 57.63  ? 54 THR B CB  1 
ATOM   926  O  OG1 . THR B 1 54 ? 23.381  -9.343  0.572   1.00 67.42  ? 54 THR B OG1 1 
ATOM   927  C  CG2 . THR B 1 54 ? 24.183  -8.854  2.803   1.00 54.55  ? 54 THR B CG2 1 
ATOM   928  N  N   . GLY B 1 55 ? 22.249  -5.755  3.399   1.00 59.81  ? 55 GLY B N   1 
ATOM   929  C  CA  . GLY B 1 55 ? 22.641  -4.575  4.168   1.00 67.51  ? 55 GLY B CA  1 
ATOM   930  C  C   . GLY B 1 55 ? 23.135  -4.947  5.551   1.00 61.18  ? 55 GLY B C   1 
ATOM   931  O  O   . GLY B 1 55 ? 23.330  -6.120  5.844   1.00 66.25  ? 55 GLY B O   1 
ATOM   932  N  N   . PRO B 1 56 ? 23.353  -3.949  6.412   1.00 59.70  ? 56 PRO B N   1 
ATOM   933  C  CA  . PRO B 1 56 ? 23.837  -4.224  7.767   1.00 66.81  ? 56 PRO B CA  1 
ATOM   934  C  C   . PRO B 1 56 ? 23.003  -5.226  8.571   1.00 61.57  ? 56 PRO B C   1 
ATOM   935  O  O   . PRO B 1 56 ? 23.570  -6.052  9.272   1.00 70.06  ? 56 PRO B O   1 
ATOM   936  C  CB  . PRO B 1 56 ? 23.806  -2.848  8.436   1.00 63.50  ? 56 PRO B CB  1 
ATOM   937  C  CG  . PRO B 1 56 ? 23.955  -1.905  7.343   1.00 55.41  ? 56 PRO B CG  1 
ATOM   938  C  CD  . PRO B 1 56 ? 23.203  -2.507  6.184   1.00 56.84  ? 56 PRO B CD  1 
ATOM   939  N  N   . LYS B 1 57 ? 21.678  -5.150  8.457   1.00 68.12  ? 57 LYS B N   1 
ATOM   940  C  CA  . LYS B 1 57 ? 20.766  -6.101  9.118   1.00 67.82  ? 57 LYS B CA  1 
ATOM   941  C  C   . LYS B 1 57 ? 20.680  -7.450  8.400   1.00 67.66  ? 57 LYS B C   1 
ATOM   942  O  O   . LYS B 1 57 ? 19.924  -8.318  8.816   1.00 71.75  ? 57 LYS B O   1 
ATOM   943  C  CB  . LYS B 1 57 ? 19.351  -5.510  9.235   1.00 67.51  ? 57 LYS B CB  1 
ATOM   944  C  CG  . LYS B 1 57 ? 19.230  -4.353  10.214  1.00 78.69  ? 57 LYS B CG  1 
ATOM   945  C  CD  . LYS B 1 57 ? 19.226  -4.852  11.665  1.00 87.26  ? 57 LYS B CD  1 
ATOM   946  C  CE  . LYS B 1 57 ? 19.568  -3.748  12.666  1.00 86.54  ? 57 LYS B CE  1 
ATOM   947  N  NZ  . LYS B 1 57 ? 20.243  -4.293  13.885  1.00 88.78  ? 57 LYS B NZ  1 
ATOM   948  N  N   . GLY B 1 58 ? 21.449  -7.625  7.330   1.00 69.98  ? 58 GLY B N   1 
ATOM   949  C  CA  . GLY B 1 58 ? 21.469  -8.872  6.577   1.00 66.97  ? 58 GLY B CA  1 
ATOM   950  C  C   . GLY B 1 58 ? 20.701  -8.743  5.289   1.00 63.76  ? 58 GLY B C   1 
ATOM   951  O  O   . GLY B 1 58 ? 20.820  -7.740  4.602   1.00 71.82  ? 58 GLY B O   1 
ATOM   952  N  N   . LYS B 1 59 ? 19.920  -9.766  4.961   1.00 63.54  ? 59 LYS B N   1 
ATOM   953  C  CA  . LYS B 1 59 ? 19.073  -9.751  3.772   1.00 63.49  ? 59 LYS B CA  1 
ATOM   954  C  C   . LYS B 1 59 ? 17.962  -8.736  4.014   1.00 63.81  ? 59 LYS B C   1 
ATOM   955  O  O   . LYS B 1 59 ? 17.229  -8.837  5.002   1.00 63.49  ? 59 LYS B O   1 
ATOM   956  C  CB  . LYS B 1 59 ? 18.495  -11.154 3.511   1.00 64.45  ? 59 LYS B CB  1 
ATOM   957  C  CG  . LYS B 1 59 ? 17.618  -11.286 2.259   1.00 66.96  ? 59 LYS B CG  1 
ATOM   958  C  CD  . LYS B 1 59 ? 17.064  -12.708 2.111   1.00 67.61  ? 59 LYS B CD  1 
ATOM   959  C  CE  . LYS B 1 59 ? 15.938  -12.790 1.082   1.00 67.41  ? 59 LYS B CE  1 
ATOM   960  N  NZ  . LYS B 1 59 ? 15.198  -14.094 1.122   1.00 58.27  ? 59 LYS B NZ  1 
ATOM   961  N  N   . GLN B 1 60 ? 17.849  -7.756  3.125   1.00 60.39  ? 60 GLN B N   1 
ATOM   962  C  CA  . GLN B 1 60 ? 16.891  -6.676  3.294   1.00 68.90  ? 60 GLN B CA  1 
ATOM   963  C  C   . GLN B 1 60 ? 16.126  -6.365  2.027   1.00 71.15  ? 60 GLN B C   1 
ATOM   964  O  O   . GLN B 1 60 ? 16.643  -6.545  0.918   1.00 65.11  ? 60 GLN B O   1 
ATOM   965  C  CB  . GLN B 1 60 ? 17.610  -5.383  3.708   1.00 72.68  ? 60 GLN B CB  1 
ATOM   966  C  CG  . GLN B 1 60 ? 18.312  -5.418  5.066   1.00 80.41  ? 60 GLN B CG  1 
ATOM   967  C  CD  . GLN B 1 60 ? 19.268  -4.252  5.276   1.00 72.24  ? 60 GLN B CD  1 
ATOM   968  O  OE1 . GLN B 1 60 ? 20.198  -4.336  6.073   1.00 67.32  ? 60 GLN B OE1 1 
ATOM   969  N  NE2 . GLN B 1 60 ? 19.046  -3.166  4.557   1.00 76.29  ? 60 GLN B NE2 1 
ATOM   970  N  N   . ALA B 1 61 ? 14.904  -5.868  2.222   1.00 67.87  ? 61 ALA B N   1 
ATOM   971  C  CA  . ALA B 1 61 ? 14.049  -5.412  1.142   1.00 67.74  ? 61 ALA B CA  1 
ATOM   972  C  C   . ALA B 1 61 ? 14.443  -3.982  0.779   1.00 70.41  ? 61 ALA B C   1 
ATOM   973  O  O   . ALA B 1 61 ? 14.399  -3.090  1.626   1.00 77.26  ? 61 ALA B O   1 
ATOM   974  C  CB  . ALA B 1 61 ? 12.595  -5.462  1.576   1.00 66.97  ? 61 ALA B CB  1 
ATOM   975  N  N   . ALA B 1 62 ? 14.848  -3.780  -0.469  1.00 63.44  ? 62 ALA B N   1 
ATOM   976  C  CA  . ALA B 1 62 ? 15.155  -2.457  -0.988  1.00 66.28  ? 62 ALA B CA  1 
ATOM   977  C  C   . ALA B 1 62 ? 14.073  -2.030  -1.971  1.00 65.67  ? 62 ALA B C   1 
ATOM   978  O  O   . ALA B 1 62 ? 13.292  -2.856  -2.430  1.00 69.75  ? 62 ALA B O   1 
ATOM   979  C  CB  . ALA B 1 62 ? 16.534  -2.472  -1.681  1.00 58.31  ? 62 ALA B CB  1 
ATOM   980  N  N   . ASN B 1 63 ? 14.033  -0.735  -2.279  1.00 72.66  ? 63 ASN B N   1 
ATOM   981  C  CA  . ASN B 1 63 ? 13.166  -0.188  -3.330  1.00 68.63  ? 63 ASN B CA  1 
ATOM   982  C  C   . ASN B 1 63 ? 11.732  -0.726  -3.244  1.00 68.55  ? 63 ASN B C   1 
ATOM   983  O  O   . ASN B 1 63 ? 11.177  -1.229  -4.212  1.00 71.42  ? 63 ASN B O   1 
ATOM   984  C  CB  . ASN B 1 63 ? 13.790  -0.456  -4.703  1.00 66.64  ? 63 ASN B CB  1 
ATOM   985  C  CG  . ASN B 1 63 ? 12.984  0.142   -5.841  1.00 70.35  ? 63 ASN B CG  1 
ATOM   986  O  OD1 . ASN B 1 63 ? 12.313  1.153   -5.679  1.00 90.13  ? 63 ASN B OD1 1 
ATOM   987  N  ND2 . ASN B 1 63 ? 13.034  -0.493  -6.988  1.00 51.62  ? 63 ASN B ND2 1 
ATOM   988  N  N   . ILE B 1 64 ? 11.131  -0.604  -2.072  1.00 69.72  ? 64 ILE B N   1 
ATOM   989  C  CA  . ILE B 1 64 ? 9.833   -1.224  -1.819  1.00 71.28  ? 64 ILE B CA  1 
ATOM   990  C  C   . ILE B 1 64 ? 8.696   -0.450  -2.484  1.00 74.52  ? 64 ILE B C   1 
ATOM   991  O  O   . ILE B 1 64 ? 8.624   0.786   -2.391  1.00 76.96  ? 64 ILE B O   1 
ATOM   992  C  CB  . ILE B 1 64 ? 9.533   -1.333  -0.307  1.00 72.91  ? 64 ILE B CB  1 
ATOM   993  C  CG1 . ILE B 1 64 ? 10.636  -2.121  0.412   1.00 64.57  ? 64 ILE B CG1 1 
ATOM   994  C  CG2 . ILE B 1 64 ? 8.185   -1.996  -0.097  1.00 60.90  ? 64 ILE B CG2 1 
ATOM   995  C  CD1 . ILE B 1 64 ? 10.534  -2.062  1.928   1.00 72.98  ? 64 ILE B CD1 1 
ATOM   996  N  N   . GLN B 1 65 ? 7.806   -1.188  -3.144  1.00 69.02  ? 65 GLN B N   1 
ATOM   997  C  CA  . GLN B 1 65 ? 6.653   -0.607  -3.833  1.00 65.95  ? 65 GLN B CA  1 
ATOM   998  C  C   . GLN B 1 65 ? 5.394   -1.452  -3.618  1.00 68.14  ? 65 GLN B C   1 
ATOM   999  O  O   . GLN B 1 65 ? 5.477   -2.627  -3.258  1.00 69.85  ? 65 GLN B O   1 
ATOM   1000 C  CB  . GLN B 1 65 ? 6.969   -0.455  -5.320  1.00 62.90  ? 65 GLN B CB  1 
ATOM   1001 C  CG  . GLN B 1 65 ? 8.244   0.335   -5.534  1.00 61.09  ? 65 GLN B CG  1 
ATOM   1002 C  CD  . GLN B 1 65 ? 8.680   0.407   -6.959  1.00 59.37  ? 65 GLN B CD  1 
ATOM   1003 O  OE1 . GLN B 1 65 ? 7.865   0.440   -7.878  1.00 60.98  ? 65 GLN B OE1 1 
ATOM   1004 N  NE2 . GLN B 1 65 ? 9.994   0.436   -7.159  1.00 54.87  ? 65 GLN B NE2 1 
ATOM   1005 N  N   . ALA B 1 66 ? 4.233   -0.842  -3.836  1.00 66.22  ? 66 ALA B N   1 
ATOM   1006 C  CA  . ALA B 1 66 ? 2.952   -1.534  -3.696  1.00 58.35  ? 66 ALA B CA  1 
ATOM   1007 C  C   . ALA B 1 66 ? 2.829   -2.569  -4.802  1.00 60.29  ? 66 ALA B C   1 
ATOM   1008 O  O   . ALA B 1 66 ? 3.189   -2.303  -5.949  1.00 60.31  ? 66 ALA B O   1 
ATOM   1009 C  CB  . ALA B 1 66 ? 1.783   -0.543  -3.758  1.00 56.05  ? 66 ALA B CB  1 
ATOM   1010 N  N   . ALA B 1 67 ? 2.333   -3.752  -4.450  1.00 60.92  ? 67 ALA B N   1 
ATOM   1011 C  CA  . ALA B 1 67 ? 2.150   -4.845  -5.407  1.00 57.18  ? 67 ALA B CA  1 
ATOM   1012 C  C   . ALA B 1 67 ? 0.697   -5.309  -5.369  1.00 55.16  ? 67 ALA B C   1 
ATOM   1013 O  O   . ALA B 1 67 ? -0.079  -4.864  -4.523  1.00 56.08  ? 67 ALA B O   1 
ATOM   1014 C  CB  . ALA B 1 67 ? 3.108   -6.014  -5.094  1.00 47.69  ? 67 ALA B CB  1 
HETATM 1015 O  O   . HOH C 2 .  ? 10.667  -7.218  -13.149 1.00 71.94  ? 68 HOH A O   1 
HETATM 1016 O  O   . HOH C 2 .  ? 3.204   0.483   14.249  1.00 57.45  ? 69 HOH A O   1 
HETATM 1017 O  O   . HOH C 2 .  ? -1.116  2.980   -3.171  1.00 61.65  ? 70 HOH A O   1 
HETATM 1018 O  O   . HOH C 2 .  ? -13.391 12.849  -16.490 1.00 64.60  ? 71 HOH A O   1 
HETATM 1019 O  O   . HOH C 2 .  ? -18.121 11.541  -15.950 0.50 71.19  ? 72 HOH A O   1 
HETATM 1020 O  O   . HOH C 2 .  ? -16.596 7.000   -14.536 0.50 45.90  ? 73 HOH A O   1 
HETATM 1021 O  O   . HOH C 2 .  ? -18.821 7.097   -11.929 1.00 59.27  ? 74 HOH A O   1 
HETATM 1022 O  O   . HOH D 2 .  ? 15.921  1.286   -1.209  1.00 42.65  ? 68 HOH B O   1 
HETATM 1023 O  O   . HOH D 2 .  ? -9.859  9.415   9.742   1.00 75.51  ? 69 HOH B O   1 
HETATM 1024 O  O   . HOH D 2 .  ? -8.952  7.239   9.114   1.00 54.15  ? 70 HOH B O   1 
HETATM 1025 O  O   . HOH D 2 .  ? -4.267  13.640  -2.279  1.00 55.60  ? 71 HOH B O   1 
HETATM 1026 O  O   . HOH D 2 .  ? -0.572  15.377  2.925   1.00 61.29  ? 72 HOH B O   1 
HETATM 1027 O  O   . HOH D 2 .  ? -24.307 3.025   0.601   1.00 69.37  ? 73 HOH B O   1 
HETATM 1028 O  O   . HOH D 2 .  ? 20.952  -7.444  15.438  1.00 70.31  ? 74 HOH B O   1 
HETATM 1029 O  O   . HOH D 2 .  ? 19.761  -5.077  16.500  1.00 70.64  ? 75 HOH B O   1 
HETATM 1030 O  O   . HOH D 2 .  ? 22.424  -11.123 12.600  1.00 77.82  ? 76 HOH B O   1 
# 
